data_6XW7
#
_entry.id   6XW7
#
_cell.length_a   190.730
_cell.length_b   124.930
_cell.length_c   113.130
_cell.angle_alpha   90.000
_cell.angle_beta   125.300
_cell.angle_gamma   90.000
#
_symmetry.space_group_name_H-M   'C 1 2 1'
#
loop_
_entity.id
_entity.type
_entity.pdbx_description
1 polymer 'Capsid protein'
2 polymer 'Nanobody NB-5829'
3 non-polymer 1,2-ETHANEDIOL
4 non-polymer 'GLYCOCHENODEOXYCHOLIC ACID'
5 non-polymer 'MAGNESIUM ION'
6 water water
#
loop_
_entity_poly.entity_id
_entity_poly.type
_entity_poly.pdbx_seq_one_letter_code
_entity_poly.pdbx_strand_id
1 'polypeptide(L)'
;SIYRMVDLPVIQPRLCTHARWPAPVYGLLVDPSLPSNPQWQNGRVHVDGTLLGTTPISGSWVSCFAAEAAYKFQSGTGEV
ATFTLIEQDGSAYVPGDRAAPLGYPDFSGQLEIEVQTETTKTGDKLKVTTFEMILGPTTNADQAPYQGRVFASVTAAASL
DLVDGRVRAVPRSIYGFQDTIPEYNDGLLVPLAPPIGPFLPGEVLLRFRTYMRQIDTADAAAEAIDCALPQEFVSWFASN
AFTVQSEALLLRYRNTLTGQLLFECKLYNEGYIALSYSGSGPLTFPTDGIFEVVSWVPRLYQLASVGSL
;
A,B,E,F
2 'polypeptide(L)'
;QVQLQESGGGLVEAGGSLRLSCLGSGLTFSRYAMGWFRQAPGKEREFVASITRSGGSPNYADSVKGRFTISRDNAKNTVY
LQMSSLKPEDTAVYYCAGRGSVYYDVWGQGTQVTVSSHHHHHH
;
C,D,G,H
#
loop_
_chem_comp.id
_chem_comp.type
_chem_comp.name
_chem_comp.formula
CHO non-polymer 'GLYCOCHENODEOXYCHOLIC ACID' 'C26 H43 N O5'
EDO non-polymer 1,2-ETHANEDIOL 'C2 H6 O2'
MG non-polymer 'MAGNESIUM ION' 'Mg 2'
#
# COMPACT_ATOMS: atom_id res chain seq x y z
N SER A 1 -17.00 -7.01 9.27
CA SER A 1 -16.40 -5.66 9.41
C SER A 1 -15.34 -5.37 8.32
N ILE A 2 -15.51 -4.27 7.59
CA ILE A 2 -14.55 -3.88 6.52
C ILE A 2 -13.34 -3.21 7.16
N TYR A 3 -13.35 -3.13 8.49
CA TYR A 3 -12.38 -2.32 9.25
C TYR A 3 -11.29 -3.21 9.83
N ARG A 4 -10.09 -2.65 9.79
CA ARG A 4 -8.84 -3.15 10.41
C ARG A 4 -9.08 -3.32 11.93
N MET A 5 -8.82 -4.52 12.45
CA MET A 5 -8.95 -4.85 13.89
C MET A 5 -7.85 -4.14 14.71
N VAL A 6 -8.19 -3.69 15.92
CA VAL A 6 -7.19 -3.17 16.90
C VAL A 6 -6.17 -4.26 17.17
N ASP A 7 -4.88 -3.89 17.17
CA ASP A 7 -3.80 -4.71 17.76
C ASP A 7 -2.97 -3.85 18.73
N LEU A 8 -2.16 -4.52 19.54
CA LEU A 8 -1.27 -3.91 20.56
C LEU A 8 0.16 -4.23 20.19
N PRO A 9 1.15 -3.37 20.54
CA PRO A 9 2.54 -3.69 20.28
C PRO A 9 2.94 -4.97 21.03
N VAL A 10 3.78 -5.79 20.43
CA VAL A 10 4.25 -7.06 21.02
C VAL A 10 5.43 -6.71 21.91
N ILE A 11 5.17 -6.18 23.12
CA ILE A 11 6.18 -5.71 24.09
C ILE A 11 5.74 -6.12 25.49
N GLN A 12 6.62 -6.77 26.24
CA GLN A 12 6.37 -7.12 27.66
C GLN A 12 6.25 -5.86 28.49
N PRO A 13 5.30 -5.78 29.44
CA PRO A 13 5.22 -4.66 30.39
C PRO A 13 6.56 -4.22 31.00
N ARG A 14 7.43 -5.17 31.33
CA ARG A 14 8.71 -4.91 32.04
C ARG A 14 9.70 -4.19 31.11
N LEU A 15 9.44 -4.20 29.81
CA LEU A 15 10.28 -3.52 28.80
C LEU A 15 9.64 -2.18 28.39
N CYS A 16 8.51 -1.82 28.97
CA CYS A 16 7.76 -0.57 28.62
C CYS A 16 8.20 0.62 29.48
N THR A 17 7.82 1.79 29.00
CA THR A 17 8.03 3.12 29.62
C THR A 17 6.79 3.52 30.44
N HIS A 18 6.98 3.98 31.66
CA HIS A 18 5.85 4.44 32.47
C HIS A 18 5.33 5.76 31.89
N ALA A 19 4.03 6.02 32.02
CA ALA A 19 3.35 7.16 31.39
C ALA A 19 3.16 8.34 32.35
N ARG A 20 3.58 8.25 33.64
CA ARG A 20 3.33 9.34 34.61
C ARG A 20 4.58 9.75 35.37
N TRP A 21 5.65 8.97 35.30
CA TRP A 21 7.00 9.24 35.85
C TRP A 21 8.00 8.65 34.87
N PRO A 22 9.10 9.35 34.49
CA PRO A 22 10.00 8.89 33.43
C PRO A 22 10.93 7.76 33.93
N ALA A 23 10.38 6.54 34.01
CA ALA A 23 11.07 5.35 34.50
C ALA A 23 10.49 4.12 33.83
N PRO A 24 11.18 2.97 33.88
CA PRO A 24 10.60 1.70 33.48
C PRO A 24 9.32 1.34 34.25
N VAL A 25 8.41 0.63 33.59
CA VAL A 25 7.34 -0.15 34.27
C VAL A 25 8.01 -1.32 35.00
N TYR A 26 7.82 -1.40 36.31
CA TYR A 26 8.38 -2.50 37.13
C TYR A 26 7.30 -3.45 37.61
N GLY A 27 6.04 -3.00 37.62
CA GLY A 27 4.95 -3.75 38.28
C GLY A 27 3.70 -3.75 37.44
N LEU A 28 2.92 -4.81 37.57
CA LEU A 28 1.57 -4.94 36.97
C LEU A 28 0.67 -5.54 38.02
N LEU A 29 -0.44 -4.88 38.35
CA LEU A 29 -1.26 -5.35 39.51
C LEU A 29 -2.63 -4.71 39.49
N VAL A 30 -3.49 -5.28 40.32
CA VAL A 30 -4.76 -4.68 40.75
C VAL A 30 -4.68 -4.56 42.26
N ASP A 31 -5.33 -3.54 42.79
CA ASP A 31 -5.38 -3.29 44.24
C ASP A 31 -6.65 -2.51 44.54
N PRO A 32 -7.71 -3.20 44.98
CA PRO A 32 -8.98 -2.54 45.23
C PRO A 32 -8.95 -1.57 46.42
N SER A 33 -7.87 -1.54 47.24
CA SER A 33 -7.78 -0.58 48.36
C SER A 33 -7.38 0.83 47.89
N LEU A 34 -6.93 0.99 46.66
CA LEU A 34 -6.52 2.31 46.12
C LEU A 34 -7.72 3.02 45.49
N PRO A 35 -7.62 4.34 45.28
CA PRO A 35 -8.68 5.08 44.61
C PRO A 35 -9.02 4.38 43.26
N SER A 36 -10.29 4.04 43.11
CA SER A 36 -10.78 3.21 41.98
C SER A 36 -10.94 4.03 40.71
N ASN A 37 -11.05 5.36 40.79
CA ASN A 37 -11.37 6.20 39.61
C ASN A 37 -10.45 7.42 39.58
N PRO A 38 -9.12 7.21 39.44
CA PRO A 38 -8.16 8.32 39.47
C PRO A 38 -8.34 9.36 38.36
N GLN A 39 -7.95 10.60 38.66
CA GLN A 39 -8.02 11.74 37.73
C GLN A 39 -6.66 11.97 37.09
N TRP A 40 -5.93 10.91 36.78
CA TRP A 40 -4.63 10.99 36.08
C TRP A 40 -4.81 11.78 34.76
N GLN A 41 -3.91 12.70 34.47
CA GLN A 41 -3.97 13.58 33.27
C GLN A 41 -2.93 13.16 32.23
N ASN A 42 -1.88 12.45 32.63
CA ASN A 42 -0.86 11.88 31.69
C ASN A 42 -1.18 10.39 31.57
N GLY A 43 -0.69 9.74 30.52
CA GLY A 43 -1.01 8.33 30.24
C GLY A 43 -2.48 8.14 29.92
N ARG A 44 -3.15 9.16 29.34
CA ARG A 44 -4.59 9.12 28.98
C ARG A 44 -4.70 9.18 27.46
N VAL A 45 -5.18 8.09 26.88
CA VAL A 45 -5.38 7.98 25.41
C VAL A 45 -6.70 7.25 25.15
N HIS A 46 -7.43 7.68 24.13
CA HIS A 46 -8.63 6.99 23.62
C HIS A 46 -8.11 5.85 22.72
N VAL A 47 -8.79 4.70 22.64
CA VAL A 47 -8.35 3.62 21.72
C VAL A 47 -8.30 4.20 20.30
N ASP A 48 -9.01 5.29 20.03
CA ASP A 48 -8.99 5.87 18.66
C ASP A 48 -7.67 6.63 18.43
N GLY A 49 -6.86 6.78 19.48
CA GLY A 49 -5.53 7.39 19.37
C GLY A 49 -5.54 8.88 19.68
N THR A 50 -6.66 9.43 20.10
CA THR A 50 -6.73 10.84 20.56
C THR A 50 -6.08 10.93 21.95
N LEU A 51 -5.06 11.76 22.11
CA LEU A 51 -4.44 11.97 23.42
C LEU A 51 -5.37 12.81 24.28
N LEU A 52 -5.55 12.38 25.53
CA LEU A 52 -6.46 13.03 26.51
C LEU A 52 -5.62 13.72 27.57
N GLY A 53 -6.23 14.66 28.26
CA GLY A 53 -5.56 15.44 29.31
C GLY A 53 -4.30 16.07 28.77
N THR A 54 -3.20 15.91 29.51
CA THR A 54 -1.90 16.58 29.28
C THR A 54 -0.94 15.57 28.67
N THR A 55 -1.45 14.40 28.27
CA THR A 55 -0.64 13.25 27.80
C THR A 55 0.21 13.68 26.63
N PRO A 56 1.54 13.51 26.72
CA PRO A 56 2.43 13.73 25.59
C PRO A 56 2.59 12.45 24.76
N ILE A 57 3.23 12.61 23.60
CA ILE A 57 3.62 11.44 22.75
C ILE A 57 4.86 10.75 23.33
N SER A 58 5.90 11.50 23.67
CA SER A 58 7.22 10.97 24.08
C SER A 58 7.26 10.79 25.60
N GLY A 59 7.86 9.69 26.06
CA GLY A 59 8.13 9.41 27.48
C GLY A 59 9.07 10.41 28.08
N SER A 60 9.89 11.08 27.25
CA SER A 60 10.87 12.11 27.71
C SER A 60 10.13 13.38 28.20
N TRP A 61 8.84 13.53 27.91
CA TRP A 61 8.02 14.71 28.32
C TRP A 61 7.33 14.50 29.68
N VAL A 62 7.24 13.26 30.14
CA VAL A 62 6.41 12.82 31.28
C VAL A 62 7.05 13.39 32.54
N SER A 63 6.26 14.14 33.30
CA SER A 63 6.62 14.80 34.58
C SER A 63 7.78 15.78 34.39
N CYS A 64 7.89 16.37 33.18
CA CYS A 64 8.89 17.40 32.84
C CYS A 64 8.17 18.66 32.37
N PHE A 65 8.88 19.76 32.27
CA PHE A 65 8.37 20.99 31.63
C PHE A 65 9.49 21.73 30.94
N ALA A 66 9.08 22.78 30.25
CA ALA A 66 9.98 23.68 29.50
C ALA A 66 9.48 25.09 29.78
N ALA A 67 10.41 26.03 29.79
CA ALA A 67 10.12 27.38 30.25
C ALA A 67 11.19 28.33 29.75
N GLU A 68 10.82 29.60 29.75
CA GLU A 68 11.76 30.72 29.94
C GLU A 68 11.90 30.90 31.46
N ALA A 69 13.11 30.80 32.01
CA ALA A 69 13.39 30.93 33.47
C ALA A 69 13.89 32.35 33.76
N ALA A 70 13.32 32.99 34.78
CA ALA A 70 13.76 34.27 35.36
C ALA A 70 14.19 33.99 36.81
N TYR A 71 15.45 34.30 37.12
CA TYR A 71 15.99 34.02 38.47
C TYR A 71 16.08 35.33 39.25
N LYS A 72 15.96 35.21 40.57
CA LYS A 72 16.14 36.31 41.53
C LYS A 72 16.47 35.70 42.90
N PHE A 73 17.04 36.52 43.78
CA PHE A 73 17.24 36.14 45.19
C PHE A 73 16.15 36.83 45.99
N GLN A 74 15.39 36.06 46.77
CA GLN A 74 14.21 36.57 47.51
C GLN A 74 14.40 36.33 49.01
N SER A 75 14.39 37.41 49.79
CA SER A 75 14.47 37.38 51.28
C SER A 75 13.36 36.45 51.79
N GLY A 76 13.63 35.55 52.73
CA GLY A 76 12.64 34.61 53.29
C GLY A 76 12.60 33.28 52.55
N THR A 77 13.22 33.15 51.37
CA THR A 77 13.10 31.93 50.52
C THR A 77 14.47 31.46 50.04
N GLY A 78 15.20 32.34 49.34
CA GLY A 78 16.46 32.01 48.67
C GLY A 78 16.39 32.31 47.18
N GLU A 79 17.05 31.49 46.39
CA GLU A 79 17.07 31.65 44.93
C GLU A 79 15.71 31.19 44.41
N VAL A 80 15.00 32.06 43.72
CA VAL A 80 13.67 31.74 43.17
C VAL A 80 13.77 31.71 41.65
N ALA A 81 13.14 30.71 41.04
CA ALA A 81 13.00 30.54 39.57
C ALA A 81 11.53 30.75 39.21
N THR A 82 11.26 31.76 38.39
CA THR A 82 9.96 32.04 37.80
C THR A 82 9.99 31.50 36.38
N PHE A 83 9.22 30.45 36.15
CA PHE A 83 9.19 29.67 34.90
C PHE A 83 7.95 30.11 34.13
N THR A 84 8.12 30.77 33.00
CA THR A 84 7.05 31.09 32.02
C THR A 84 6.99 29.91 31.06
N LEU A 85 6.01 29.03 31.23
CA LEU A 85 6.00 27.68 30.60
C LEU A 85 5.80 27.83 29.09
N ILE A 86 6.39 26.89 28.37
CA ILE A 86 6.26 26.72 26.92
C ILE A 86 6.11 25.21 26.70
N GLU A 87 5.53 24.77 25.59
CA GLU A 87 5.41 23.31 25.32
C GLU A 87 6.84 22.78 25.19
N GLN A 88 7.05 21.49 25.41
CA GLN A 88 8.40 20.91 25.55
C GLN A 88 9.18 20.83 24.24
N ASP A 89 8.53 21.08 23.10
CA ASP A 89 9.19 21.21 21.78
C ASP A 89 9.45 22.68 21.42
N GLY A 90 9.04 23.62 22.25
CA GLY A 90 9.27 25.06 22.01
C GLY A 90 8.09 25.71 21.34
N SER A 91 6.98 25.03 21.10
CA SER A 91 5.80 25.78 20.59
C SER A 91 5.03 26.40 21.76
N ALA A 92 4.36 27.50 21.44
CA ALA A 92 3.77 28.45 22.42
C ALA A 92 2.76 27.68 23.27
N TYR A 93 2.80 27.83 24.59
CA TYR A 93 1.74 27.27 25.46
C TYR A 93 0.64 28.32 25.51
N VAL A 94 -0.57 27.93 25.15
CA VAL A 94 -1.79 28.77 25.17
C VAL A 94 -2.81 28.02 26.03
N PRO A 95 -3.34 28.59 27.14
CA PRO A 95 -4.39 27.92 27.90
C PRO A 95 -5.53 27.47 26.96
N GLY A 96 -5.92 26.21 27.04
CA GLY A 96 -6.86 25.59 26.08
C GLY A 96 -7.65 24.45 26.69
N ASP A 97 -7.64 23.29 26.04
CA ASP A 97 -8.61 22.19 26.31
C ASP A 97 -8.03 21.24 27.37
N ARG A 98 -7.11 21.72 28.21
CA ARG A 98 -6.38 20.84 29.14
C ARG A 98 -5.79 21.69 30.26
N ALA A 99 -5.21 20.99 31.24
CA ALA A 99 -4.90 21.52 32.58
C ALA A 99 -3.56 22.28 32.57
N ALA A 100 -2.73 22.04 31.56
CA ALA A 100 -1.31 22.45 31.64
C ALA A 100 -0.63 22.07 30.35
N PRO A 101 0.65 22.46 30.19
CA PRO A 101 1.48 22.00 29.09
C PRO A 101 1.55 20.46 29.07
N LEU A 102 1.67 19.89 27.88
CA LEU A 102 1.82 18.43 27.74
C LEU A 102 2.93 17.94 28.66
N GLY A 103 2.65 16.87 29.41
CA GLY A 103 3.65 16.15 30.23
C GLY A 103 3.77 16.74 31.62
N TYR A 104 3.12 17.88 31.90
CA TYR A 104 3.28 18.55 33.20
C TYR A 104 2.84 17.55 34.27
N PRO A 105 3.51 17.48 35.44
CA PRO A 105 3.10 16.56 36.50
C PRO A 105 1.62 16.69 36.86
N ASP A 106 1.01 15.54 37.14
CA ASP A 106 -0.46 15.38 37.40
C ASP A 106 -0.60 14.80 38.80
N PHE A 107 0.40 15.03 39.67
CA PHE A 107 0.36 14.52 41.05
C PHE A 107 0.80 15.65 41.96
N SER A 108 0.82 15.44 43.29
CA SER A 108 1.16 16.46 44.29
C SER A 108 2.40 16.02 45.07
N GLY A 109 2.91 16.98 45.85
CA GLY A 109 4.06 16.91 46.74
C GLY A 109 5.07 17.97 46.35
N GLN A 110 6.30 17.81 46.80
CA GLN A 110 7.40 18.76 46.57
C GLN A 110 8.36 18.03 45.64
N LEU A 111 8.43 18.51 44.40
CA LEU A 111 9.24 17.92 43.32
C LEU A 111 10.58 18.63 43.30
N GLU A 112 11.67 17.88 43.44
CA GLU A 112 13.04 18.37 43.19
C GLU A 112 13.24 18.31 41.67
N ILE A 113 13.54 19.43 41.02
CA ILE A 113 13.71 19.46 39.53
C ILE A 113 15.14 19.85 39.23
N GLU A 114 15.63 19.52 38.03
CA GLU A 114 16.98 19.90 37.56
C GLU A 114 16.85 20.68 36.27
N VAL A 115 17.60 21.78 36.15
CA VAL A 115 17.71 22.61 34.92
C VAL A 115 19.18 22.96 34.66
N GLN A 116 19.53 23.15 33.39
CA GLN A 116 20.83 23.76 33.03
C GLN A 116 20.72 25.25 33.38
N THR A 117 21.68 25.73 34.16
CA THR A 117 21.83 27.16 34.54
C THR A 117 23.25 27.62 34.17
N GLU A 118 23.30 28.70 33.42
CA GLU A 118 24.51 29.51 33.19
C GLU A 118 24.68 30.42 34.41
N THR A 119 25.90 30.56 34.88
CA THR A 119 26.28 31.48 35.98
C THR A 119 27.20 32.58 35.41
N THR A 120 27.31 33.72 36.10
CA THR A 120 28.29 34.80 35.84
C THR A 120 29.56 34.65 36.70
N LYS A 121 29.63 33.65 37.60
CA LYS A 121 30.83 33.32 38.43
C LYS A 121 31.92 32.79 37.50
N THR A 122 33.14 33.32 37.60
CA THR A 122 34.27 32.89 36.72
C THR A 122 34.64 31.46 37.13
N GLY A 123 34.94 30.59 36.16
CA GLY A 123 35.27 29.16 36.41
C GLY A 123 34.03 28.28 36.57
N ASP A 124 32.83 28.85 36.49
CA ASP A 124 31.55 28.15 36.74
C ASP A 124 30.51 28.62 35.71
N LYS A 125 30.80 28.53 34.41
CA LYS A 125 29.90 29.02 33.32
C LYS A 125 28.61 28.17 33.27
N LEU A 126 28.67 26.86 32.95
CA LEU A 126 27.49 25.94 32.90
C LEU A 126 27.53 24.91 34.03
N LYS A 127 26.43 24.77 34.73
CA LYS A 127 26.23 23.72 35.74
C LYS A 127 24.75 23.32 35.73
N VAL A 128 24.41 22.29 36.50
CA VAL A 128 23.01 21.86 36.70
C VAL A 128 22.61 22.38 38.06
N THR A 129 21.43 22.99 38.18
CA THR A 129 20.95 23.47 39.49
C THR A 129 19.64 22.77 39.79
N THR A 130 19.53 22.31 41.03
CA THR A 130 18.34 21.69 41.62
C THR A 130 17.50 22.75 42.32
N PHE A 131 16.18 22.73 42.08
CA PHE A 131 15.19 23.59 42.76
C PHE A 131 14.07 22.72 43.31
N GLU A 132 13.39 23.20 44.35
CA GLU A 132 12.21 22.56 44.95
C GLU A 132 10.99 23.28 44.37
N MET A 133 10.01 22.53 43.91
CA MET A 133 8.78 23.05 43.32
C MET A 133 7.63 22.38 44.07
N ILE A 134 6.80 23.16 44.74
CA ILE A 134 5.58 22.66 45.43
C ILE A 134 4.51 22.51 44.34
N LEU A 135 4.09 21.28 44.01
CA LEU A 135 3.10 20.99 42.96
C LEU A 135 1.69 21.27 43.49
N GLY A 136 1.50 21.08 44.80
CA GLY A 136 0.20 21.07 45.50
C GLY A 136 0.24 20.09 46.69
N PRO A 137 -0.93 19.53 47.13
CA PRO A 137 -2.20 19.63 46.37
C PRO A 137 -2.83 21.04 46.36
N THR A 138 -2.33 21.96 47.20
CA THR A 138 -2.49 23.44 47.08
C THR A 138 -1.11 24.13 47.08
N ASP A 142 1.41 30.12 45.03
CA ASP A 142 0.36 30.03 43.96
C ASP A 142 1.00 29.49 42.65
N GLN A 143 0.99 28.18 42.47
CA GLN A 143 1.36 27.66 41.12
C GLN A 143 0.16 27.92 40.22
N ALA A 144 0.38 28.25 38.96
CA ALA A 144 -0.71 28.26 37.97
C ALA A 144 -0.22 27.74 36.64
N PRO A 145 0.09 26.43 36.54
CA PRO A 145 0.57 25.87 35.30
C PRO A 145 -0.41 26.05 34.15
N TYR A 146 -1.71 26.04 34.44
CA TYR A 146 -2.78 26.25 33.42
C TYR A 146 -2.53 27.59 32.71
N GLN A 147 -2.15 28.61 33.47
CA GLN A 147 -1.86 29.99 32.98
C GLN A 147 -0.44 30.05 32.45
N GLY A 148 0.39 29.02 32.67
CA GLY A 148 1.74 28.99 32.08
C GLY A 148 2.76 29.63 33.01
N ARG A 149 2.49 29.65 34.33
CA ARG A 149 3.34 30.33 35.34
C ARG A 149 3.50 29.40 36.55
N VAL A 150 4.72 28.95 36.80
CA VAL A 150 5.05 28.18 38.02
C VAL A 150 6.38 28.69 38.56
N PHE A 151 6.64 28.42 39.83
N PHE A 151 6.65 28.42 39.83
CA PHE A 151 7.78 28.92 40.64
CA PHE A 151 7.84 28.90 40.58
C PHE A 151 8.46 27.71 41.30
C PHE A 151 8.46 27.73 41.34
N ALA A 152 9.79 27.74 41.46
CA ALA A 152 10.57 26.81 42.29
C ALA A 152 11.63 27.64 43.04
N SER A 153 12.31 27.05 44.02
CA SER A 153 13.19 27.80 44.96
C SER A 153 14.30 26.89 45.50
N VAL A 154 15.43 27.47 45.88
CA VAL A 154 16.46 26.72 46.65
C VAL A 154 16.93 27.62 47.79
N THR A 155 17.02 27.05 49.00
CA THR A 155 17.59 27.71 50.19
C THR A 155 19.02 28.09 49.85
N ALA A 156 19.35 29.37 49.96
CA ALA A 156 20.69 29.89 49.66
C ALA A 156 20.92 31.13 50.50
N ALA A 157 22.18 31.35 50.89
CA ALA A 157 22.61 32.48 51.76
C ALA A 157 22.55 33.76 50.95
N ALA A 158 22.80 33.69 49.64
CA ALA A 158 22.86 34.85 48.73
C ALA A 158 22.60 34.42 47.27
N SER A 159 22.50 35.39 46.36
CA SER A 159 22.25 35.13 44.92
C SER A 159 23.21 34.05 44.39
N LEU A 160 22.70 33.14 43.58
CA LEU A 160 23.47 32.08 42.88
C LEU A 160 24.05 32.63 41.56
N ASP A 161 23.77 33.89 41.22
CA ASP A 161 24.31 34.63 40.05
C ASP A 161 23.91 33.92 38.77
N LEU A 162 22.65 33.50 38.65
CA LEU A 162 22.17 32.68 37.50
C LEU A 162 21.76 33.63 36.39
N VAL A 163 21.97 33.22 35.14
CA VAL A 163 21.56 33.97 33.91
C VAL A 163 20.17 33.47 33.50
N ASP A 164 19.24 34.39 33.24
CA ASP A 164 17.89 34.06 32.71
C ASP A 164 18.04 33.42 31.33
N GLY A 165 17.11 32.51 30.97
CA GLY A 165 17.11 31.80 29.68
C GLY A 165 16.16 30.61 29.65
N ARG A 166 16.26 29.88 28.55
CA ARG A 166 15.45 28.69 28.23
C ARG A 166 15.93 27.49 29.07
N VAL A 167 14.99 26.74 29.61
CA VAL A 167 15.24 25.51 30.39
C VAL A 167 14.31 24.38 29.97
N ARG A 168 14.81 23.16 30.16
CA ARG A 168 14.06 21.91 30.27
C ARG A 168 14.24 21.47 31.71
N ALA A 169 13.14 21.27 32.42
CA ALA A 169 13.16 20.79 33.82
C ALA A 169 12.74 19.32 33.87
N VAL A 170 13.56 18.52 34.52
CA VAL A 170 13.35 17.05 34.67
C VAL A 170 13.29 16.78 36.16
N PRO A 171 12.55 15.74 36.57
CA PRO A 171 12.34 15.43 37.97
C PRO A 171 13.51 14.63 38.55
N ARG A 172 14.12 15.15 39.60
CA ARG A 172 15.17 14.45 40.39
C ARG A 172 14.53 13.55 41.46
N SER A 173 13.52 14.06 42.16
CA SER A 173 12.93 13.34 43.30
C SER A 173 11.60 13.95 43.72
N ILE A 174 10.83 13.18 44.46
CA ILE A 174 9.52 13.60 45.01
C ILE A 174 9.61 13.49 46.53
N TYR A 175 9.12 14.52 47.22
CA TYR A 175 9.00 14.60 48.70
C TYR A 175 7.53 14.79 49.06
N GLY A 176 6.99 14.01 49.99
CA GLY A 176 5.56 14.08 50.36
C GLY A 176 4.62 13.75 49.18
N PHE A 177 4.97 12.78 48.34
CA PHE A 177 4.14 12.37 47.18
C PHE A 177 2.70 12.13 47.63
N GLN A 178 1.74 12.67 46.90
CA GLN A 178 0.30 12.34 46.98
C GLN A 178 -0.23 12.19 45.56
N ASP A 179 -0.91 11.09 45.27
CA ASP A 179 -1.43 10.84 43.90
C ASP A 179 -2.79 11.55 43.81
N THR A 180 -2.75 12.88 43.82
CA THR A 180 -3.94 13.75 43.69
C THR A 180 -3.52 14.88 42.77
N ILE A 181 -4.41 15.31 41.88
CA ILE A 181 -4.02 16.31 40.85
C ILE A 181 -3.56 17.58 41.54
N PRO A 182 -2.56 18.28 41.00
CA PRO A 182 -2.04 19.49 41.61
C PRO A 182 -3.00 20.66 41.42
N GLU A 183 -2.68 21.78 42.06
CA GLU A 183 -3.27 23.13 41.83
C GLU A 183 -2.95 23.53 40.39
N TYR A 184 -3.87 23.37 39.46
CA TYR A 184 -3.54 23.73 38.05
C TYR A 184 -3.71 25.24 37.85
N ASN A 185 -4.65 25.85 38.57
CA ASN A 185 -5.10 27.23 38.25
C ASN A 185 -5.49 27.94 39.55
N ASP A 186 -4.54 28.15 40.48
CA ASP A 186 -4.74 29.05 41.65
C ASP A 186 -6.07 28.75 42.34
N GLY A 187 -6.50 27.49 42.40
CA GLY A 187 -7.80 27.12 42.98
C GLY A 187 -8.95 27.03 41.98
N LEU A 188 -8.89 27.65 40.80
CA LEU A 188 -10.03 27.65 39.83
C LEU A 188 -10.08 26.30 39.07
N LEU A 189 -11.19 26.01 38.38
CA LEU A 189 -11.36 24.81 37.54
C LEU A 189 -10.56 24.94 36.24
N VAL A 190 -10.14 23.81 35.65
CA VAL A 190 -9.55 23.74 34.28
C VAL A 190 -10.19 22.57 33.57
N PRO A 191 -10.08 22.47 32.24
CA PRO A 191 -10.48 21.24 31.54
C PRO A 191 -9.59 20.08 31.96
N LEU A 192 -10.20 18.93 32.16
CA LEU A 192 -9.51 17.70 32.63
C LEU A 192 -10.00 16.52 31.77
N ALA A 193 -9.11 15.58 31.53
CA ALA A 193 -9.52 14.20 31.22
C ALA A 193 -10.43 13.77 32.36
N PRO A 194 -11.53 13.05 32.05
CA PRO A 194 -12.45 12.61 33.09
C PRO A 194 -11.83 11.51 33.98
N PRO A 195 -12.42 11.31 35.15
CA PRO A 195 -11.96 10.25 36.04
C PRO A 195 -11.97 8.93 35.28
N ILE A 196 -10.99 8.10 35.54
CA ILE A 196 -10.94 6.73 34.97
C ILE A 196 -12.14 5.93 35.51
N GLY A 197 -12.85 5.33 34.57
CA GLY A 197 -14.06 4.51 34.81
C GLY A 197 -15.09 4.84 33.75
N PRO A 198 -16.32 4.34 33.85
CA PRO A 198 -16.71 3.46 34.96
C PRO A 198 -16.30 1.99 34.82
N PHE A 199 -16.58 1.26 35.87
CA PHE A 199 -16.27 -0.18 36.07
C PHE A 199 -17.58 -0.94 36.29
N LEU A 200 -17.72 -2.13 35.72
CA LEU A 200 -18.82 -3.04 36.13
C LEU A 200 -18.60 -3.45 37.57
N PRO A 201 -19.67 -3.86 38.26
CA PRO A 201 -19.55 -4.59 39.52
C PRO A 201 -18.47 -5.68 39.40
N GLY A 202 -17.52 -5.71 40.33
CA GLY A 202 -16.47 -6.73 40.43
C GLY A 202 -15.24 -6.35 39.61
N GLU A 203 -15.29 -5.27 38.82
CA GLU A 203 -14.17 -4.86 37.94
C GLU A 203 -13.28 -3.85 38.68
N VAL A 204 -11.98 -3.95 38.47
CA VAL A 204 -10.95 -3.05 39.06
C VAL A 204 -9.91 -2.72 37.98
N LEU A 205 -9.35 -1.52 38.10
CA LEU A 205 -8.31 -0.94 37.22
C LEU A 205 -7.01 -1.75 37.30
N LEU A 206 -6.52 -2.15 36.13
CA LEU A 206 -5.18 -2.73 35.97
C LEU A 206 -4.20 -1.57 36.09
N ARG A 207 -3.17 -1.74 36.95
CA ARG A 207 -2.15 -0.69 37.19
C ARG A 207 -0.81 -1.12 36.62
N PHE A 208 -0.21 -0.26 35.80
CA PHE A 208 1.22 -0.36 35.43
C PHE A 208 2.02 0.50 36.41
N ARG A 209 2.92 -0.13 37.15
CA ARG A 209 3.58 0.51 38.31
C ARG A 209 5.07 0.80 38.05
N THR A 210 5.50 1.98 38.50
CA THR A 210 6.93 2.32 38.67
C THR A 210 7.13 2.88 40.07
N TYR A 211 8.37 3.21 40.40
CA TYR A 211 8.78 3.70 41.75
C TYR A 211 9.62 4.94 41.52
N MET A 212 9.32 6.03 42.23
CA MET A 212 9.94 7.36 42.06
C MET A 212 11.10 7.54 43.03
N ARG A 213 12.23 8.08 42.55
CA ARG A 213 13.28 8.64 43.42
C ARG A 213 12.59 9.56 44.43
N GLN A 214 12.84 9.34 45.73
CA GLN A 214 12.17 10.11 46.80
C GLN A 214 13.20 10.71 47.76
N ILE A 215 12.77 11.77 48.44
CA ILE A 215 13.37 12.21 49.72
C ILE A 215 12.38 11.82 50.83
N ASP A 216 12.87 11.12 51.85
CA ASP A 216 12.06 10.72 53.03
C ASP A 216 12.97 10.76 54.26
N THR A 217 12.48 11.35 55.36
CA THR A 217 13.22 11.41 56.65
C THR A 217 13.03 10.11 57.43
N ALA A 218 12.03 9.30 57.06
CA ALA A 218 11.52 8.16 57.86
C ALA A 218 11.85 6.84 57.16
N ASP A 219 12.78 6.84 56.21
CA ASP A 219 13.23 5.62 55.49
C ASP A 219 12.06 5.14 54.60
N ALA A 220 11.30 4.16 55.05
CA ALA A 220 10.12 3.67 54.31
C ALA A 220 10.53 3.06 52.96
N ALA A 221 9.53 2.47 52.35
CA ALA A 221 9.65 1.62 51.17
C ALA A 221 9.61 2.45 49.88
N ALA A 222 9.81 1.79 48.77
CA ALA A 222 9.71 2.38 47.43
C ALA A 222 8.39 3.15 47.35
N GLU A 223 8.33 4.28 46.64
CA GLU A 223 7.09 5.10 46.45
C GLU A 223 6.48 4.74 45.09
N ALA A 224 5.37 4.00 45.09
CA ALA A 224 4.64 3.50 43.89
C ALA A 224 3.94 4.66 43.18
N ILE A 225 3.98 4.69 41.84
CA ILE A 225 3.02 5.50 41.05
C ILE A 225 2.52 4.61 39.93
N ASP A 226 1.21 4.66 39.71
CA ASP A 226 0.51 3.80 38.72
C ASP A 226 0.10 4.65 37.52
N CYS A 227 -0.06 4.01 36.36
CA CYS A 227 -0.66 4.60 35.15
C CYS A 227 -1.54 3.53 34.50
N ALA A 228 -2.46 3.97 33.66
CA ALA A 228 -3.50 3.11 33.05
C ALA A 228 -2.91 2.30 31.88
N LEU A 229 -1.95 2.87 31.18
CA LEU A 229 -1.32 2.27 29.99
C LEU A 229 0.13 2.72 29.93
N PRO A 230 1.07 1.86 29.50
CA PRO A 230 2.43 2.30 29.27
C PRO A 230 2.48 3.24 28.06
N GLN A 231 3.53 4.06 28.05
CA GLN A 231 3.70 5.10 27.01
C GLN A 231 3.65 4.46 25.60
N GLU A 232 4.17 3.24 25.41
CA GLU A 232 4.24 2.55 24.10
C GLU A 232 2.83 2.29 23.58
N PHE A 233 1.86 2.10 24.46
CA PHE A 233 0.46 1.86 24.07
C PHE A 233 -0.13 3.19 23.63
N VAL A 234 0.21 4.29 24.32
CA VAL A 234 -0.21 5.67 23.94
C VAL A 234 0.25 5.95 22.51
N SER A 235 1.54 5.80 22.18
CA SER A 235 2.05 6.16 20.84
C SER A 235 1.50 5.19 19.81
N TRP A 236 1.27 3.94 20.18
CA TRP A 236 0.70 2.92 19.25
C TRP A 236 -0.71 3.35 18.80
N PHE A 237 -1.61 3.66 19.73
CA PHE A 237 -2.99 4.09 19.36
C PHE A 237 -2.92 5.44 18.59
N ALA A 238 -2.11 6.41 19.06
CA ALA A 238 -1.94 7.73 18.38
C ALA A 238 -1.57 7.54 16.91
N SER A 239 -0.59 6.69 16.60
CA SER A 239 -0.18 6.50 15.19
C SER A 239 -1.25 5.72 14.41
N ASN A 240 -1.87 4.72 15.02
CA ASN A 240 -2.68 3.72 14.28
C ASN A 240 -4.10 4.23 13.93
N ALA A 241 -4.69 5.16 14.69
CA ALA A 241 -6.07 5.63 14.41
C ALA A 241 -6.99 4.47 14.02
N PHE A 242 -7.14 3.47 14.87
CA PHE A 242 -8.11 2.37 14.73
C PHE A 242 -9.55 2.90 14.77
N THR A 243 -10.43 2.19 14.08
CA THR A 243 -11.90 2.41 14.06
C THR A 243 -12.50 1.77 15.32
N VAL A 244 -13.39 2.46 16.01
CA VAL A 244 -14.07 1.95 17.23
C VAL A 244 -15.32 1.17 16.80
N GLN A 245 -15.44 -0.10 17.20
CA GLN A 245 -16.53 -1.00 16.72
C GLN A 245 -17.43 -1.42 17.88
N SER A 246 -17.05 -1.13 19.13
CA SER A 246 -17.88 -1.42 20.30
C SER A 246 -17.34 -0.63 21.50
N GLU A 247 -17.73 -0.94 22.74
CA GLU A 247 -17.35 -0.14 23.94
C GLU A 247 -16.04 -0.64 24.54
N ALA A 248 -15.61 -1.85 24.22
CA ALA A 248 -14.40 -2.39 24.86
C ALA A 248 -13.73 -3.46 23.98
N LEU A 249 -12.48 -3.71 24.27
CA LEU A 249 -11.69 -4.79 23.65
C LEU A 249 -11.39 -5.81 24.75
N LEU A 250 -11.72 -7.06 24.49
CA LEU A 250 -11.28 -8.20 25.34
C LEU A 250 -9.82 -8.46 25.02
N LEU A 251 -8.93 -8.38 26.01
CA LEU A 251 -7.50 -8.73 25.84
C LEU A 251 -7.21 -10.02 26.60
N ARG A 252 -6.21 -10.76 26.15
CA ARG A 252 -5.60 -11.89 26.89
C ARG A 252 -4.16 -11.50 27.18
N TYR A 253 -3.74 -11.69 28.41
CA TYR A 253 -2.34 -11.53 28.86
C TYR A 253 -1.76 -12.94 28.95
N ARG A 254 -0.78 -13.22 28.11
CA ARG A 254 -0.29 -14.59 27.85
C ARG A 254 1.24 -14.60 27.95
N ASN A 255 1.81 -15.61 28.59
CA ASN A 255 3.28 -15.85 28.49
C ASN A 255 3.58 -16.40 27.09
N THR A 256 4.45 -15.80 26.28
CA THR A 256 4.67 -16.30 24.88
C THR A 256 5.47 -17.62 24.91
N LEU A 257 6.43 -17.78 25.80
CA LEU A 257 7.33 -18.96 25.75
C LEU A 257 6.51 -20.22 26.05
N THR A 258 5.71 -20.18 27.13
CA THR A 258 4.95 -21.32 27.69
C THR A 258 3.53 -21.39 27.11
N GLY A 259 3.04 -20.32 26.48
CA GLY A 259 1.64 -20.20 26.01
C GLY A 259 0.61 -20.03 27.13
N GLN A 260 1.00 -20.00 28.40
CA GLN A 260 0.06 -19.94 29.56
C GLN A 260 -0.74 -18.62 29.53
N LEU A 261 -2.07 -18.73 29.55
CA LEU A 261 -3.00 -17.59 29.67
C LEU A 261 -3.06 -17.18 31.14
N LEU A 262 -2.66 -15.94 31.46
CA LEU A 262 -2.58 -15.48 32.88
C LEU A 262 -3.91 -14.84 33.27
N PHE A 263 -4.56 -14.10 32.37
CA PHE A 263 -5.90 -13.49 32.60
C PHE A 263 -6.42 -12.87 31.30
N GLU A 264 -7.73 -12.68 31.27
CA GLU A 264 -8.44 -11.85 30.28
C GLU A 264 -8.90 -10.55 30.97
N CYS A 265 -9.07 -9.50 30.19
CA CYS A 265 -9.36 -8.16 30.71
C CYS A 265 -10.03 -7.33 29.63
N LYS A 266 -10.62 -6.21 30.04
CA LYS A 266 -11.30 -5.31 29.09
C LYS A 266 -10.54 -4.00 29.04
N LEU A 267 -10.11 -3.63 27.84
CA LEU A 267 -9.65 -2.27 27.55
C LEU A 267 -10.84 -1.48 27.06
N TYR A 268 -11.32 -0.59 27.91
CA TYR A 268 -12.44 0.31 27.56
C TYR A 268 -11.92 1.40 26.62
N ASN A 269 -12.77 1.89 25.72
CA ASN A 269 -12.42 2.92 24.70
C ASN A 269 -11.70 4.13 25.31
N GLU A 270 -12.04 4.56 26.52
CA GLU A 270 -11.41 5.74 27.15
C GLU A 270 -10.00 5.44 27.65
N GLY A 271 -9.46 4.23 27.47
CA GLY A 271 -8.00 3.96 27.60
C GLY A 271 -7.62 3.44 28.98
N TYR A 272 -8.49 2.70 29.63
CA TYR A 272 -8.16 1.98 30.88
C TYR A 272 -8.58 0.51 30.72
N ILE A 273 -7.92 -0.34 31.47
CA ILE A 273 -8.11 -1.81 31.45
C ILE A 273 -8.73 -2.19 32.77
N ALA A 274 -9.74 -3.05 32.71
CA ALA A 274 -10.41 -3.62 33.90
C ALA A 274 -10.18 -5.13 33.92
N LEU A 275 -9.98 -5.66 35.12
CA LEU A 275 -10.04 -7.10 35.46
C LEU A 275 -11.20 -7.31 36.43
N SER A 276 -11.77 -8.51 36.41
CA SER A 276 -12.75 -8.99 37.39
C SER A 276 -11.95 -9.59 38.54
N TYR A 277 -11.94 -8.95 39.68
CA TYR A 277 -11.17 -9.36 40.87
C TYR A 277 -11.96 -8.94 42.09
N SER A 278 -12.19 -9.85 43.03
CA SER A 278 -12.98 -9.58 44.26
C SER A 278 -12.16 -9.84 45.53
N GLY A 279 -10.87 -10.17 45.44
CA GLY A 279 -10.02 -10.36 46.64
C GLY A 279 -9.83 -9.05 47.39
N SER A 280 -9.35 -9.10 48.62
CA SER A 280 -9.26 -7.93 49.54
C SER A 280 -7.95 -7.17 49.30
N GLY A 281 -6.83 -7.90 49.19
CA GLY A 281 -5.50 -7.28 49.02
C GLY A 281 -5.12 -7.09 47.56
N PRO A 282 -3.92 -6.53 47.31
CA PRO A 282 -3.41 -6.45 45.95
C PRO A 282 -3.15 -7.85 45.42
N LEU A 283 -3.22 -7.96 44.11
CA LEU A 283 -2.79 -9.14 43.36
C LEU A 283 -1.86 -8.65 42.26
N THR A 284 -0.63 -9.13 42.26
CA THR A 284 0.43 -8.76 41.28
C THR A 284 0.46 -9.83 40.19
N PHE A 285 0.91 -9.44 39.03
CA PHE A 285 1.05 -10.34 37.87
C PHE A 285 2.49 -10.28 37.38
N PRO A 286 2.97 -11.37 36.75
CA PRO A 286 4.25 -11.37 36.08
C PRO A 286 4.23 -10.27 35.02
N THR A 287 5.39 -9.70 34.75
CA THR A 287 5.53 -8.51 33.88
C THR A 287 6.14 -8.93 32.55
N ASP A 288 6.22 -10.22 32.30
CA ASP A 288 6.91 -10.80 31.11
C ASP A 288 5.93 -11.45 30.14
N GLY A 289 4.64 -11.16 30.27
CA GLY A 289 3.63 -11.63 29.30
C GLY A 289 3.45 -10.61 28.19
N ILE A 290 2.51 -10.86 27.30
CA ILE A 290 2.16 -9.98 26.17
C ILE A 290 0.64 -9.85 26.19
N PHE A 291 0.14 -8.65 25.95
CA PHE A 291 -1.31 -8.40 25.75
C PHE A 291 -1.63 -8.66 24.29
N GLU A 292 -2.63 -9.51 24.06
CA GLU A 292 -3.20 -9.86 22.73
C GLU A 292 -4.65 -9.36 22.66
N VAL A 293 -5.02 -8.68 21.57
CA VAL A 293 -6.44 -8.32 21.30
C VAL A 293 -7.17 -9.55 20.75
N VAL A 294 -8.24 -9.94 21.43
CA VAL A 294 -9.14 -11.07 21.04
C VAL A 294 -10.31 -10.53 20.22
N SER A 295 -11.10 -9.58 20.75
CA SER A 295 -12.30 -9.04 20.03
C SER A 295 -12.84 -7.75 20.65
N TRP A 296 -13.68 -7.08 19.87
CA TRP A 296 -14.57 -6.03 20.41
C TRP A 296 -15.61 -6.74 21.26
N VAL A 297 -15.91 -6.24 22.45
CA VAL A 297 -17.01 -6.76 23.30
C VAL A 297 -17.86 -5.58 23.76
N PRO A 298 -19.12 -5.84 24.21
CA PRO A 298 -19.96 -4.79 24.76
C PRO A 298 -19.51 -4.34 26.15
N ARG A 299 -19.94 -3.14 26.57
CA ARG A 299 -19.70 -2.57 27.91
C ARG A 299 -19.95 -3.66 28.96
N LEU A 300 -21.03 -4.44 28.80
CA LEU A 300 -21.53 -5.35 29.87
C LEU A 300 -20.89 -6.73 29.77
N TYR A 301 -19.91 -6.96 28.89
CA TYR A 301 -19.21 -8.25 28.82
C TYR A 301 -18.69 -8.60 30.21
N GLN A 302 -18.94 -9.83 30.66
CA GLN A 302 -18.54 -10.33 31.98
C GLN A 302 -17.22 -11.09 31.82
N LEU A 303 -16.14 -10.62 32.47
CA LEU A 303 -14.83 -11.27 32.42
C LEU A 303 -14.81 -12.47 33.36
N ALA A 304 -13.97 -13.46 33.08
CA ALA A 304 -13.61 -14.52 34.03
C ALA A 304 -12.83 -13.85 35.16
N SER A 305 -13.12 -14.21 36.41
CA SER A 305 -12.40 -13.67 37.60
C SER A 305 -10.94 -14.17 37.67
N VAL A 306 -10.02 -13.46 38.36
CA VAL A 306 -8.61 -13.90 38.62
C VAL A 306 -8.39 -14.14 40.13
N ARG B 4 3.35 -7.73 4.28
CA ARG B 4 2.77 -6.34 4.33
C ARG B 4 3.90 -5.29 4.32
N MET B 5 3.60 -4.15 3.71
CA MET B 5 4.57 -3.08 3.39
C MET B 5 5.08 -2.46 4.70
N VAL B 6 6.35 -2.07 4.73
CA VAL B 6 6.88 -1.31 5.89
C VAL B 6 6.10 0.01 5.96
N ASP B 7 5.79 0.46 7.17
CA ASP B 7 5.25 1.83 7.38
C ASP B 7 5.99 2.42 8.59
N LEU B 8 5.99 3.74 8.71
CA LEU B 8 6.62 4.43 9.86
C LEU B 8 5.52 5.05 10.71
N PRO B 9 5.76 5.29 12.02
CA PRO B 9 4.74 5.95 12.83
C PRO B 9 4.52 7.37 12.30
N VAL B 10 3.27 7.84 12.38
CA VAL B 10 2.84 9.20 11.99
C VAL B 10 3.10 10.12 13.18
N ILE B 11 4.36 10.49 13.32
CA ILE B 11 4.84 11.34 14.42
C ILE B 11 5.96 12.22 13.89
N GLN B 12 5.84 13.52 14.17
CA GLN B 12 6.85 14.54 13.85
C GLN B 12 8.10 14.32 14.70
N PRO B 13 9.30 14.45 14.10
CA PRO B 13 10.57 14.40 14.86
C PRO B 13 10.62 15.22 16.16
N ARG B 14 10.00 16.42 16.19
CA ARG B 14 10.05 17.31 17.38
C ARG B 14 9.25 16.72 18.54
N LEU B 15 8.41 15.72 18.28
CA LEU B 15 7.60 15.04 19.33
C LEU B 15 8.20 13.69 19.72
N CYS B 16 9.32 13.32 19.12
CA CYS B 16 10.01 12.03 19.33
C CYS B 16 11.02 12.10 20.48
N THR B 17 11.44 10.93 20.94
CA THR B 17 12.39 10.68 22.04
C THR B 17 13.75 10.39 21.42
N HIS B 18 14.81 10.99 21.89
CA HIS B 18 16.17 10.66 21.40
C HIS B 18 16.54 9.25 21.87
N ALA B 19 17.42 8.57 21.11
CA ALA B 19 17.80 7.17 21.36
C ALA B 19 19.17 7.05 22.03
N ARG B 20 19.83 8.15 22.40
CA ARG B 20 21.21 8.05 22.92
C ARG B 20 21.37 8.85 24.19
N TRP B 21 20.51 9.85 24.41
CA TRP B 21 20.36 10.59 25.69
C TRP B 21 18.86 10.79 25.97
N PRO B 22 18.37 10.61 27.22
CA PRO B 22 16.93 10.64 27.53
C PRO B 22 16.36 12.06 27.55
N ALA B 23 16.11 12.60 26.36
CA ALA B 23 15.64 13.98 26.16
C ALA B 23 14.82 14.01 24.88
N PRO B 24 14.02 15.05 24.61
CA PRO B 24 13.33 15.15 23.33
C PRO B 24 14.34 15.27 22.18
N VAL B 25 13.92 14.89 20.97
CA VAL B 25 14.60 15.31 19.72
C VAL B 25 14.32 16.79 19.49
N TYR B 26 15.35 17.61 19.33
CA TYR B 26 15.22 19.06 19.08
C TYR B 26 15.62 19.41 17.64
N GLY B 27 16.40 18.56 16.97
CA GLY B 27 17.10 18.94 15.72
C GLY B 27 17.03 17.80 14.72
N LEU B 28 16.96 18.14 13.44
CA LEU B 28 17.08 17.19 12.32
C LEU B 28 18.02 17.83 11.28
N LEU B 29 19.16 17.21 10.98
CA LEU B 29 20.18 17.85 10.13
C LEU B 29 21.09 16.81 9.49
N VAL B 30 21.83 17.27 8.48
CA VAL B 30 23.03 16.59 7.94
C VAL B 30 24.18 17.53 8.21
N ASP B 31 25.39 16.97 8.36
CA ASP B 31 26.65 17.73 8.58
C ASP B 31 27.81 16.84 8.12
N PRO B 32 28.29 17.01 6.86
CA PRO B 32 29.44 16.28 6.35
C PRO B 32 30.76 16.53 7.09
N SER B 33 30.87 17.58 7.90
CA SER B 33 32.09 17.89 8.69
C SER B 33 32.19 16.93 9.88
N LEU B 34 31.12 16.23 10.27
CA LEU B 34 31.15 15.31 11.44
C LEU B 34 31.64 13.93 10.99
N PRO B 35 32.07 13.08 11.93
CA PRO B 35 32.45 11.71 11.60
C PRO B 35 31.32 11.03 10.82
N SER B 36 31.64 10.47 9.66
CA SER B 36 30.70 9.89 8.66
C SER B 36 30.08 8.58 9.12
N ASN B 37 30.80 7.78 9.92
CA ASN B 37 30.48 6.35 10.16
C ASN B 37 30.58 6.05 11.65
N PRO B 38 29.78 6.73 12.49
CA PRO B 38 29.86 6.57 13.94
C PRO B 38 29.59 5.13 14.42
N GLN B 39 30.20 4.77 15.53
CA GLN B 39 30.08 3.44 16.18
C GLN B 39 29.04 3.49 17.33
N TRP B 40 27.98 4.24 17.16
CA TRP B 40 26.86 4.33 18.14
C TRP B 40 26.35 2.94 18.46
N GLN B 41 26.16 2.63 19.74
CA GLN B 41 25.71 1.29 20.20
C GLN B 41 24.23 1.36 20.64
N ASN B 42 23.70 2.54 21.00
CA ASN B 42 22.24 2.76 21.25
C ASN B 42 21.60 3.40 20.01
N GLY B 43 20.27 3.30 19.89
CA GLY B 43 19.55 3.82 18.72
C GLY B 43 19.88 3.02 17.47
N ARG B 44 20.22 1.75 17.64
CA ARG B 44 20.61 0.86 16.52
C ARG B 44 19.57 -0.24 16.40
N VAL B 45 18.84 -0.22 15.30
CA VAL B 45 17.79 -1.22 15.01
C VAL B 45 17.82 -1.56 13.51
N HIS B 46 17.66 -2.81 13.17
CA HIS B 46 17.42 -3.29 11.78
C HIS B 46 15.94 -3.02 11.43
N VAL B 47 15.63 -2.73 10.17
CA VAL B 47 14.24 -2.49 9.72
C VAL B 47 13.39 -3.70 10.07
N ASP B 48 14.01 -4.90 10.15
CA ASP B 48 13.29 -6.16 10.49
C ASP B 48 12.86 -6.09 11.96
N GLY B 49 13.35 -5.10 12.71
CA GLY B 49 13.01 -4.88 14.12
C GLY B 49 13.91 -5.63 15.10
N THR B 50 15.03 -6.19 14.64
CA THR B 50 16.08 -6.72 15.53
C THR B 50 16.84 -5.55 16.14
N LEU B 51 16.94 -5.51 17.46
CA LEU B 51 17.73 -4.49 18.20
C LEU B 51 19.21 -4.81 18.05
N LEU B 52 20.00 -3.80 17.73
CA LEU B 52 21.44 -3.98 17.51
C LEU B 52 22.17 -3.32 18.66
N GLY B 53 23.43 -3.71 18.85
CA GLY B 53 24.27 -3.15 19.91
C GLY B 53 23.60 -3.27 21.26
N THR B 54 23.57 -2.17 22.02
CA THR B 54 23.04 -2.10 23.40
C THR B 54 21.65 -1.47 23.36
N THR B 55 21.10 -1.23 22.17
CA THR B 55 19.79 -0.55 22.01
C THR B 55 18.73 -1.22 22.89
N PRO B 56 18.06 -0.46 23.79
CA PRO B 56 16.87 -0.94 24.48
C PRO B 56 15.56 -0.61 23.77
N ILE B 57 14.45 -1.13 24.29
CA ILE B 57 13.09 -0.85 23.75
C ILE B 57 12.63 0.52 24.27
N SER B 58 12.71 0.74 25.59
CA SER B 58 12.21 1.94 26.30
C SER B 58 13.24 3.06 26.25
N GLY B 59 12.81 4.30 25.96
CA GLY B 59 13.63 5.51 26.08
C GLY B 59 14.14 5.73 27.49
N SER B 60 13.43 5.21 28.50
CA SER B 60 13.78 5.37 29.94
C SER B 60 15.06 4.58 30.29
N TRP B 61 15.50 3.69 29.41
CA TRP B 61 16.74 2.88 29.60
C TRP B 61 17.97 3.57 29.02
N VAL B 62 17.77 4.59 28.18
CA VAL B 62 18.85 5.18 27.34
C VAL B 62 19.83 5.98 28.23
N SER B 63 21.13 5.65 28.19
CA SER B 63 22.23 6.26 28.98
C SER B 63 21.97 6.09 30.48
N CYS B 64 21.28 5.03 30.87
CA CYS B 64 20.97 4.67 32.27
C CYS B 64 21.55 3.28 32.54
N PHE B 65 21.60 2.90 33.81
CA PHE B 65 21.94 1.51 34.18
C PHE B 65 21.27 1.15 35.50
N ALA B 66 21.40 -0.12 35.84
CA ALA B 66 20.84 -0.70 37.06
C ALA B 66 21.90 -1.60 37.65
N ALA B 67 21.90 -1.77 38.96
CA ALA B 67 23.00 -2.49 39.63
C ALA B 67 22.63 -2.82 41.07
N GLU B 68 23.35 -3.80 41.60
CA GLU B 68 23.64 -3.93 43.04
C GLU B 68 24.80 -2.99 43.35
N ALA B 69 24.57 -2.00 44.19
CA ALA B 69 25.58 -1.02 44.62
C ALA B 69 26.19 -1.51 45.95
N ALA B 70 27.51 -1.51 46.05
CA ALA B 70 28.30 -1.67 47.28
C ALA B 70 29.05 -0.35 47.50
N TYR B 71 28.85 0.25 48.67
CA TYR B 71 29.44 1.58 48.95
C TYR B 71 30.55 1.41 50.00
N LYS B 72 31.56 2.26 49.91
CA LYS B 72 32.62 2.33 50.94
C LYS B 72 33.16 3.75 50.94
N PHE B 73 33.70 4.17 52.08
CA PHE B 73 34.42 5.45 52.21
C PHE B 73 35.92 5.19 52.09
N GLN B 74 36.64 5.99 51.30
CA GLN B 74 38.11 5.89 51.17
C GLN B 74 38.68 7.31 51.27
N SER B 75 39.50 7.56 52.28
CA SER B 75 40.23 8.84 52.54
C SER B 75 40.87 9.34 51.25
N GLY B 76 40.66 10.61 50.92
CA GLY B 76 41.29 11.27 49.75
C GLY B 76 40.61 10.95 48.42
N THR B 77 39.47 10.24 48.44
CA THR B 77 38.56 10.09 47.27
C THR B 77 37.18 10.57 47.68
N GLY B 78 36.60 9.89 48.67
CA GLY B 78 35.26 10.13 49.20
C GLY B 78 34.51 8.82 49.27
N GLU B 79 33.20 8.89 49.10
CA GLU B 79 32.33 7.70 49.01
C GLU B 79 32.47 7.09 47.63
N VAL B 80 32.79 5.79 47.59
CA VAL B 80 33.04 5.03 46.36
C VAL B 80 31.89 4.03 46.20
N ALA B 81 31.26 4.03 45.02
CA ALA B 81 30.24 3.06 44.59
C ALA B 81 30.90 2.04 43.67
N THR B 82 30.77 0.77 44.01
CA THR B 82 31.08 -0.34 43.09
C THR B 82 29.73 -0.88 42.64
N PHE B 83 29.42 -0.79 41.35
CA PHE B 83 28.12 -1.20 40.77
C PHE B 83 28.28 -2.51 40.02
N THR B 84 27.61 -3.55 40.51
CA THR B 84 27.50 -4.87 39.85
C THR B 84 26.27 -4.79 38.97
N LEU B 85 26.47 -4.72 37.65
CA LEU B 85 25.40 -4.30 36.73
C LEU B 85 24.44 -5.45 36.56
N ILE B 86 23.19 -5.07 36.39
CA ILE B 86 22.11 -6.00 35.99
C ILE B 86 21.37 -5.32 34.83
N GLU B 87 20.57 -6.05 34.06
CA GLU B 87 19.74 -5.41 33.01
C GLU B 87 18.69 -4.55 33.73
N GLN B 88 18.13 -3.56 33.07
CA GLN B 88 17.34 -2.49 33.76
C GLN B 88 15.96 -3.00 34.19
N ASP B 89 15.53 -4.16 33.71
CA ASP B 89 14.28 -4.83 34.16
C ASP B 89 14.59 -5.76 35.33
N GLY B 90 15.86 -5.88 35.71
CA GLY B 90 16.27 -6.74 36.84
C GLY B 90 16.64 -8.14 36.39
N SER B 91 16.68 -8.43 35.09
CA SER B 91 17.04 -9.79 34.60
C SER B 91 18.57 -9.85 34.48
N ALA B 92 19.17 -11.01 34.81
CA ALA B 92 20.63 -11.17 35.00
C ALA B 92 21.39 -10.60 33.80
N TYR B 93 22.42 -9.80 34.04
CA TYR B 93 23.32 -9.38 32.95
C TYR B 93 24.35 -10.51 32.75
N VAL B 94 24.44 -11.07 31.54
CA VAL B 94 25.44 -12.12 31.15
C VAL B 94 26.29 -11.56 30.00
N PRO B 95 27.61 -11.35 30.12
CA PRO B 95 28.43 -10.95 28.98
C PRO B 95 28.09 -11.77 27.73
N GLY B 96 27.83 -11.13 26.58
CA GLY B 96 27.30 -11.86 25.40
C GLY B 96 27.63 -11.17 24.08
N ASP B 97 26.62 -10.99 23.23
CA ASP B 97 26.76 -10.56 21.82
C ASP B 97 26.75 -9.02 21.70
N ARG B 98 27.18 -8.30 22.74
CA ARG B 98 27.10 -6.81 22.78
C ARG B 98 28.03 -6.32 23.88
N ALA B 99 28.21 -5.01 23.95
CA ALA B 99 29.32 -4.35 24.70
C ALA B 99 29.00 -4.21 26.18
N ALA B 100 27.72 -4.25 26.53
CA ALA B 100 27.25 -3.77 27.83
C ALA B 100 25.79 -4.16 28.01
N PRO B 101 25.27 -3.97 29.23
CA PRO B 101 23.84 -4.07 29.45
C PRO B 101 23.04 -3.12 28.54
N LEU B 102 21.83 -3.51 28.17
CA LEU B 102 21.03 -2.67 27.27
C LEU B 102 20.96 -1.26 27.85
N GLY B 103 21.19 -0.28 26.99
CA GLY B 103 20.99 1.13 27.34
C GLY B 103 22.22 1.79 27.94
N TYR B 104 23.23 1.02 28.35
CA TYR B 104 24.47 1.62 28.90
C TYR B 104 25.00 2.70 27.94
N PRO B 105 25.57 3.80 28.47
CA PRO B 105 26.03 4.91 27.64
C PRO B 105 27.07 4.46 26.63
N ASP B 106 26.95 4.98 25.41
CA ASP B 106 27.81 4.60 24.27
C ASP B 106 28.66 5.83 23.88
N PHE B 107 28.99 6.70 24.83
CA PHE B 107 29.80 7.92 24.59
C PHE B 107 30.81 8.03 25.73
N SER B 108 31.66 9.06 25.71
CA SER B 108 32.71 9.24 26.73
C SER B 108 32.56 10.57 27.41
N GLY B 109 33.34 10.73 28.47
CA GLY B 109 33.45 11.93 29.31
C GLY B 109 33.20 11.53 30.73
N GLN B 110 33.00 12.51 31.60
CA GLN B 110 32.69 12.30 33.02
C GLN B 110 31.18 12.52 33.20
N LEU B 111 30.45 11.44 33.49
CA LEU B 111 28.99 11.44 33.64
C LEU B 111 28.64 11.59 35.12
N GLU B 112 27.87 12.63 35.45
CA GLU B 112 27.23 12.75 36.78
C GLU B 112 25.98 11.86 36.69
N ILE B 113 25.82 10.92 37.61
CA ILE B 113 24.67 9.98 37.66
C ILE B 113 23.95 10.18 38.99
N GLU B 114 22.66 9.91 38.99
CA GLU B 114 21.80 10.04 40.18
C GLU B 114 21.26 8.67 40.54
N VAL B 115 21.38 8.29 41.80
CA VAL B 115 20.78 7.04 42.31
C VAL B 115 20.05 7.38 43.60
N GLN B 116 19.02 6.62 43.88
CA GLN B 116 18.38 6.59 45.21
C GLN B 116 19.39 5.96 46.18
N THR B 117 19.73 6.68 47.25
CA THR B 117 20.56 6.16 48.37
C THR B 117 19.74 6.14 49.65
N GLU B 118 20.09 5.19 50.51
CA GLU B 118 19.58 5.05 51.89
C GLU B 118 20.78 5.15 52.82
N THR B 119 20.69 6.03 53.82
CA THR B 119 21.68 6.22 54.90
C THR B 119 21.07 5.76 56.23
N THR B 120 21.94 5.33 57.14
CA THR B 120 21.64 5.09 58.59
C THR B 120 21.69 6.41 59.36
N LYS B 121 22.27 7.46 58.79
CA LYS B 121 22.39 8.80 59.42
C LYS B 121 21.02 9.48 59.61
N THR B 122 20.99 10.53 60.44
CA THR B 122 19.81 11.40 60.68
C THR B 122 19.50 12.22 59.43
N GLY B 123 18.30 12.81 59.36
CA GLY B 123 17.88 13.69 58.27
C GLY B 123 17.17 12.90 57.19
N ASP B 124 17.52 13.14 55.93
CA ASP B 124 16.92 12.38 54.80
C ASP B 124 17.54 10.97 54.82
N LYS B 125 16.86 10.00 55.42
CA LYS B 125 17.20 8.55 55.32
C LYS B 125 17.28 8.13 53.83
N LEU B 126 16.29 8.53 53.06
CA LEU B 126 16.21 8.29 51.60
C LEU B 126 16.48 9.62 50.92
N LYS B 127 17.43 9.67 50.01
CA LYS B 127 17.72 10.91 49.26
C LYS B 127 18.33 10.46 47.96
N VAL B 128 18.56 11.40 47.06
CA VAL B 128 19.21 11.10 45.79
C VAL B 128 20.63 11.63 45.88
N THR B 129 21.61 10.78 45.58
CA THR B 129 23.05 11.11 45.58
C THR B 129 23.55 11.15 44.12
N THR B 130 24.24 12.23 43.80
CA THR B 130 25.06 12.41 42.58
C THR B 130 26.45 11.80 42.77
N PHE B 131 26.83 10.94 41.83
CA PHE B 131 28.16 10.30 41.73
C PHE B 131 28.79 10.71 40.38
N GLU B 132 30.12 10.83 40.37
CA GLU B 132 30.97 11.06 39.19
C GLU B 132 31.39 9.71 38.67
N MET B 133 31.13 9.43 37.40
CA MET B 133 31.55 8.17 36.78
C MET B 133 32.33 8.53 35.52
N ILE B 134 33.56 8.04 35.42
CA ILE B 134 34.43 8.29 34.24
C ILE B 134 34.09 7.19 33.22
N LEU B 135 33.58 7.57 32.06
CA LEU B 135 33.13 6.59 31.04
C LEU B 135 34.35 5.94 30.38
N GLY B 136 35.38 6.75 30.09
CA GLY B 136 36.65 6.30 29.48
C GLY B 136 36.51 6.23 27.96
N PRO B 137 37.50 5.73 27.18
CA PRO B 137 38.70 5.08 27.72
C PRO B 137 39.59 6.06 28.50
N THR B 138 40.07 5.65 29.67
CA THR B 138 41.04 6.39 30.51
C THR B 138 41.97 5.36 31.12
N THR B 139 43.26 5.69 31.28
CA THR B 139 44.32 4.78 31.80
C THR B 139 43.85 4.19 33.15
N ASN B 140 43.17 4.97 34.01
CA ASN B 140 42.76 4.53 35.38
C ASN B 140 41.22 4.44 35.54
N ALA B 141 40.46 4.60 34.45
CA ALA B 141 38.99 4.39 34.42
C ALA B 141 38.64 3.01 35.05
N ASP B 142 39.28 1.92 34.60
CA ASP B 142 39.09 0.52 35.11
C ASP B 142 37.58 0.17 35.10
N GLN B 143 36.84 0.73 34.14
CA GLN B 143 35.42 0.41 33.91
C GLN B 143 35.38 -0.87 33.08
N ALA B 144 34.50 -1.81 33.43
CA ALA B 144 34.30 -3.06 32.66
C ALA B 144 32.81 -3.34 32.56
N PRO B 145 32.03 -2.43 31.96
CA PRO B 145 30.59 -2.64 31.87
C PRO B 145 30.35 -3.95 31.15
N TYR B 146 31.19 -4.29 30.18
CA TYR B 146 31.06 -5.59 29.47
C TYR B 146 31.01 -6.74 30.49
N GLN B 147 31.90 -6.69 31.48
CA GLN B 147 32.06 -7.72 32.54
C GLN B 147 31.03 -7.51 33.63
N GLY B 148 30.37 -6.34 33.63
CA GLY B 148 29.24 -6.01 34.49
C GLY B 148 29.71 -5.34 35.77
N ARG B 149 30.82 -4.61 35.71
CA ARG B 149 31.42 -3.91 36.86
C ARG B 149 31.77 -2.48 36.47
N VAL B 150 31.22 -1.50 37.18
CA VAL B 150 31.67 -0.09 37.02
C VAL B 150 31.71 0.58 38.38
N PHE B 151 32.43 1.70 38.44
CA PHE B 151 32.84 2.42 39.66
C PHE B 151 32.45 3.89 39.48
N ALA B 152 31.99 4.52 40.55
CA ALA B 152 31.74 5.97 40.61
C ALA B 152 32.11 6.44 41.99
N SER B 153 32.23 7.75 42.18
CA SER B 153 32.54 8.37 43.49
C SER B 153 31.93 9.76 43.60
N VAL B 154 31.84 10.23 44.83
CA VAL B 154 31.43 11.60 45.20
C VAL B 154 32.39 12.02 46.31
N THR B 155 32.98 13.19 46.19
CA THR B 155 33.80 13.80 47.26
C THR B 155 32.94 13.87 48.51
N ALA B 156 33.53 13.57 49.65
CA ALA B 156 32.89 13.65 50.98
C ALA B 156 34.02 13.63 52.01
N ALA B 157 33.90 14.42 53.05
CA ALA B 157 34.89 14.51 54.14
C ALA B 157 34.85 13.22 54.99
N ALA B 158 33.67 12.58 55.11
CA ALA B 158 33.46 11.39 55.95
C ALA B 158 32.47 10.42 55.25
N SER B 159 32.46 9.18 55.70
CA SER B 159 31.53 8.12 55.21
C SER B 159 30.10 8.65 55.21
N LEU B 160 29.32 8.41 54.12
CA LEU B 160 27.88 8.80 54.06
C LEU B 160 27.02 7.76 54.78
N ASP B 161 27.61 6.63 55.17
CA ASP B 161 26.93 5.51 55.86
C ASP B 161 25.75 5.06 55.00
N LEU B 162 26.02 4.79 53.71
CA LEU B 162 25.01 4.30 52.75
C LEU B 162 24.76 2.80 52.97
N VAL B 163 23.55 2.35 52.68
CA VAL B 163 23.14 0.93 52.74
C VAL B 163 23.30 0.38 51.33
N ASP B 164 24.04 -0.71 51.19
CA ASP B 164 24.23 -1.43 49.90
C ASP B 164 22.85 -1.89 49.44
N GLY B 165 22.58 -1.83 48.14
CA GLY B 165 21.28 -2.28 47.62
C GLY B 165 21.14 -1.96 46.16
N ARG B 166 19.94 -2.15 45.66
CA ARG B 166 19.57 -2.03 44.24
C ARG B 166 19.53 -0.56 43.86
N VAL B 167 20.00 -0.22 42.67
CA VAL B 167 19.92 1.17 42.16
C VAL B 167 19.54 1.14 40.68
N ARG B 168 18.88 2.22 40.32
CA ARG B 168 18.73 2.72 38.96
C ARG B 168 19.49 4.03 38.93
N ALA B 169 20.40 4.15 38.00
CA ALA B 169 21.28 5.32 37.81
C ALA B 169 20.81 6.00 36.54
N VAL B 170 20.57 7.31 36.64
CA VAL B 170 20.14 8.10 35.46
C VAL B 170 21.17 9.22 35.29
N PRO B 171 21.31 9.76 34.06
CA PRO B 171 22.31 10.80 33.81
C PRO B 171 21.83 12.19 34.22
N ARG B 172 22.60 12.88 35.08
CA ARG B 172 22.33 14.27 35.50
C ARG B 172 23.01 15.23 34.49
N SER B 173 24.24 14.94 34.10
CA SER B 173 25.05 15.85 33.26
C SER B 173 26.29 15.13 32.73
N ILE B 174 26.92 15.76 31.75
CA ILE B 174 28.14 15.23 31.09
C ILE B 174 29.17 16.37 31.10
N TYR B 175 30.38 16.03 31.53
CA TYR B 175 31.56 16.90 31.61
C TYR B 175 32.57 16.34 30.61
N GLY B 176 33.04 17.12 29.64
CA GLY B 176 34.05 16.66 28.68
C GLY B 176 33.49 15.61 27.73
N PHE B 177 32.22 15.75 27.35
CA PHE B 177 31.58 14.84 26.38
C PHE B 177 32.50 14.66 25.18
N GLN B 178 32.64 13.41 24.75
CA GLN B 178 33.21 13.06 23.43
C GLN B 178 32.32 11.97 22.82
N ASP B 179 31.95 12.16 21.56
CA ASP B 179 31.16 11.13 20.84
C ASP B 179 32.09 10.01 20.35
N THR B 180 32.57 9.19 21.27
CA THR B 180 33.45 8.02 21.02
C THR B 180 33.10 6.94 22.03
N ILE B 181 33.15 5.67 21.66
CA ILE B 181 32.58 4.61 22.55
C ILE B 181 33.36 4.59 23.85
N PRO B 182 32.72 4.29 24.98
CA PRO B 182 33.44 4.30 26.25
C PRO B 182 34.39 3.10 26.31
N GLU B 183 35.03 2.95 27.48
CA GLU B 183 35.88 1.79 27.87
C GLU B 183 34.95 0.66 28.30
N TYR B 184 34.68 -0.29 27.41
CA TYR B 184 33.64 -1.34 27.68
C TYR B 184 34.26 -2.47 28.52
N ASN B 185 35.52 -2.81 28.28
CA ASN B 185 36.12 -4.07 28.79
C ASN B 185 37.58 -3.79 29.12
N ASP B 186 37.81 -2.77 29.96
CA ASP B 186 39.10 -2.46 30.64
C ASP B 186 40.22 -2.49 29.60
N GLY B 187 39.98 -2.03 28.36
CA GLY B 187 40.98 -2.00 27.27
C GLY B 187 40.75 -3.04 26.19
N LEU B 188 40.21 -4.22 26.53
CA LEU B 188 40.03 -5.33 25.55
C LEU B 188 38.86 -5.02 24.60
N LEU B 189 38.80 -5.75 23.50
CA LEU B 189 37.72 -5.75 22.48
C LEU B 189 36.43 -6.34 23.11
N VAL B 190 35.26 -5.93 22.60
CA VAL B 190 33.92 -6.55 22.87
C VAL B 190 33.14 -6.60 21.54
N PRO B 191 32.05 -7.41 21.47
CA PRO B 191 31.15 -7.38 20.32
C PRO B 191 30.44 -6.00 20.21
N LEU B 192 30.36 -5.44 19.00
CA LEU B 192 29.77 -4.09 18.74
C LEU B 192 28.81 -4.19 17.55
N ALA B 193 27.76 -3.37 17.50
CA ALA B 193 27.10 -2.98 16.24
C ALA B 193 28.18 -2.36 15.37
N PRO B 194 28.14 -2.61 14.04
CA PRO B 194 29.18 -2.10 13.15
C PRO B 194 29.07 -0.59 12.99
N PRO B 195 30.11 0.08 12.47
CA PRO B 195 30.02 1.50 12.13
C PRO B 195 28.80 1.71 11.24
N ILE B 196 28.12 2.83 11.45
CA ILE B 196 27.01 3.23 10.56
C ILE B 196 27.57 3.41 9.15
N GLY B 197 26.85 2.91 8.15
CA GLY B 197 27.24 2.97 6.74
C GLY B 197 27.18 1.56 6.20
N PRO B 198 27.59 1.35 4.93
CA PRO B 198 28.12 2.42 4.08
C PRO B 198 27.15 3.38 3.37
N PHE B 199 27.72 4.42 2.77
CA PHE B 199 27.00 5.47 2.00
C PHE B 199 27.43 5.46 0.53
N LEU B 200 26.50 5.59 -0.41
CA LEU B 200 26.88 5.87 -1.80
C LEU B 200 27.69 7.16 -1.81
N PRO B 201 28.49 7.42 -2.85
CA PRO B 201 29.04 8.76 -3.10
C PRO B 201 27.97 9.86 -3.13
N GLY B 202 28.19 10.94 -2.41
CA GLY B 202 27.19 12.02 -2.30
C GLY B 202 26.18 11.79 -1.17
N GLU B 203 26.16 10.62 -0.49
CA GLU B 203 25.19 10.36 0.62
C GLU B 203 25.84 10.72 1.96
N VAL B 204 25.05 11.27 2.90
CA VAL B 204 25.48 11.62 4.29
C VAL B 204 24.39 11.17 5.28
N LEU B 205 24.81 10.87 6.50
CA LEU B 205 23.94 10.44 7.63
C LEU B 205 22.92 11.55 7.94
N LEU B 206 21.65 11.16 8.03
CA LEU B 206 20.63 12.02 8.67
C LEU B 206 20.76 11.89 10.20
N ARG B 207 20.78 13.04 10.89
CA ARG B 207 21.03 13.15 12.34
C ARG B 207 19.79 13.64 13.05
N PHE B 208 19.37 12.89 14.05
CA PHE B 208 18.38 13.32 15.06
C PHE B 208 19.20 13.80 16.27
N ARG B 209 19.03 15.07 16.60
CA ARG B 209 19.88 15.82 17.58
C ARG B 209 19.09 16.17 18.85
N THR B 210 19.73 16.00 19.99
CA THR B 210 19.29 16.54 21.29
C THR B 210 20.53 17.21 21.91
N TYR B 211 20.35 17.86 23.04
CA TYR B 211 21.39 18.65 23.72
C TYR B 211 21.41 18.16 25.16
N MET B 212 22.59 17.84 25.70
CA MET B 212 22.74 17.16 27.01
C MET B 212 22.99 18.18 28.11
N ARG B 213 22.33 18.04 29.26
CA ARG B 213 22.72 18.81 30.47
C ARG B 213 24.23 18.62 30.63
N GLN B 214 25.00 19.72 30.70
CA GLN B 214 26.48 19.61 30.78
C GLN B 214 27.03 20.41 31.96
N ILE B 215 28.25 20.07 32.33
CA ILE B 215 29.09 20.97 33.16
C ILE B 215 30.17 21.51 32.24
N ASP B 216 30.29 22.82 32.15
CA ASP B 216 31.36 23.43 31.34
C ASP B 216 31.80 24.69 32.08
N THR B 217 33.08 24.78 32.43
CA THR B 217 33.61 25.91 33.26
C THR B 217 33.65 27.20 32.44
N ALA B 218 33.64 27.15 31.11
CA ALA B 218 34.05 28.30 30.25
C ALA B 218 33.08 28.62 29.09
N ASP B 219 32.44 27.61 28.49
CA ASP B 219 31.68 27.74 27.22
C ASP B 219 30.21 27.37 27.49
N ALA B 220 29.25 28.26 27.19
CA ALA B 220 27.81 28.06 27.44
C ALA B 220 27.09 27.45 26.22
N ALA B 221 27.77 27.11 25.12
CA ALA B 221 27.14 26.52 23.92
C ALA B 221 26.56 25.14 24.29
N ALA B 222 25.34 24.87 23.85
CA ALA B 222 24.65 23.58 24.08
C ALA B 222 25.57 22.49 23.51
N GLU B 223 25.63 21.33 24.17
CA GLU B 223 26.39 20.14 23.69
C GLU B 223 25.47 19.16 22.95
N ALA B 224 25.66 19.02 21.65
CA ALA B 224 24.85 18.18 20.74
C ALA B 224 25.25 16.71 20.88
N ILE B 225 24.27 15.83 20.76
CA ILE B 225 24.48 14.40 20.52
C ILE B 225 23.45 13.97 19.48
N ASP B 226 23.91 13.18 18.52
CA ASP B 226 23.10 12.69 17.39
C ASP B 226 22.78 11.19 17.59
N CYS B 227 21.66 10.75 17.02
CA CYS B 227 21.36 9.31 16.82
C CYS B 227 20.77 9.12 15.40
N ALA B 228 20.74 7.88 14.94
CA ALA B 228 20.39 7.49 13.55
C ALA B 228 18.87 7.52 13.37
N LEU B 229 18.12 7.11 14.39
CA LEU B 229 16.64 7.04 14.42
C LEU B 229 16.12 7.45 15.80
N PRO B 230 14.93 8.09 15.88
CA PRO B 230 14.28 8.31 17.17
C PRO B 230 13.89 6.99 17.84
N GLN B 231 13.77 6.97 19.16
CA GLN B 231 13.45 5.73 19.89
C GLN B 231 12.10 5.16 19.38
N GLU B 232 11.14 6.00 18.97
CA GLU B 232 9.81 5.55 18.50
C GLU B 232 9.98 4.61 17.32
N PHE B 233 10.98 4.86 16.47
CA PHE B 233 11.24 4.02 15.27
C PHE B 233 11.78 2.68 15.74
N VAL B 234 12.62 2.64 16.77
CA VAL B 234 13.14 1.37 17.35
C VAL B 234 11.97 0.51 17.79
N SER B 235 11.07 1.02 18.63
CA SER B 235 9.93 0.23 19.20
C SER B 235 9.00 -0.19 18.06
N TRP B 236 8.84 0.67 17.06
CA TRP B 236 7.93 0.42 15.91
C TRP B 236 8.42 -0.78 15.10
N PHE B 237 9.70 -0.79 14.74
CA PHE B 237 10.27 -1.93 13.98
C PHE B 237 10.30 -3.17 14.89
N ALA B 238 10.74 -3.02 16.14
CA ALA B 238 10.75 -4.13 17.12
C ALA B 238 9.39 -4.86 17.10
N SER B 239 8.29 -4.13 17.24
CA SER B 239 6.94 -4.73 17.36
C SER B 239 6.45 -5.27 16.00
N ASN B 240 6.68 -4.55 14.91
CA ASN B 240 6.04 -4.89 13.61
C ASN B 240 6.66 -6.15 12.92
N ALA B 241 7.92 -6.49 13.13
CA ALA B 241 8.59 -7.56 12.37
C ALA B 241 8.23 -7.52 10.88
N PHE B 242 8.47 -6.42 10.20
CA PHE B 242 8.27 -6.32 8.74
C PHE B 242 9.24 -7.24 7.98
N THR B 243 8.79 -7.65 6.80
CA THR B 243 9.51 -8.48 5.81
C THR B 243 10.48 -7.57 5.08
N VAL B 244 11.74 -7.98 4.89
CA VAL B 244 12.76 -7.25 4.10
C VAL B 244 12.59 -7.66 2.64
N GLN B 245 12.45 -6.71 1.72
CA GLN B 245 12.15 -7.00 0.29
C GLN B 245 13.24 -6.42 -0.60
N SER B 246 14.12 -5.57 -0.08
CA SER B 246 15.28 -5.05 -0.84
C SER B 246 16.33 -4.57 0.17
N GLU B 247 17.24 -3.67 -0.20
CA GLU B 247 18.35 -3.23 0.69
C GLU B 247 17.99 -1.93 1.41
N ALA B 248 16.97 -1.18 0.97
CA ALA B 248 16.63 0.13 1.55
C ALA B 248 15.18 0.53 1.30
N LEU B 249 14.68 1.42 2.15
CA LEU B 249 13.35 2.03 1.93
C LEU B 249 13.57 3.47 1.48
N LEU B 250 12.97 3.85 0.36
CA LEU B 250 12.89 5.26 -0.09
C LEU B 250 11.83 5.92 0.78
N LEU B 251 12.21 6.96 1.54
CA LEU B 251 11.28 7.73 2.38
C LEU B 251 11.14 9.13 1.81
N ARG B 252 10.00 9.75 2.08
CA ARG B 252 9.77 11.21 1.91
C ARG B 252 9.57 11.85 3.28
N TYR B 253 10.09 13.06 3.42
CA TYR B 253 9.84 13.91 4.59
C TYR B 253 8.93 15.03 4.12
N ARG B 254 7.67 14.97 4.54
CA ARG B 254 6.51 15.72 4.00
C ARG B 254 5.92 16.51 5.18
N ASN B 255 5.57 17.76 4.95
CA ASN B 255 4.70 18.55 5.85
C ASN B 255 3.26 18.17 5.49
N THR B 256 2.52 17.60 6.44
CA THR B 256 1.13 17.08 6.25
C THR B 256 0.16 18.24 5.93
N LEU B 257 0.37 19.42 6.50
CA LEU B 257 -0.60 20.53 6.39
C LEU B 257 -0.52 21.17 4.99
N THR B 258 0.68 21.42 4.46
CA THR B 258 0.92 22.10 3.15
C THR B 258 1.11 21.11 2.01
N GLY B 259 1.47 19.86 2.31
CA GLY B 259 1.83 18.83 1.32
C GLY B 259 3.26 18.98 0.83
N GLN B 260 4.03 19.94 1.35
CA GLN B 260 5.39 20.17 0.84
C GLN B 260 6.25 18.91 1.05
N LEU B 261 7.04 18.57 0.05
CA LEU B 261 7.96 17.44 0.11
C LEU B 261 9.37 18.01 0.38
N LEU B 262 9.86 18.00 1.62
CA LEU B 262 11.12 18.72 2.00
C LEU B 262 12.29 17.95 1.38
N PHE B 263 12.27 16.62 1.38
CA PHE B 263 13.33 15.80 0.74
C PHE B 263 12.91 14.35 0.68
N GLU B 264 13.63 13.57 -0.09
CA GLU B 264 13.55 12.10 -0.06
C GLU B 264 14.87 11.57 0.51
N CYS B 265 14.84 10.37 1.05
CA CYS B 265 16.00 9.73 1.70
C CYS B 265 15.86 8.21 1.69
N LYS B 266 16.96 7.52 2.00
CA LYS B 266 17.03 6.06 2.03
C LYS B 266 17.24 5.64 3.48
N LEU B 267 16.29 4.90 4.01
CA LEU B 267 16.51 4.15 5.27
C LEU B 267 17.03 2.78 4.86
N TYR B 268 18.34 2.60 4.99
CA TYR B 268 19.02 1.31 4.78
C TYR B 268 18.54 0.31 5.83
N ASN B 269 18.54 -0.97 5.46
CA ASN B 269 18.04 -2.07 6.33
C ASN B 269 18.71 -2.05 7.70
N GLU B 270 19.95 -1.59 7.77
CA GLU B 270 20.81 -1.70 8.98
C GLU B 270 20.47 -0.58 9.94
N GLY B 271 19.52 0.29 9.56
CA GLY B 271 18.82 1.22 10.47
C GLY B 271 19.36 2.63 10.49
N TYR B 272 19.92 3.13 9.41
CA TYR B 272 20.42 4.53 9.31
C TYR B 272 19.85 5.16 8.03
N ILE B 273 19.64 6.49 8.04
CA ILE B 273 19.03 7.23 6.90
C ILE B 273 20.13 8.05 6.24
N ALA B 274 20.22 7.95 4.92
CA ALA B 274 21.12 8.76 4.08
C ALA B 274 20.28 9.78 3.30
N LEU B 275 20.81 10.97 3.15
CA LEU B 275 20.36 11.98 2.15
C LEU B 275 21.49 12.19 1.16
N SER B 276 21.14 12.50 -0.08
CA SER B 276 22.09 12.99 -1.11
C SER B 276 22.26 14.49 -0.86
N TYR B 277 23.43 14.90 -0.41
CA TYR B 277 23.73 16.31 -0.06
C TYR B 277 25.19 16.58 -0.43
N SER B 278 25.41 17.69 -1.11
CA SER B 278 26.74 18.03 -1.69
C SER B 278 27.39 19.20 -0.94
N GLY B 279 26.68 19.94 -0.08
CA GLY B 279 27.26 21.04 0.72
C GLY B 279 28.38 20.53 1.61
N SER B 280 29.20 21.42 2.17
CA SER B 280 30.32 21.06 3.10
C SER B 280 29.92 21.30 4.57
N GLY B 281 29.02 22.27 4.80
CA GLY B 281 28.57 22.67 6.15
C GLY B 281 27.22 22.06 6.53
N PRO B 282 26.80 22.25 7.80
CA PRO B 282 25.48 21.79 8.26
C PRO B 282 24.34 22.33 7.40
N LEU B 283 23.36 21.45 7.13
CA LEU B 283 21.99 21.84 6.70
C LEU B 283 20.97 21.24 7.67
N THR B 284 20.20 22.11 8.34
CA THR B 284 19.13 21.77 9.31
C THR B 284 17.79 21.69 8.57
N PHE B 285 16.86 20.94 9.13
CA PHE B 285 15.51 20.80 8.54
C PHE B 285 14.47 21.15 9.60
N PRO B 286 13.29 21.60 9.15
CA PRO B 286 12.13 21.71 10.04
C PRO B 286 11.90 20.34 10.72
N THR B 287 11.45 20.36 11.98
CA THR B 287 11.25 19.15 12.81
C THR B 287 9.77 18.81 12.90
N ASP B 288 8.96 19.39 12.03
CA ASP B 288 7.49 19.30 12.07
C ASP B 288 6.97 18.61 10.81
N GLY B 289 7.79 17.96 10.01
CA GLY B 289 7.27 17.04 8.98
C GLY B 289 7.09 15.63 9.47
N ILE B 290 6.66 14.75 8.57
CA ILE B 290 6.42 13.31 8.81
C ILE B 290 7.25 12.50 7.79
N PHE B 291 7.94 11.47 8.25
CA PHE B 291 8.60 10.48 7.36
C PHE B 291 7.56 9.45 6.92
N GLU B 292 7.44 9.23 5.60
CA GLU B 292 6.56 8.15 5.10
C GLU B 292 7.33 7.28 4.11
N VAL B 293 7.04 5.98 4.14
CA VAL B 293 7.65 5.00 3.22
C VAL B 293 7.07 5.25 1.82
N VAL B 294 7.92 5.35 0.81
CA VAL B 294 7.49 5.41 -0.62
C VAL B 294 7.61 4.01 -1.21
N SER B 295 8.79 3.39 -1.18
CA SER B 295 8.97 1.99 -1.65
C SER B 295 10.30 1.39 -1.20
N TRP B 296 10.41 0.07 -1.37
CA TRP B 296 11.69 -0.67 -1.31
C TRP B 296 12.48 -0.24 -2.54
N VAL B 297 13.78 -0.03 -2.37
CA VAL B 297 14.73 0.35 -3.45
C VAL B 297 16.04 -0.38 -3.18
N PRO B 298 16.85 -0.64 -4.23
CA PRO B 298 18.15 -1.27 -4.06
C PRO B 298 19.18 -0.32 -3.45
N ARG B 299 20.31 -0.86 -3.03
CA ARG B 299 21.45 -0.09 -2.46
C ARG B 299 21.85 1.05 -3.42
N LEU B 300 21.89 0.83 -4.73
CA LEU B 300 22.46 1.82 -5.70
C LEU B 300 21.42 2.85 -6.11
N TYR B 301 20.19 2.81 -5.58
CA TYR B 301 19.16 3.84 -5.86
C TYR B 301 19.72 5.23 -5.57
N GLN B 302 19.58 6.11 -6.56
CA GLN B 302 20.14 7.48 -6.53
C GLN B 302 19.06 8.44 -6.08
N LEU B 303 19.27 9.09 -4.94
CA LEU B 303 18.33 10.08 -4.38
C LEU B 303 18.52 11.40 -5.12
N ALA B 304 17.44 12.19 -5.22
CA ALA B 304 17.46 13.62 -5.58
C ALA B 304 18.22 14.36 -4.47
N SER B 305 19.18 15.19 -4.87
CA SER B 305 20.01 16.01 -3.97
C SER B 305 19.15 17.02 -3.22
N VAL B 306 19.39 17.21 -1.93
CA VAL B 306 18.66 18.24 -1.16
C VAL B 306 19.42 19.55 -1.33
N GLY B 307 18.69 20.67 -1.47
CA GLY B 307 19.19 22.03 -1.79
C GLY B 307 19.97 22.68 -0.66
N SER B 308 19.87 24.01 -0.52
CA SER B 308 20.67 24.88 0.38
C SER B 308 22.02 24.22 0.71
N ARG C 4 11.09 -2.31 -9.77
CA ARG C 4 10.59 -3.62 -10.31
C ARG C 4 10.65 -3.60 -11.86
N MET C 5 11.19 -4.67 -12.46
CA MET C 5 11.63 -4.74 -13.88
C MET C 5 10.44 -4.97 -14.80
N VAL C 6 10.52 -4.45 -16.03
CA VAL C 6 9.49 -4.61 -17.09
C VAL C 6 9.36 -6.11 -17.43
N ASP C 7 8.14 -6.60 -17.55
CA ASP C 7 7.86 -7.94 -18.14
C ASP C 7 6.71 -7.75 -19.13
N LEU C 8 6.42 -8.79 -19.90
CA LEU C 8 5.37 -8.79 -20.93
C LEU C 8 4.42 -9.93 -20.63
N PRO C 9 3.12 -9.82 -20.98
CA PRO C 9 2.19 -10.91 -20.77
C PRO C 9 2.63 -12.10 -21.62
N VAL C 10 2.47 -13.30 -21.06
CA VAL C 10 2.79 -14.57 -21.75
C VAL C 10 1.57 -14.89 -22.61
N ILE C 11 1.51 -14.32 -23.82
CA ILE C 11 0.38 -14.52 -24.79
C ILE C 11 1.00 -14.54 -26.19
N GLN C 12 0.64 -15.52 -27.00
CA GLN C 12 1.08 -15.56 -28.42
C GLN C 12 0.35 -14.45 -29.16
N PRO C 13 0.99 -13.79 -30.15
CA PRO C 13 0.32 -12.82 -31.01
C PRO C 13 -1.01 -13.31 -31.62
N ARG C 14 -1.11 -14.56 -32.08
CA ARG C 14 -2.35 -15.13 -32.70
C ARG C 14 -3.54 -15.15 -31.72
N LEU C 15 -3.27 -14.97 -30.44
CA LEU C 15 -4.30 -15.06 -29.37
C LEU C 15 -4.62 -13.65 -28.90
N CYS C 16 -3.95 -12.66 -29.48
CA CYS C 16 -4.07 -11.25 -29.07
C CYS C 16 -5.18 -10.53 -29.85
N THR C 17 -5.50 -9.35 -29.33
CA THR C 17 -6.48 -8.38 -29.85
C THR C 17 -5.74 -7.29 -30.64
N HIS C 18 -6.20 -6.98 -31.85
CA HIS C 18 -5.64 -5.86 -32.65
C HIS C 18 -6.04 -4.56 -31.99
N ALA C 19 -5.19 -3.52 -32.08
CA ALA C 19 -5.36 -2.25 -31.33
C ALA C 19 -5.92 -1.13 -32.22
N ARG C 20 -6.20 -1.38 -33.50
CA ARG C 20 -6.66 -0.32 -34.44
C ARG C 20 -7.94 -0.74 -35.20
N TRP C 21 -8.27 -2.04 -35.25
CA TRP C 21 -9.57 -2.59 -35.74
C TRP C 21 -10.00 -3.71 -34.80
N PRO C 22 -11.31 -3.82 -34.42
CA PRO C 22 -11.74 -4.80 -33.42
C PRO C 22 -11.85 -6.23 -33.96
N ALA C 23 -10.70 -6.86 -34.11
CA ALA C 23 -10.51 -8.22 -34.66
C ALA C 23 -9.27 -8.86 -34.04
N PRO C 24 -9.09 -10.18 -34.16
CA PRO C 24 -7.84 -10.82 -33.76
C PRO C 24 -6.60 -10.33 -34.51
N VAL C 25 -5.44 -10.43 -33.87
CA VAL C 25 -4.15 -10.33 -34.60
C VAL C 25 -4.00 -11.60 -35.40
N TYR C 26 -3.82 -11.50 -36.71
CA TYR C 26 -3.65 -12.64 -37.64
C TYR C 26 -2.21 -12.74 -38.13
N GLY C 27 -1.45 -11.64 -38.09
CA GLY C 27 -0.14 -11.53 -38.77
C GLY C 27 0.90 -10.82 -37.93
N LEU C 28 2.16 -11.17 -38.13
CA LEU C 28 3.35 -10.54 -37.50
C LEU C 28 4.39 -10.40 -38.61
N LEU C 29 4.79 -9.18 -38.96
CA LEU C 29 5.69 -9.00 -40.12
C LEU C 29 6.42 -7.66 -40.04
N VAL C 30 7.41 -7.56 -40.91
CA VAL C 30 8.08 -6.27 -41.26
C VAL C 30 7.90 -6.10 -42.76
N ASP C 31 7.72 -4.87 -43.20
CA ASP C 31 7.55 -4.56 -44.62
C ASP C 31 8.13 -3.17 -44.87
N PRO C 32 9.38 -3.09 -45.35
CA PRO C 32 10.04 -1.80 -45.54
C PRO C 32 9.48 -0.95 -46.69
N SER C 33 8.55 -1.48 -47.48
CA SER C 33 7.92 -0.70 -48.56
C SER C 33 6.75 0.09 -47.97
N LEU C 34 6.31 -0.23 -46.76
CA LEU C 34 5.18 0.51 -46.13
C LEU C 34 5.71 1.81 -45.52
N PRO C 35 4.81 2.77 -45.17
CA PRO C 35 5.19 4.00 -44.47
C PRO C 35 5.96 3.63 -43.19
N SER C 36 7.17 4.16 -43.08
CA SER C 36 8.15 3.77 -42.03
C SER C 36 7.78 4.39 -40.67
N ASN C 37 7.13 5.55 -40.65
CA ASN C 37 6.91 6.37 -39.42
C ASN C 37 5.44 6.75 -39.32
N PRO C 38 4.52 5.76 -39.20
CA PRO C 38 3.08 6.05 -39.16
C PRO C 38 2.59 6.92 -37.98
N GLN C 39 1.54 7.70 -38.26
CA GLN C 39 0.85 8.60 -37.30
C GLN C 39 -0.37 7.90 -36.69
N TRP C 40 -0.29 6.61 -36.41
CA TRP C 40 -1.36 5.83 -35.73
C TRP C 40 -1.66 6.51 -34.39
N GLN C 41 -2.93 6.67 -34.05
CA GLN C 41 -3.40 7.38 -32.83
C GLN C 41 -3.96 6.37 -31.83
N ASN C 42 -4.37 5.19 -32.30
CA ASN C 42 -4.77 4.07 -31.42
C ASN C 42 -3.61 3.07 -31.35
N GLY C 43 -3.64 2.20 -30.37
CA GLY C 43 -2.59 1.23 -30.10
C GLY C 43 -1.28 1.90 -29.75
N ARG C 44 -1.34 3.10 -29.17
CA ARG C 44 -0.15 3.92 -28.81
C ARG C 44 -0.03 3.96 -27.28
N VAL C 45 1.04 3.42 -26.72
CA VAL C 45 1.28 3.47 -25.25
C VAL C 45 2.80 3.63 -25.00
N HIS C 46 3.17 4.43 -24.01
CA HIS C 46 4.56 4.54 -23.47
C HIS C 46 4.79 3.29 -22.61
N VAL C 47 6.02 2.75 -22.54
CA VAL C 47 6.31 1.57 -21.65
C VAL C 47 5.99 1.94 -20.19
N ASP C 48 5.95 3.23 -19.87
CA ASP C 48 5.65 3.72 -18.51
C ASP C 48 4.14 3.52 -18.25
N GLY C 49 3.40 3.16 -19.29
CA GLY C 49 1.96 2.86 -19.16
C GLY C 49 1.07 4.05 -19.47
N THR C 50 1.61 5.20 -19.83
CA THR C 50 0.79 6.36 -20.25
C THR C 50 0.18 6.04 -21.60
N LEU C 51 -1.14 6.16 -21.73
CA LEU C 51 -1.83 5.97 -23.02
C LEU C 51 -1.56 7.21 -23.89
N LEU C 52 -1.19 7.00 -25.15
CA LEU C 52 -0.91 8.11 -26.09
C LEU C 52 -2.05 8.21 -27.11
N GLY C 53 -2.18 9.38 -27.71
CA GLY C 53 -3.19 9.70 -28.73
C GLY C 53 -4.58 9.36 -28.23
N THR C 54 -5.34 8.62 -29.04
CA THR C 54 -6.75 8.28 -28.73
C THR C 54 -6.83 6.87 -28.17
N THR C 55 -5.70 6.25 -27.84
CA THR C 55 -5.65 4.83 -27.40
C THR C 55 -6.55 4.67 -26.19
N PRO C 56 -7.51 3.73 -26.25
CA PRO C 56 -8.27 3.31 -25.07
C PRO C 56 -7.67 2.06 -24.41
N ILE C 57 -8.24 1.67 -23.27
CA ILE C 57 -7.86 0.42 -22.55
C ILE C 57 -8.52 -0.80 -23.21
N SER C 58 -9.83 -0.77 -23.46
CA SER C 58 -10.59 -1.96 -23.93
C SER C 58 -10.52 -2.08 -25.45
N GLY C 59 -10.15 -3.26 -25.97
CA GLY C 59 -10.30 -3.68 -27.37
C GLY C 59 -11.66 -3.26 -27.93
N SER C 60 -12.71 -3.29 -27.09
CA SER C 60 -14.11 -3.03 -27.52
C SER C 60 -14.30 -1.57 -27.94
N TRP C 61 -13.41 -0.63 -27.56
CA TRP C 61 -13.55 0.81 -27.93
C TRP C 61 -12.87 1.09 -29.28
N VAL C 62 -12.03 0.16 -29.75
CA VAL C 62 -11.14 0.40 -30.91
C VAL C 62 -11.98 0.59 -32.18
N SER C 63 -11.85 1.75 -32.83
CA SER C 63 -12.56 2.12 -34.09
C SER C 63 -14.08 2.14 -33.86
N CYS C 64 -14.51 2.41 -32.62
CA CYS C 64 -15.93 2.62 -32.26
C CYS C 64 -16.11 4.03 -31.72
N PHE C 65 -17.34 4.47 -31.60
CA PHE C 65 -17.68 5.73 -30.92
C PHE C 65 -19.01 5.57 -30.20
N ALA C 66 -19.34 6.59 -29.42
CA ALA C 66 -20.58 6.70 -28.64
C ALA C 66 -21.05 8.14 -28.82
N ALA C 67 -22.37 8.36 -28.76
CA ALA C 67 -22.93 9.69 -29.07
C ALA C 67 -24.39 9.79 -28.63
N GLU C 68 -24.86 11.03 -28.58
CA GLU C 68 -26.27 11.39 -28.76
C GLU C 68 -26.51 11.51 -30.28
N ALA C 69 -27.37 10.66 -30.81
CA ALA C 69 -27.75 10.64 -32.25
C ALA C 69 -29.01 11.48 -32.46
N ALA C 70 -28.94 12.47 -33.36
CA ALA C 70 -30.08 13.22 -33.91
C ALA C 70 -30.30 12.79 -35.36
N TYR C 71 -31.45 12.20 -35.66
CA TYR C 71 -31.82 11.75 -37.02
C TYR C 71 -32.77 12.75 -37.69
N LYS C 72 -32.59 12.95 -38.99
CA LYS C 72 -33.48 13.72 -39.88
C LYS C 72 -33.39 13.12 -41.30
N PHE C 73 -34.28 13.53 -42.20
CA PHE C 73 -34.27 13.16 -43.64
C PHE C 73 -33.84 14.40 -44.43
N GLN C 74 -32.74 14.30 -45.18
CA GLN C 74 -32.15 15.42 -45.91
C GLN C 74 -32.27 15.16 -47.41
N SER C 75 -33.02 16.04 -48.08
CA SER C 75 -33.02 16.20 -49.56
C SER C 75 -31.58 16.12 -50.05
N GLY C 76 -31.32 15.21 -50.99
CA GLY C 76 -30.01 15.10 -51.68
C GLY C 76 -29.09 14.10 -51.01
N THR C 77 -29.46 13.52 -49.86
CA THR C 77 -28.59 12.58 -49.10
C THR C 77 -29.35 11.33 -48.66
N GLY C 78 -30.49 11.49 -48.02
CA GLY C 78 -31.25 10.40 -47.37
C GLY C 78 -31.33 10.66 -45.88
N GLU C 79 -31.44 9.61 -45.08
CA GLU C 79 -31.47 9.70 -43.60
C GLU C 79 -30.08 10.18 -43.14
N VAL C 80 -30.01 11.25 -42.37
CA VAL C 80 -28.75 11.78 -41.80
C VAL C 80 -28.76 11.59 -40.27
N ALA C 81 -27.67 11.05 -39.74
CA ALA C 81 -27.43 10.85 -38.29
C ALA C 81 -26.38 11.87 -37.89
N THR C 82 -26.76 12.84 -37.07
CA THR C 82 -25.86 13.87 -36.52
C THR C 82 -25.42 13.34 -35.14
N PHE C 83 -24.15 12.99 -35.00
CA PHE C 83 -23.61 12.39 -33.74
C PHE C 83 -22.87 13.46 -32.93
N THR C 84 -23.37 13.74 -31.72
CA THR C 84 -22.71 14.59 -30.71
C THR C 84 -21.90 13.61 -29.86
N LEU C 85 -20.60 13.54 -30.06
CA LEU C 85 -19.75 12.45 -29.52
C LEU C 85 -19.66 12.58 -27.99
N ILE C 86 -19.50 11.46 -27.33
CA ILE C 86 -19.28 11.35 -25.87
C ILE C 86 -18.27 10.20 -25.70
N GLU C 87 -17.49 10.16 -24.62
CA GLU C 87 -16.54 9.04 -24.45
C GLU C 87 -17.36 7.77 -24.29
N GLN C 88 -16.79 6.61 -24.60
CA GLN C 88 -17.59 5.37 -24.78
C GLN C 88 -18.07 4.79 -23.44
N ASP C 89 -17.64 5.34 -22.31
CA ASP C 89 -18.13 4.94 -20.96
C ASP C 89 -19.24 5.90 -20.54
N GLY C 90 -19.44 7.01 -21.26
CA GLY C 90 -20.48 8.02 -21.00
C GLY C 90 -19.94 9.26 -20.30
N SER C 91 -18.65 9.30 -19.98
CA SER C 91 -17.96 10.55 -19.54
C SER C 91 -18.04 11.59 -20.65
N ALA C 92 -18.24 12.85 -20.26
CA ALA C 92 -18.29 14.01 -21.17
C ALA C 92 -17.02 13.97 -22.02
N TYR C 93 -17.12 14.23 -23.32
CA TYR C 93 -15.96 14.41 -24.22
C TYR C 93 -15.68 15.90 -24.25
N VAL C 94 -14.47 16.30 -23.91
CA VAL C 94 -13.99 17.70 -23.94
C VAL C 94 -12.80 17.74 -24.90
N PRO C 95 -12.81 18.59 -25.95
CA PRO C 95 -11.61 18.86 -26.74
C PRO C 95 -10.40 19.17 -25.83
N GLY C 96 -9.31 18.39 -25.96
CA GLY C 96 -8.11 18.50 -25.12
C GLY C 96 -6.87 17.98 -25.83
N ASP C 97 -6.13 17.08 -25.18
CA ASP C 97 -4.71 16.80 -25.54
C ASP C 97 -4.66 15.70 -26.60
N ARG C 98 -5.73 15.49 -27.36
CA ARG C 98 -5.77 14.40 -28.36
C ARG C 98 -6.77 14.75 -29.45
N ALA C 99 -6.82 13.94 -30.50
CA ALA C 99 -7.47 14.28 -31.78
C ALA C 99 -8.98 14.07 -31.68
N ALA C 100 -9.46 13.20 -30.78
CA ALA C 100 -10.85 12.71 -30.78
C ALA C 100 -11.17 11.97 -29.48
N PRO C 101 -12.43 11.51 -29.33
CA PRO C 101 -12.77 10.57 -28.27
C PRO C 101 -11.88 9.33 -28.35
N LEU C 102 -11.62 8.71 -27.20
CA LEU C 102 -10.83 7.47 -27.12
C LEU C 102 -11.45 6.43 -28.05
N GLY C 103 -10.62 5.75 -28.83
CA GLY C 103 -10.98 4.64 -29.72
C GLY C 103 -11.44 5.13 -31.09
N TYR C 104 -11.72 6.41 -31.29
CA TYR C 104 -12.21 6.92 -32.59
C TYR C 104 -11.25 6.49 -33.71
N PRO C 105 -11.77 6.05 -34.89
CA PRO C 105 -10.93 5.61 -35.99
C PRO C 105 -9.78 6.59 -36.26
N ASP C 106 -8.60 6.05 -36.55
CA ASP C 106 -7.37 6.83 -36.86
C ASP C 106 -6.94 6.52 -38.30
N PHE C 107 -7.88 6.11 -39.15
CA PHE C 107 -7.61 5.82 -40.58
C PHE C 107 -8.69 6.52 -41.40
N SER C 108 -8.63 6.45 -42.72
CA SER C 108 -9.57 7.12 -43.65
C SER C 108 -10.33 6.10 -44.50
N GLY C 109 -11.31 6.58 -45.24
CA GLY C 109 -12.16 5.80 -46.15
C GLY C 109 -13.59 6.04 -45.76
N GLN C 110 -14.49 5.18 -46.23
CA GLN C 110 -15.92 5.27 -45.87
C GLN C 110 -16.25 4.06 -45.00
N LEU C 111 -16.62 4.33 -43.76
CA LEU C 111 -16.86 3.31 -42.70
C LEU C 111 -18.37 3.05 -42.63
N GLU C 112 -18.80 1.80 -42.89
CA GLU C 112 -20.18 1.35 -42.59
C GLU C 112 -20.22 1.19 -41.07
N ILE C 113 -21.11 1.86 -40.36
CA ILE C 113 -21.27 1.73 -38.88
C ILE C 113 -22.66 1.14 -38.58
N GLU C 114 -22.79 0.44 -37.46
CA GLU C 114 -24.08 -0.06 -36.94
C GLU C 114 -24.39 0.60 -35.60
N VAL C 115 -25.63 1.00 -35.42
CA VAL C 115 -26.15 1.54 -34.12
C VAL C 115 -27.49 0.88 -33.84
N GLN C 116 -27.88 0.86 -32.55
CA GLN C 116 -29.28 0.57 -32.12
C GLN C 116 -30.14 1.80 -32.39
N THR C 117 -31.23 1.58 -33.15
CA THR C 117 -32.26 2.56 -33.56
C THR C 117 -33.61 2.04 -33.10
N GLU C 118 -34.28 2.85 -32.29
CA GLU C 118 -35.73 2.79 -32.06
C GLU C 118 -36.39 3.51 -33.24
N THR C 119 -37.46 2.90 -33.79
CA THR C 119 -38.34 3.50 -34.81
C THR C 119 -39.77 3.65 -34.24
N THR C 120 -40.53 4.60 -34.79
CA THR C 120 -41.97 4.88 -34.50
C THR C 120 -42.89 3.95 -35.33
N LYS C 121 -42.32 3.15 -36.25
CA LYS C 121 -43.09 2.22 -37.13
C LYS C 121 -43.62 1.04 -36.29
N THR C 122 -44.94 0.84 -36.36
CA THR C 122 -45.72 -0.20 -35.65
C THR C 122 -45.06 -1.58 -35.90
N GLY C 123 -44.65 -2.28 -34.83
CA GLY C 123 -44.03 -3.63 -34.89
C GLY C 123 -42.53 -3.62 -35.22
N ASP C 124 -41.92 -2.45 -35.41
CA ASP C 124 -40.48 -2.32 -35.76
C ASP C 124 -39.82 -1.47 -34.66
N LYS C 125 -40.05 -1.78 -33.36
CA LYS C 125 -39.67 -0.88 -32.22
C LYS C 125 -38.13 -0.67 -32.17
N LEU C 126 -37.37 -1.75 -32.00
CA LEU C 126 -35.89 -1.77 -31.91
C LEU C 126 -35.32 -2.59 -33.05
N LYS C 127 -34.42 -1.98 -33.84
CA LYS C 127 -33.61 -2.67 -34.87
C LYS C 127 -32.19 -2.11 -34.85
N VAL C 128 -31.33 -2.69 -35.67
CA VAL C 128 -29.97 -2.17 -35.97
C VAL C 128 -30.03 -1.51 -37.33
N THR C 129 -29.60 -0.25 -37.43
CA THR C 129 -29.50 0.48 -38.71
C THR C 129 -28.03 0.67 -39.04
N THR C 130 -27.69 0.45 -40.31
CA THR C 130 -26.35 0.67 -40.91
C THR C 130 -26.31 2.06 -41.57
N PHE C 131 -25.25 2.82 -41.29
CA PHE C 131 -24.98 4.16 -41.87
C PHE C 131 -23.59 4.14 -42.51
N GLU C 132 -23.35 5.01 -43.49
CA GLU C 132 -22.01 5.24 -44.08
C GLU C 132 -21.45 6.53 -43.46
N MET C 133 -20.18 6.51 -43.09
CA MET C 133 -19.55 7.67 -42.42
C MET C 133 -18.27 7.95 -43.19
N ILE C 134 -18.14 9.10 -43.82
CA ILE C 134 -16.89 9.49 -44.52
C ILE C 134 -15.91 9.91 -43.42
N LEU C 135 -14.84 9.14 -43.18
CA LEU C 135 -13.83 9.44 -42.14
C LEU C 135 -12.93 10.56 -42.63
N GLY C 136 -12.63 10.53 -43.93
CA GLY C 136 -11.63 11.37 -44.60
C GLY C 136 -10.95 10.55 -45.71
N PRO C 137 -9.66 10.86 -46.07
CA PRO C 137 -8.94 12.02 -45.53
C PRO C 137 -9.55 13.28 -46.17
N THR C 138 -9.97 13.13 -47.44
CA THR C 138 -11.08 13.85 -48.12
C THR C 138 -12.00 14.44 -47.04
N THR C 139 -11.52 15.50 -46.38
CA THR C 139 -12.30 16.29 -45.39
C THR C 139 -13.74 16.42 -45.92
N ASN C 140 -13.94 17.40 -46.82
CA ASN C 140 -15.21 17.75 -47.52
C ASN C 140 -16.36 17.79 -46.51
N ALA C 141 -17.20 16.74 -46.48
CA ALA C 141 -18.35 16.53 -45.55
C ALA C 141 -18.44 17.67 -44.52
N ASP C 142 -17.60 17.59 -43.47
CA ASP C 142 -17.60 18.42 -42.24
C ASP C 142 -17.54 17.48 -41.02
N GLN C 143 -16.59 16.53 -41.01
CA GLN C 143 -16.33 15.74 -39.78
C GLN C 143 -15.48 16.60 -38.84
N ALA C 144 -15.83 16.65 -37.55
CA ALA C 144 -15.02 17.38 -36.57
C ALA C 144 -15.04 16.61 -35.27
N PRO C 145 -14.56 15.35 -35.26
CA PRO C 145 -14.62 14.54 -34.05
C PRO C 145 -13.82 15.18 -32.92
N TYR C 146 -12.84 15.99 -33.29
CA TYR C 146 -12.07 16.78 -32.28
C TYR C 146 -13.04 17.69 -31.53
N GLN C 147 -13.92 18.41 -32.24
CA GLN C 147 -14.99 19.27 -31.63
C GLN C 147 -16.16 18.41 -31.09
N GLY C 148 -16.17 17.09 -31.28
CA GLY C 148 -17.24 16.20 -30.77
C GLY C 148 -18.46 16.10 -31.68
N ARG C 149 -18.33 16.41 -32.96
CA ARG C 149 -19.47 16.44 -33.93
C ARG C 149 -19.09 15.64 -35.18
N VAL C 150 -19.80 14.55 -35.49
CA VAL C 150 -19.64 13.76 -36.74
C VAL C 150 -21.02 13.41 -37.33
N PHE C 151 -21.02 13.11 -38.63
N PHE C 151 -21.06 13.12 -38.63
CA PHE C 151 -22.23 12.86 -39.45
CA PHE C 151 -22.31 12.88 -39.40
C PHE C 151 -22.07 11.50 -40.14
C PHE C 151 -22.13 11.62 -40.26
N ALA C 152 -23.17 10.77 -40.31
CA ALA C 152 -23.26 9.55 -41.15
C ALA C 152 -24.57 9.64 -41.95
N SER C 153 -24.73 8.86 -43.02
CA SER C 153 -25.96 8.89 -43.82
C SER C 153 -26.27 7.54 -44.45
N VAL C 154 -27.49 7.37 -44.93
CA VAL C 154 -27.89 6.19 -45.75
C VAL C 154 -28.89 6.64 -46.81
N THR C 155 -28.62 6.27 -48.06
CA THR C 155 -29.53 6.47 -49.21
C THR C 155 -30.91 5.89 -48.82
N ALA C 156 -31.94 6.72 -48.89
CA ALA C 156 -33.33 6.36 -48.58
C ALA C 156 -34.24 7.32 -49.35
N ALA C 157 -35.44 6.84 -49.71
CA ALA C 157 -36.42 7.60 -50.53
C ALA C 157 -37.25 8.51 -49.63
N ALA C 158 -37.47 8.09 -48.37
CA ALA C 158 -38.22 8.83 -47.32
C ALA C 158 -37.64 8.54 -45.93
N SER C 159 -37.92 9.42 -44.97
CA SER C 159 -37.53 9.26 -43.55
C SER C 159 -37.62 7.80 -43.13
N LEU C 160 -36.65 7.31 -42.35
CA LEU C 160 -36.67 5.97 -41.71
C LEU C 160 -37.44 6.03 -40.39
N ASP C 161 -37.92 7.20 -39.96
CA ASP C 161 -38.76 7.37 -38.74
C ASP C 161 -38.01 6.89 -37.49
N LEU C 162 -36.75 7.31 -37.33
CA LEU C 162 -35.89 6.90 -36.18
C LEU C 162 -36.07 7.87 -35.03
N VAL C 163 -35.97 7.36 -33.81
CA VAL C 163 -36.04 8.16 -32.55
C VAL C 163 -34.62 8.58 -32.16
N ASP C 164 -34.38 9.88 -31.99
CA ASP C 164 -33.15 10.44 -31.35
C ASP C 164 -32.85 9.70 -30.04
N GLY C 165 -31.58 9.66 -29.66
CA GLY C 165 -31.12 9.04 -28.41
C GLY C 165 -29.69 8.54 -28.49
N ARG C 166 -29.31 7.82 -27.44
CA ARG C 166 -27.95 7.34 -27.15
C ARG C 166 -27.62 6.20 -28.10
N VAL C 167 -26.38 6.15 -28.59
CA VAL C 167 -25.87 5.00 -29.41
C VAL C 167 -24.41 4.71 -29.07
N ARG C 168 -24.07 3.44 -29.31
CA ARG C 168 -22.72 2.92 -29.56
C ARG C 168 -22.66 2.54 -31.05
N ALA C 169 -21.73 3.12 -31.79
CA ALA C 169 -21.45 2.83 -33.21
C ALA C 169 -20.21 1.94 -33.29
N VAL C 170 -20.37 0.78 -33.91
CA VAL C 170 -19.30 -0.22 -34.16
C VAL C 170 -19.14 -0.31 -35.67
N PRO C 171 -17.93 -0.65 -36.16
CA PRO C 171 -17.63 -0.72 -37.59
C PRO C 171 -18.08 -2.03 -38.25
N ARG C 172 -18.82 -1.93 -39.34
CA ARG C 172 -19.33 -3.11 -40.08
C ARG C 172 -18.33 -3.45 -41.19
N SER C 173 -17.85 -2.42 -41.88
CA SER C 173 -17.01 -2.60 -43.07
C SER C 173 -16.30 -1.30 -43.39
N ILE C 174 -15.20 -1.40 -44.15
CA ILE C 174 -14.51 -0.18 -44.64
C ILE C 174 -14.51 -0.23 -46.17
N TYR C 175 -14.66 0.93 -46.79
CA TYR C 175 -14.67 1.14 -48.26
C TYR C 175 -13.63 2.21 -48.60
N GLY C 176 -12.72 1.94 -49.54
CA GLY C 176 -11.64 2.84 -49.94
C GLY C 176 -10.72 3.16 -48.77
N PHE C 177 -10.42 2.14 -47.94
CA PHE C 177 -9.54 2.30 -46.76
C PHE C 177 -8.25 2.99 -47.21
N GLN C 178 -7.77 3.96 -46.44
CA GLN C 178 -6.41 4.48 -46.56
C GLN C 178 -5.87 4.63 -45.14
N ASP C 179 -4.64 4.19 -44.90
CA ASP C 179 -4.02 4.25 -43.55
C ASP C 179 -3.36 5.62 -43.40
N THR C 180 -4.17 6.67 -43.39
CA THR C 180 -3.74 8.06 -43.15
C THR C 180 -4.81 8.64 -42.22
N ILE C 181 -4.40 9.52 -41.30
CA ILE C 181 -5.32 10.00 -40.22
C ILE C 181 -6.53 10.66 -40.89
N PRO C 182 -7.72 10.51 -40.29
CA PRO C 182 -8.92 11.16 -40.82
C PRO C 182 -8.90 12.67 -40.62
N GLU C 183 -9.99 13.32 -41.05
CA GLU C 183 -10.35 14.74 -40.79
C GLU C 183 -10.76 14.84 -39.32
N TYR C 184 -9.92 15.42 -38.46
CA TYR C 184 -10.22 15.42 -37.00
C TYR C 184 -10.98 16.71 -36.66
N ASN C 185 -10.69 17.81 -37.34
CA ASN C 185 -11.14 19.15 -36.93
C ASN C 185 -11.32 20.02 -38.17
N ASP C 186 -12.20 19.62 -39.08
CA ASP C 186 -12.55 20.43 -40.29
C ASP C 186 -11.31 20.99 -40.96
N GLY C 187 -10.26 20.20 -41.12
CA GLY C 187 -9.05 20.59 -41.87
C GLY C 187 -8.06 21.38 -41.03
N LEU C 188 -8.42 21.71 -39.79
CA LEU C 188 -7.51 22.36 -38.82
C LEU C 188 -6.71 21.29 -38.05
N LEU C 189 -5.72 21.75 -37.33
CA LEU C 189 -4.69 20.92 -36.67
C LEU C 189 -5.18 20.57 -35.26
N VAL C 190 -4.88 19.36 -34.80
CA VAL C 190 -5.26 18.84 -33.44
C VAL C 190 -4.02 18.25 -32.80
N PRO C 191 -3.95 18.15 -31.46
CA PRO C 191 -2.91 17.38 -30.79
C PRO C 191 -2.91 15.90 -31.23
N LEU C 192 -1.73 15.35 -31.49
CA LEU C 192 -1.53 13.97 -32.02
C LEU C 192 -0.41 13.28 -31.23
N ALA C 193 -0.52 11.97 -31.02
CA ALA C 193 0.66 11.13 -30.76
C ALA C 193 1.65 11.38 -31.90
N PRO C 194 2.96 11.42 -31.60
CA PRO C 194 3.95 11.75 -32.64
C PRO C 194 4.10 10.56 -33.59
N PRO C 195 4.67 10.76 -34.81
CA PRO C 195 4.93 9.64 -35.71
C PRO C 195 5.76 8.57 -34.99
N ILE C 196 5.52 7.31 -35.30
CA ILE C 196 6.28 6.16 -34.76
C ILE C 196 7.74 6.27 -35.27
N GLY C 197 8.69 6.13 -34.36
CA GLY C 197 10.14 6.29 -34.57
C GLY C 197 10.77 7.18 -33.50
N PRO C 198 12.09 7.48 -33.63
CA PRO C 198 12.85 7.09 -34.81
C PRO C 198 13.39 5.65 -34.79
N PHE C 199 14.02 5.28 -35.89
CA PHE C 199 14.66 3.98 -36.15
C PHE C 199 16.16 4.19 -36.37
N LEU C 200 16.99 3.27 -35.86
CA LEU C 200 18.42 3.23 -36.28
C LEU C 200 18.46 2.86 -37.76
N PRO C 201 19.58 3.13 -38.45
CA PRO C 201 19.84 2.60 -39.78
C PRO C 201 19.62 1.08 -39.85
N GLY C 202 18.85 0.63 -40.83
CA GLY C 202 18.53 -0.81 -40.94
C GLY C 202 17.47 -1.29 -39.96
N GLU C 203 16.90 -0.45 -39.09
CA GLU C 203 15.77 -0.88 -38.23
C GLU C 203 14.44 -0.59 -38.94
N VAL C 204 13.45 -1.46 -38.81
CA VAL C 204 12.09 -1.30 -39.37
C VAL C 204 11.05 -1.68 -38.31
N LEU C 205 9.86 -1.08 -38.42
CA LEU C 205 8.70 -1.30 -37.51
C LEU C 205 8.25 -2.75 -37.62
N LEU C 206 8.05 -3.39 -36.48
CA LEU C 206 7.34 -4.69 -36.35
C LEU C 206 5.84 -4.41 -36.38
N ARG C 207 5.12 -5.12 -37.24
CA ARG C 207 3.67 -4.91 -37.46
C ARG C 207 2.87 -6.10 -36.96
N PHE C 208 1.87 -5.83 -36.11
CA PHE C 208 0.75 -6.76 -35.80
C PHE C 208 -0.41 -6.43 -36.76
N ARG C 209 -0.78 -7.42 -37.57
CA ARG C 209 -1.68 -7.24 -38.74
C ARG C 209 -2.99 -7.97 -38.49
N THR C 210 -4.09 -7.29 -38.80
CA THR C 210 -5.42 -7.90 -38.95
C THR C 210 -5.95 -7.51 -40.33
N TYR C 211 -7.15 -7.99 -40.63
CA TYR C 211 -7.81 -7.82 -41.95
C TYR C 211 -9.24 -7.32 -41.72
N MET C 212 -9.60 -6.21 -42.36
CA MET C 212 -10.88 -5.51 -42.09
C MET C 212 -11.95 -6.01 -43.07
N ARG C 213 -13.14 -6.28 -42.55
CA ARG C 213 -14.35 -6.44 -43.41
C ARG C 213 -14.40 -5.26 -44.38
N GLN C 214 -14.56 -5.50 -45.68
CA GLN C 214 -14.55 -4.40 -46.67
C GLN C 214 -15.71 -4.51 -47.67
N ILE C 215 -16.08 -3.39 -48.23
CA ILE C 215 -16.88 -3.29 -49.49
C ILE C 215 -15.88 -2.96 -50.57
N ASP C 216 -15.91 -3.70 -51.66
CA ASP C 216 -15.02 -3.46 -52.83
C ASP C 216 -15.78 -3.88 -54.09
N THR C 217 -15.70 -3.08 -55.15
CA THR C 217 -16.37 -3.37 -56.45
C THR C 217 -15.52 -4.31 -57.33
N ALA C 218 -14.23 -4.53 -57.03
CA ALA C 218 -13.43 -5.66 -57.58
C ALA C 218 -13.33 -6.78 -56.53
N ASP C 219 -12.96 -8.01 -56.94
CA ASP C 219 -12.66 -9.17 -56.03
C ASP C 219 -11.27 -8.96 -55.40
N ALA C 220 -11.18 -8.15 -54.37
CA ALA C 220 -9.90 -7.73 -53.79
C ALA C 220 -9.41 -8.77 -52.78
N ALA C 221 -8.11 -8.80 -52.59
CA ALA C 221 -7.46 -9.51 -51.47
C ALA C 221 -7.93 -8.88 -50.15
N ALA C 222 -7.70 -9.60 -49.05
CA ALA C 222 -7.91 -9.10 -47.68
C ALA C 222 -7.25 -7.71 -47.56
N GLU C 223 -7.89 -6.79 -46.83
CA GLU C 223 -7.40 -5.42 -46.57
C GLU C 223 -6.68 -5.40 -45.20
N ALA C 224 -5.35 -5.38 -45.22
CA ALA C 224 -4.46 -5.35 -44.03
C ALA C 224 -4.58 -4.00 -43.29
N ILE C 225 -4.59 -4.04 -41.97
CA ILE C 225 -4.31 -2.84 -41.11
C ILE C 225 -3.30 -3.29 -40.06
N ASP C 226 -2.30 -2.47 -39.79
CA ASP C 226 -1.20 -2.80 -38.85
C ASP C 226 -1.34 -1.97 -37.60
N CYS C 227 -0.85 -2.49 -36.47
CA CYS C 227 -0.61 -1.68 -35.24
C CYS C 227 0.74 -2.06 -34.63
N ALA C 228 1.26 -1.16 -33.80
CA ALA C 228 2.60 -1.21 -33.17
C ALA C 228 2.61 -2.27 -32.08
N LEU C 229 1.50 -2.43 -31.34
CA LEU C 229 1.42 -3.38 -30.20
C LEU C 229 0.01 -3.98 -30.15
N PRO C 230 -0.15 -5.25 -29.72
CA PRO C 230 -1.46 -5.79 -29.44
C PRO C 230 -2.08 -5.03 -28.27
N GLN C 231 -3.41 -5.04 -28.19
CA GLN C 231 -4.15 -4.28 -27.16
C GLN C 231 -3.77 -4.81 -25.77
N GLU C 232 -3.41 -6.09 -25.66
CA GLU C 232 -3.03 -6.73 -24.37
C GLU C 232 -1.76 -6.10 -23.81
N PHE C 233 -0.81 -5.69 -24.67
CA PHE C 233 0.43 -4.97 -24.25
C PHE C 233 0.04 -3.58 -23.75
N VAL C 234 -0.84 -2.90 -24.49
CA VAL C 234 -1.35 -1.55 -24.07
C VAL C 234 -1.85 -1.62 -22.61
N SER C 235 -2.80 -2.52 -22.31
CA SER C 235 -3.45 -2.64 -20.98
C SER C 235 -2.44 -3.08 -19.91
N TRP C 236 -1.54 -4.00 -20.26
CA TRP C 236 -0.40 -4.46 -19.41
C TRP C 236 0.47 -3.28 -18.95
N PHE C 237 0.92 -2.45 -19.87
CA PHE C 237 1.80 -1.30 -19.52
C PHE C 237 1.01 -0.28 -18.71
N ALA C 238 -0.27 -0.04 -19.05
CA ALA C 238 -1.12 0.98 -18.37
C ALA C 238 -1.32 0.59 -16.89
N SER C 239 -1.60 -0.68 -16.63
CA SER C 239 -1.79 -1.21 -15.26
C SER C 239 -0.46 -1.13 -14.48
N ASN C 240 0.65 -1.49 -15.14
CA ASN C 240 1.92 -1.85 -14.45
C ASN C 240 2.73 -0.63 -14.00
N ALA C 241 2.63 0.53 -14.67
CA ALA C 241 3.45 1.70 -14.28
C ALA C 241 4.92 1.29 -14.02
N PHE C 242 5.57 0.59 -14.96
CA PHE C 242 7.01 0.25 -14.86
C PHE C 242 7.90 1.50 -14.94
N THR C 243 9.12 1.38 -14.39
CA THR C 243 10.15 2.46 -14.35
C THR C 243 10.97 2.37 -15.62
N VAL C 244 11.30 3.51 -16.23
CA VAL C 244 12.10 3.62 -17.49
C VAL C 244 13.57 3.72 -17.08
N GLN C 245 14.42 2.78 -17.50
CA GLN C 245 15.85 2.74 -17.09
C GLN C 245 16.78 2.95 -18.28
N SER C 246 16.34 2.79 -19.52
CA SER C 246 17.08 3.29 -20.71
C SER C 246 16.09 3.55 -21.85
N GLU C 247 16.57 3.70 -23.09
CA GLU C 247 15.79 4.15 -24.28
C GLU C 247 14.97 2.99 -24.86
N ALA C 248 15.37 1.75 -24.56
CA ALA C 248 14.86 0.54 -25.24
C ALA C 248 15.05 -0.70 -24.35
N LEU C 249 14.16 -1.66 -24.56
CA LEU C 249 14.19 -3.02 -24.01
C LEU C 249 14.58 -3.98 -25.14
N LEU C 250 15.56 -4.82 -24.89
CA LEU C 250 15.88 -5.94 -25.79
C LEU C 250 14.82 -7.02 -25.53
N LEU C 251 14.12 -7.45 -26.56
CA LEU C 251 13.14 -8.56 -26.44
C LEU C 251 13.64 -9.70 -27.31
N ARG C 252 13.31 -10.92 -26.89
CA ARG C 252 13.45 -12.12 -27.73
C ARG C 252 12.05 -12.68 -27.99
N TYR C 253 11.79 -13.04 -29.23
CA TYR C 253 10.56 -13.73 -29.69
C TYR C 253 10.95 -15.18 -29.92
N ARG C 254 10.34 -16.08 -29.15
CA ARG C 254 10.84 -17.47 -28.96
C ARG C 254 9.63 -18.40 -29.07
N ASN C 255 9.76 -19.55 -29.77
CA ASN C 255 8.78 -20.66 -29.69
C ASN C 255 8.93 -21.36 -28.33
N THR C 256 7.88 -21.45 -27.52
CA THR C 256 7.92 -21.98 -26.11
C THR C 256 8.13 -23.51 -26.14
N LEU C 257 7.61 -24.18 -27.17
CA LEU C 257 7.63 -25.67 -27.26
C LEU C 257 9.03 -26.16 -27.62
N THR C 258 9.65 -25.59 -28.67
CA THR C 258 10.97 -26.01 -29.24
C THR C 258 12.11 -25.20 -28.60
N GLY C 259 11.84 -24.04 -27.98
CA GLY C 259 12.86 -23.12 -27.41
C GLY C 259 13.66 -22.32 -28.45
N GLN C 260 13.44 -22.55 -29.75
CA GLN C 260 14.13 -21.89 -30.87
C GLN C 260 13.84 -20.38 -30.84
N LEU C 261 14.89 -19.58 -30.73
CA LEU C 261 14.86 -18.10 -30.89
C LEU C 261 14.48 -17.76 -32.33
N LEU C 262 13.43 -16.98 -32.55
CA LEU C 262 12.98 -16.64 -33.92
C LEU C 262 13.59 -15.31 -34.32
N PHE C 263 13.68 -14.36 -33.38
CA PHE C 263 14.41 -13.06 -33.56
C PHE C 263 14.53 -12.33 -32.22
N GLU C 264 15.41 -11.33 -32.22
CA GLU C 264 15.48 -10.32 -31.14
C GLU C 264 15.07 -8.97 -31.73
N CYS C 265 14.59 -8.09 -30.87
CA CYS C 265 14.05 -6.78 -31.29
C CYS C 265 14.17 -5.82 -30.12
N LYS C 266 13.96 -4.55 -30.41
CA LYS C 266 13.95 -3.46 -29.41
C LYS C 266 12.54 -2.89 -29.30
N LEU C 267 12.03 -2.88 -28.06
CA LEU C 267 10.85 -2.11 -27.69
C LEU C 267 11.38 -0.77 -27.19
N TYR C 268 11.25 0.26 -28.02
CA TYR C 268 11.54 1.66 -27.65
C TYR C 268 10.48 2.13 -26.65
N ASN C 269 10.84 3.10 -25.81
CA ASN C 269 10.01 3.66 -24.71
C ASN C 269 8.66 4.15 -25.23
N GLU C 270 8.63 4.78 -26.40
CA GLU C 270 7.42 5.42 -26.99
C GLU C 270 6.45 4.38 -27.56
N GLY C 271 6.73 3.07 -27.43
CA GLY C 271 5.73 1.99 -27.58
C GLY C 271 5.76 1.28 -28.93
N TYR C 272 6.91 1.14 -29.56
CA TYR C 272 7.03 0.49 -30.89
C TYR C 272 8.27 -0.42 -30.85
N ILE C 273 8.18 -1.52 -31.56
CA ILE C 273 9.25 -2.53 -31.71
C ILE C 273 9.93 -2.34 -33.07
N ALA C 274 11.27 -2.40 -33.04
CA ALA C 274 12.15 -2.34 -34.23
C ALA C 274 12.89 -3.67 -34.35
N LEU C 275 12.92 -4.23 -35.56
CA LEU C 275 13.82 -5.32 -35.96
C LEU C 275 14.88 -4.76 -36.91
N SER C 276 16.02 -5.43 -36.99
CA SER C 276 17.09 -5.12 -37.98
C SER C 276 16.86 -6.00 -39.20
N TYR C 277 16.52 -5.38 -40.33
CA TYR C 277 16.11 -6.12 -41.54
C TYR C 277 16.34 -5.22 -42.76
N SER C 278 17.12 -5.68 -43.73
CA SER C 278 17.51 -4.90 -44.92
C SER C 278 17.00 -5.57 -46.20
N GLY C 279 16.16 -6.59 -46.12
CA GLY C 279 15.52 -7.23 -47.30
C GLY C 279 14.63 -6.26 -48.07
N SER C 280 14.25 -6.61 -49.31
CA SER C 280 13.52 -5.70 -50.23
C SER C 280 12.02 -5.72 -49.92
N GLY C 281 11.45 -6.92 -49.76
CA GLY C 281 10.01 -7.11 -49.58
C GLY C 281 9.67 -7.51 -48.16
N PRO C 282 8.41 -7.92 -47.91
CA PRO C 282 7.97 -8.26 -46.58
C PRO C 282 8.59 -9.57 -46.08
N LEU C 283 8.70 -9.70 -44.76
CA LEU C 283 9.12 -10.94 -44.07
C LEU C 283 8.12 -11.14 -42.92
N THR C 284 7.39 -12.25 -42.97
CA THR C 284 6.36 -12.65 -41.99
C THR C 284 7.03 -13.54 -40.94
N PHE C 285 6.46 -13.58 -39.74
CA PHE C 285 6.94 -14.37 -38.60
C PHE C 285 5.81 -15.28 -38.15
N PRO C 286 6.12 -16.48 -37.62
CA PRO C 286 5.15 -17.29 -36.91
C PRO C 286 4.48 -16.45 -35.82
N THR C 287 3.17 -16.68 -35.58
CA THR C 287 2.35 -15.86 -34.64
C THR C 287 2.21 -16.63 -33.32
N ASP C 288 2.91 -17.75 -33.14
CA ASP C 288 2.69 -18.68 -31.99
C ASP C 288 3.90 -18.66 -31.04
N GLY C 289 4.74 -17.60 -31.12
CA GLY C 289 5.85 -17.38 -30.20
C GLY C 289 5.41 -16.56 -29.01
N ILE C 290 6.35 -16.23 -28.13
CA ILE C 290 6.16 -15.39 -26.91
C ILE C 290 7.26 -14.34 -26.92
N PHE C 291 6.91 -13.08 -26.63
CA PHE C 291 7.90 -12.02 -26.36
C PHE C 291 8.34 -12.13 -24.90
N GLU C 292 9.66 -12.17 -24.67
CA GLU C 292 10.28 -12.11 -23.32
C GLU C 292 11.26 -10.95 -23.28
N VAL C 293 11.20 -10.15 -22.23
CA VAL C 293 12.15 -9.04 -21.93
C VAL C 293 13.48 -9.66 -21.54
N VAL C 294 14.58 -9.21 -22.15
CA VAL C 294 15.95 -9.64 -21.76
C VAL C 294 16.50 -8.63 -20.77
N SER C 295 16.65 -7.38 -21.19
CA SER C 295 17.09 -6.26 -20.33
C SER C 295 16.91 -4.92 -21.03
N TRP C 296 17.10 -3.85 -20.28
CA TRP C 296 17.26 -2.50 -20.84
C TRP C 296 18.55 -2.51 -21.61
N VAL C 297 18.62 -1.72 -22.68
CA VAL C 297 19.80 -1.59 -23.59
C VAL C 297 19.80 -0.15 -24.05
N PRO C 298 20.95 0.39 -24.53
CA PRO C 298 20.97 1.74 -25.07
C PRO C 298 20.18 1.85 -26.39
N ARG C 299 19.76 3.08 -26.71
CA ARG C 299 19.20 3.49 -28.02
C ARG C 299 20.02 2.88 -29.17
N LEU C 300 21.34 2.88 -29.06
CA LEU C 300 22.25 2.53 -30.18
C LEU C 300 22.56 1.03 -30.18
N TYR C 301 21.91 0.25 -29.34
CA TYR C 301 22.10 -1.23 -29.34
C TYR C 301 21.84 -1.71 -30.78
N GLN C 302 22.78 -2.50 -31.34
CA GLN C 302 22.70 -3.00 -32.72
C GLN C 302 22.15 -4.42 -32.65
N LEU C 303 20.97 -4.67 -33.24
CA LEU C 303 20.30 -5.99 -33.21
C LEU C 303 20.97 -6.89 -34.23
N ALA C 304 20.86 -8.20 -34.01
CA ALA C 304 21.16 -9.24 -35.03
C ALA C 304 20.09 -9.15 -36.13
N SER C 305 20.52 -9.07 -37.38
CA SER C 305 19.67 -9.08 -38.60
C SER C 305 18.78 -10.32 -38.65
N VAL C 306 17.60 -10.23 -39.29
CA VAL C 306 16.66 -11.37 -39.59
C VAL C 306 16.63 -11.61 -41.11
N ARG D 4 4.73 -15.36 -4.78
CA ARG D 4 4.16 -14.16 -5.49
C ARG D 4 2.65 -14.10 -5.25
N MET D 5 2.18 -13.00 -4.63
CA MET D 5 0.77 -12.72 -4.25
C MET D 5 -0.04 -12.32 -5.51
N VAL D 6 -1.29 -12.79 -5.60
CA VAL D 6 -2.25 -12.36 -6.65
C VAL D 6 -2.37 -10.82 -6.57
N ASP D 7 -2.37 -10.17 -7.73
CA ASP D 7 -2.82 -8.76 -7.87
C ASP D 7 -3.82 -8.71 -9.03
N LEU D 8 -4.55 -7.61 -9.15
CA LEU D 8 -5.51 -7.37 -10.26
C LEU D 8 -5.06 -6.14 -11.04
N PRO D 9 -5.47 -6.05 -12.32
CA PRO D 9 -5.17 -4.86 -13.10
C PRO D 9 -5.77 -3.61 -12.43
N VAL D 10 -5.06 -2.50 -12.46
CA VAL D 10 -5.54 -1.19 -11.94
C VAL D 10 -6.41 -0.55 -13.02
N ILE D 11 -7.64 -1.02 -13.18
CA ILE D 11 -8.54 -0.55 -14.25
C ILE D 11 -9.95 -0.49 -13.70
N GLN D 12 -10.66 0.61 -13.97
CA GLN D 12 -12.07 0.77 -13.53
C GLN D 12 -12.95 -0.17 -14.37
N PRO D 13 -13.98 -0.82 -13.77
CA PRO D 13 -14.90 -1.66 -14.52
C PRO D 13 -15.50 -1.00 -15.78
N ARG D 14 -15.76 0.29 -15.74
CA ARG D 14 -16.37 1.03 -16.88
C ARG D 14 -15.41 1.13 -18.07
N LEU D 15 -14.12 0.78 -17.89
CA LEU D 15 -13.08 0.86 -18.95
C LEU D 15 -12.72 -0.54 -19.43
N CYS D 16 -13.37 -1.56 -18.88
CA CYS D 16 -13.08 -2.99 -19.15
C CYS D 16 -13.95 -3.52 -20.31
N THR D 17 -13.62 -4.72 -20.73
CA THR D 17 -14.22 -5.49 -21.85
C THR D 17 -15.15 -6.55 -21.25
N HIS D 18 -16.38 -6.61 -21.75
CA HIS D 18 -17.35 -7.65 -21.34
C HIS D 18 -16.87 -8.99 -21.86
N ALA D 19 -17.14 -10.06 -21.11
CA ALA D 19 -16.58 -11.41 -21.40
C ALA D 19 -17.58 -12.32 -22.12
N ARG D 20 -18.84 -11.91 -22.34
CA ARG D 20 -19.82 -12.82 -23.01
C ARG D 20 -20.43 -12.21 -24.27
N TRP D 21 -20.45 -10.87 -24.36
CA TRP D 21 -20.79 -10.09 -25.59
C TRP D 21 -19.72 -9.01 -25.80
N PRO D 22 -19.24 -8.79 -27.06
CA PRO D 22 -18.12 -7.89 -27.34
C PRO D 22 -18.51 -6.41 -27.31
N ALA D 23 -18.62 -5.87 -26.10
CA ALA D 23 -18.92 -4.46 -25.84
C ALA D 23 -18.31 -4.07 -24.52
N PRO D 24 -18.29 -2.76 -24.21
CA PRO D 24 -17.86 -2.29 -22.89
C PRO D 24 -18.72 -2.86 -21.74
N VAL D 25 -18.09 -2.99 -20.57
CA VAL D 25 -18.81 -3.15 -19.29
C VAL D 25 -19.46 -1.80 -19.01
N TYR D 26 -20.77 -1.77 -18.76
CA TYR D 26 -21.50 -0.53 -18.43
C TYR D 26 -22.02 -0.54 -16.98
N GLY D 27 -22.22 -1.71 -16.36
CA GLY D 27 -22.83 -1.82 -15.04
C GLY D 27 -22.09 -2.80 -14.15
N LEU D 28 -22.22 -2.59 -12.85
CA LEU D 28 -21.67 -3.49 -11.82
C LEU D 28 -22.76 -3.61 -10.74
N LEU D 29 -23.21 -4.83 -10.40
CA LEU D 29 -24.38 -5.01 -9.52
C LEU D 29 -24.48 -6.43 -8.98
N VAL D 30 -25.28 -6.55 -7.92
CA VAL D 30 -25.85 -7.84 -7.40
C VAL D 30 -27.36 -7.75 -7.63
N ASP D 31 -27.98 -8.85 -8.07
CA ASP D 31 -29.45 -9.01 -8.23
C ASP D 31 -29.84 -10.44 -7.83
N PRO D 32 -30.25 -10.67 -6.55
CA PRO D 32 -30.54 -12.01 -6.07
C PRO D 32 -31.80 -12.63 -6.70
N SER D 33 -32.68 -11.80 -7.24
CA SER D 33 -33.91 -12.22 -8.00
C SER D 33 -33.54 -13.01 -9.27
N LEU D 34 -32.28 -12.96 -9.73
CA LEU D 34 -31.82 -13.65 -10.97
C LEU D 34 -31.29 -15.02 -10.58
N PRO D 35 -31.12 -15.96 -11.53
CA PRO D 35 -30.51 -17.26 -11.23
C PRO D 35 -29.14 -17.10 -10.56
N SER D 36 -29.01 -17.74 -9.40
CA SER D 36 -27.92 -17.59 -8.41
C SER D 36 -26.63 -18.26 -8.90
N ASN D 37 -26.74 -19.27 -9.76
CA ASN D 37 -25.65 -20.22 -10.12
C ASN D 37 -25.61 -20.46 -11.63
N PRO D 38 -25.43 -19.41 -12.48
CA PRO D 38 -25.51 -19.60 -13.94
C PRO D 38 -24.40 -20.52 -14.47
N GLN D 39 -24.64 -21.14 -15.64
CA GLN D 39 -23.71 -22.11 -16.30
C GLN D 39 -23.05 -21.45 -17.53
N TRP D 40 -22.70 -20.16 -17.42
CA TRP D 40 -21.92 -19.44 -18.46
C TRP D 40 -20.66 -20.22 -18.84
N GLN D 41 -20.36 -20.32 -20.14
CA GLN D 41 -19.16 -21.04 -20.65
C GLN D 41 -18.04 -20.06 -21.07
N ASN D 42 -18.35 -18.76 -21.22
CA ASN D 42 -17.34 -17.70 -21.51
C ASN D 42 -17.15 -16.84 -20.25
N GLY D 43 -16.02 -16.15 -20.16
CA GLY D 43 -15.68 -15.34 -18.97
C GLY D 43 -15.50 -16.23 -17.74
N ARG D 44 -15.04 -17.45 -17.94
CA ARG D 44 -14.80 -18.49 -16.90
C ARG D 44 -13.31 -18.80 -16.84
N VAL D 45 -12.65 -18.42 -15.75
CA VAL D 45 -11.19 -18.68 -15.55
C VAL D 45 -10.90 -18.97 -14.07
N HIS D 46 -9.98 -19.90 -13.80
CA HIS D 46 -9.42 -20.16 -12.45
C HIS D 46 -8.41 -19.05 -12.16
N VAL D 47 -8.30 -18.59 -10.91
CA VAL D 47 -7.37 -17.46 -10.58
C VAL D 47 -5.95 -17.91 -10.93
N ASP D 48 -5.71 -19.21 -11.01
CA ASP D 48 -4.40 -19.80 -11.38
C ASP D 48 -4.10 -19.52 -12.86
N GLY D 49 -5.10 -19.11 -13.64
CA GLY D 49 -4.92 -18.64 -15.04
C GLY D 49 -5.37 -19.68 -16.06
N THR D 50 -5.88 -20.83 -15.61
CA THR D 50 -6.46 -21.87 -16.50
C THR D 50 -7.84 -21.41 -16.98
N LEU D 51 -8.01 -21.32 -18.30
CA LEU D 51 -9.29 -20.99 -18.96
C LEU D 51 -10.23 -22.19 -18.80
N LEU D 52 -11.44 -21.91 -18.33
CA LEU D 52 -12.56 -22.87 -18.14
C LEU D 52 -13.60 -22.67 -19.27
N GLY D 53 -14.32 -23.73 -19.62
CA GLY D 53 -15.38 -23.72 -20.64
C GLY D 53 -14.86 -23.27 -21.99
N THR D 54 -15.57 -22.37 -22.66
CA THR D 54 -15.24 -21.94 -24.04
C THR D 54 -14.52 -20.57 -23.99
N THR D 55 -14.10 -20.13 -22.79
CA THR D 55 -13.48 -18.80 -22.53
C THR D 55 -12.22 -18.65 -23.38
N PRO D 56 -12.14 -17.59 -24.23
CA PRO D 56 -10.90 -17.28 -24.95
C PRO D 56 -10.07 -16.21 -24.25
N ILE D 57 -8.92 -15.89 -24.84
CA ILE D 57 -8.00 -14.82 -24.35
C ILE D 57 -8.52 -13.45 -24.79
N SER D 58 -8.77 -13.28 -26.09
CA SER D 58 -9.13 -11.97 -26.68
C SER D 58 -10.62 -11.72 -26.52
N GLY D 59 -10.98 -10.50 -26.13
CA GLY D 59 -12.35 -9.98 -26.26
C GLY D 59 -12.91 -10.16 -27.67
N SER D 60 -12.05 -10.14 -28.71
CA SER D 60 -12.48 -10.09 -30.15
C SER D 60 -13.05 -11.45 -30.54
N TRP D 61 -12.82 -12.47 -29.70
CA TRP D 61 -13.30 -13.85 -29.92
C TRP D 61 -14.70 -14.06 -29.32
N VAL D 62 -15.12 -13.20 -28.40
CA VAL D 62 -16.30 -13.43 -27.51
C VAL D 62 -17.59 -13.35 -28.33
N SER D 63 -18.38 -14.43 -28.33
CA SER D 63 -19.66 -14.56 -29.08
C SER D 63 -19.40 -14.41 -30.59
N CYS D 64 -18.20 -14.80 -31.03
CA CYS D 64 -17.82 -14.89 -32.46
C CYS D 64 -17.49 -16.34 -32.78
N PHE D 65 -17.37 -16.63 -34.07
CA PHE D 65 -16.80 -17.92 -34.56
C PHE D 65 -16.05 -17.71 -35.89
N ALA D 66 -15.35 -18.76 -36.30
CA ALA D 66 -14.63 -18.83 -37.58
C ALA D 66 -15.02 -20.13 -38.27
N ALA D 67 -14.84 -20.23 -39.57
CA ALA D 67 -15.36 -21.40 -40.32
C ALA D 67 -14.94 -21.35 -41.76
N GLU D 68 -14.95 -22.52 -42.39
CA GLU D 68 -15.15 -22.66 -43.85
C GLU D 68 -16.67 -22.61 -44.07
N ALA D 69 -17.09 -21.65 -44.88
CA ALA D 69 -18.50 -21.47 -45.27
C ALA D 69 -18.72 -22.12 -46.64
N ALA D 70 -19.77 -22.93 -46.74
CA ALA D 70 -20.35 -23.40 -48.01
C ALA D 70 -21.78 -22.84 -48.12
N TYR D 71 -22.02 -22.15 -49.24
CA TYR D 71 -23.28 -21.46 -49.55
C TYR D 71 -24.03 -22.21 -50.66
N LYS D 72 -25.36 -22.16 -50.56
CA LYS D 72 -26.30 -22.66 -51.59
C LYS D 72 -27.57 -21.82 -51.51
N PHE D 73 -28.34 -21.81 -52.59
CA PHE D 73 -29.66 -21.14 -52.64
C PHE D 73 -30.72 -22.22 -52.49
N GLN D 74 -31.65 -22.05 -51.57
CA GLN D 74 -32.72 -23.03 -51.31
C GLN D 74 -34.05 -22.32 -51.51
N SER D 75 -34.68 -22.51 -52.66
CA SER D 75 -36.01 -21.90 -52.96
C SER D 75 -36.89 -22.05 -51.72
N GLY D 76 -37.44 -20.95 -51.20
CA GLY D 76 -38.34 -20.96 -50.03
C GLY D 76 -37.63 -20.55 -48.73
N THR D 77 -36.30 -20.67 -48.63
CA THR D 77 -35.52 -20.21 -47.44
C THR D 77 -34.70 -18.96 -47.83
N GLY D 78 -34.08 -18.99 -49.00
CA GLY D 78 -33.10 -18.00 -49.45
C GLY D 78 -31.70 -18.61 -49.49
N GLU D 79 -30.68 -17.81 -49.24
CA GLU D 79 -29.26 -18.24 -49.28
C GLU D 79 -28.97 -18.94 -47.96
N VAL D 80 -28.50 -20.18 -47.99
CA VAL D 80 -28.16 -20.96 -46.77
C VAL D 80 -26.63 -21.08 -46.68
N ALA D 81 -26.09 -20.78 -45.49
CA ALA D 81 -24.65 -20.94 -45.17
C ALA D 81 -24.51 -22.17 -44.26
N THR D 82 -23.70 -23.16 -44.69
CA THR D 82 -23.22 -24.25 -43.81
C THR D 82 -21.79 -23.93 -43.36
N PHE D 83 -21.58 -23.84 -42.05
CA PHE D 83 -20.32 -23.39 -41.43
C PHE D 83 -19.61 -24.57 -40.77
N THR D 84 -18.48 -24.99 -41.35
CA THR D 84 -17.55 -25.95 -40.71
C THR D 84 -16.60 -25.17 -39.80
N LEU D 85 -16.84 -25.25 -38.49
CA LEU D 85 -16.18 -24.37 -37.48
C LEU D 85 -14.70 -24.67 -37.38
N ILE D 86 -13.95 -23.63 -37.03
CA ILE D 86 -12.50 -23.71 -36.76
C ILE D 86 -12.22 -22.74 -35.61
N GLU D 87 -11.15 -22.97 -34.84
CA GLU D 87 -10.78 -22.01 -33.77
C GLU D 87 -10.48 -20.69 -34.48
N GLN D 88 -10.73 -19.57 -33.81
CA GLN D 88 -10.69 -18.22 -34.41
C GLN D 88 -9.26 -17.78 -34.81
N ASP D 89 -8.22 -18.52 -34.40
CA ASP D 89 -6.80 -18.28 -34.79
C ASP D 89 -6.48 -19.11 -36.01
N GLY D 90 -7.42 -19.95 -36.46
CA GLY D 90 -7.22 -20.81 -37.63
C GLY D 90 -6.69 -22.21 -37.29
N SER D 91 -6.51 -22.59 -36.03
CA SER D 91 -6.11 -23.99 -35.70
C SER D 91 -7.36 -24.90 -35.61
N ALA D 92 -7.20 -26.17 -36.03
CA ALA D 92 -8.27 -27.18 -36.17
C ALA D 92 -9.13 -27.21 -34.90
N TYR D 93 -10.45 -27.19 -35.05
CA TYR D 93 -11.40 -27.45 -33.94
C TYR D 93 -11.55 -28.97 -33.84
N VAL D 94 -11.17 -29.49 -32.68
CA VAL D 94 -11.26 -30.93 -32.31
C VAL D 94 -12.22 -30.98 -31.12
N PRO D 95 -13.39 -31.64 -31.25
CA PRO D 95 -14.29 -31.84 -30.11
C PRO D 95 -13.52 -32.48 -28.94
N GLY D 96 -13.73 -32.02 -27.72
CA GLY D 96 -12.83 -32.35 -26.59
C GLY D 96 -13.47 -32.02 -25.27
N ASP D 97 -12.76 -31.25 -24.45
CA ASP D 97 -13.09 -31.01 -23.01
C ASP D 97 -14.03 -29.82 -22.86
N ARG D 98 -14.71 -29.39 -23.93
CA ARG D 98 -15.57 -28.18 -23.86
C ARG D 98 -16.69 -28.25 -24.90
N ALA D 99 -17.63 -27.33 -24.76
CA ALA D 99 -18.94 -27.30 -25.42
C ALA D 99 -18.81 -26.98 -26.92
N ALA D 100 -17.75 -26.29 -27.31
CA ALA D 100 -17.70 -25.60 -28.62
C ALA D 100 -16.33 -24.97 -28.81
N PRO D 101 -16.05 -24.39 -30.01
CA PRO D 101 -14.85 -23.58 -30.24
C PRO D 101 -14.78 -22.46 -29.19
N LEU D 102 -13.59 -21.95 -28.90
CA LEU D 102 -13.42 -20.88 -27.88
C LEU D 102 -14.18 -19.65 -28.39
N GLY D 103 -14.92 -18.99 -27.51
CA GLY D 103 -15.63 -17.73 -27.79
C GLY D 103 -17.03 -17.96 -28.32
N TYR D 104 -17.34 -19.18 -28.76
CA TYR D 104 -18.68 -19.52 -29.31
C TYR D 104 -19.77 -19.11 -28.32
N PRO D 105 -20.89 -18.52 -28.77
CA PRO D 105 -21.91 -17.99 -27.86
C PRO D 105 -22.42 -19.02 -26.85
N ASP D 106 -22.60 -18.61 -25.60
CA ASP D 106 -23.03 -19.47 -24.46
C ASP D 106 -24.42 -19.03 -23.98
N PHE D 107 -25.23 -18.43 -24.85
CA PHE D 107 -26.63 -17.98 -24.59
C PHE D 107 -27.52 -18.47 -25.74
N SER D 108 -28.81 -18.15 -25.72
CA SER D 108 -29.79 -18.66 -26.71
C SER D 108 -30.57 -17.51 -27.35
N GLY D 109 -31.28 -17.85 -28.41
CA GLY D 109 -32.13 -16.91 -29.16
C GLY D 109 -31.69 -16.94 -30.59
N GLN D 110 -32.08 -15.92 -31.36
CA GLN D 110 -31.75 -15.83 -32.81
C GLN D 110 -30.69 -14.73 -32.99
N LEU D 111 -29.47 -15.16 -33.31
CA LEU D 111 -28.28 -14.27 -33.48
C LEU D 111 -28.20 -13.85 -34.94
N GLU D 112 -28.22 -12.55 -35.21
CA GLU D 112 -27.81 -12.01 -36.52
C GLU D 112 -26.28 -11.95 -36.53
N ILE D 113 -25.63 -12.68 -37.42
CA ILE D 113 -24.16 -12.68 -37.57
C ILE D 113 -23.80 -11.98 -38.88
N GLU D 114 -22.59 -11.45 -38.94
CA GLU D 114 -22.05 -10.77 -40.14
C GLU D 114 -20.77 -11.47 -40.58
N VAL D 115 -20.67 -11.77 -41.86
CA VAL D 115 -19.40 -12.32 -42.41
C VAL D 115 -19.04 -11.55 -43.67
N GLN D 116 -17.76 -11.54 -44.01
CA GLN D 116 -17.30 -11.05 -45.32
C GLN D 116 -17.75 -12.08 -46.35
N THR D 117 -18.48 -11.63 -47.35
CA THR D 117 -18.87 -12.46 -48.53
C THR D 117 -18.23 -11.91 -49.79
N GLU D 118 -18.09 -12.81 -50.74
CA GLU D 118 -17.63 -12.55 -52.12
C GLU D 118 -18.68 -13.14 -53.06
N THR D 119 -19.08 -12.39 -54.07
CA THR D 119 -20.06 -12.80 -55.10
C THR D 119 -19.35 -12.70 -56.45
N THR D 120 -19.84 -13.44 -57.45
CA THR D 120 -19.48 -13.28 -58.88
C THR D 120 -20.38 -12.25 -59.57
N LYS D 121 -21.43 -11.75 -58.90
CA LYS D 121 -22.37 -10.77 -59.51
C LYS D 121 -21.69 -9.40 -59.59
N THR D 122 -22.24 -8.53 -60.40
CA THR D 122 -21.76 -7.13 -60.61
C THR D 122 -21.96 -6.32 -59.32
N GLY D 123 -21.29 -5.19 -59.19
CA GLY D 123 -21.40 -4.30 -58.03
C GLY D 123 -20.39 -4.63 -56.95
N ASP D 124 -20.84 -4.75 -55.70
CA ASP D 124 -19.94 -5.00 -54.55
C ASP D 124 -19.60 -6.49 -54.50
N LYS D 125 -18.55 -6.86 -55.21
CA LYS D 125 -17.99 -8.23 -55.26
C LYS D 125 -17.73 -8.69 -53.84
N LEU D 126 -17.02 -7.86 -53.07
CA LEU D 126 -16.83 -7.99 -51.60
C LEU D 126 -17.88 -7.13 -50.88
N LYS D 127 -18.56 -7.73 -49.90
CA LYS D 127 -19.71 -7.13 -49.21
C LYS D 127 -19.75 -7.79 -47.83
N VAL D 128 -20.41 -7.17 -46.87
CA VAL D 128 -20.76 -7.85 -45.58
C VAL D 128 -22.22 -8.30 -45.68
N THR D 129 -22.46 -9.60 -45.43
CA THR D 129 -23.82 -10.18 -45.43
C THR D 129 -24.21 -10.57 -44.02
N THR D 130 -25.40 -10.14 -43.61
CA THR D 130 -26.07 -10.56 -42.36
C THR D 130 -26.82 -11.86 -42.60
N PHE D 131 -26.56 -12.82 -41.74
CA PHE D 131 -27.25 -14.14 -41.71
C PHE D 131 -27.92 -14.31 -40.35
N GLU D 132 -29.00 -15.09 -40.34
CA GLU D 132 -29.82 -15.47 -39.16
C GLU D 132 -29.34 -16.84 -38.70
N MET D 133 -29.00 -16.97 -37.42
CA MET D 133 -28.55 -18.26 -36.84
C MET D 133 -29.38 -18.51 -35.57
N ILE D 134 -30.10 -19.64 -35.49
CA ILE D 134 -30.85 -20.02 -34.26
C ILE D 134 -29.87 -20.75 -33.34
N LEU D 135 -29.53 -20.14 -32.20
CA LEU D 135 -28.58 -20.72 -31.21
C LEU D 135 -29.29 -21.84 -30.44
N GLY D 136 -30.61 -21.68 -30.20
CA GLY D 136 -31.51 -22.75 -29.75
C GLY D 136 -32.41 -22.30 -28.61
N PRO D 137 -32.65 -23.16 -27.58
CA PRO D 137 -32.64 -24.62 -27.75
C PRO D 137 -33.96 -25.14 -28.32
N ASP D 142 -27.83 -30.90 -37.72
CA ASP D 142 -28.58 -29.66 -37.39
C ASP D 142 -27.60 -28.65 -36.75
N GLN D 143 -28.01 -27.88 -35.73
CA GLN D 143 -27.12 -26.96 -34.98
C GLN D 143 -26.32 -27.79 -33.97
N ALA D 144 -25.01 -27.98 -34.23
CA ALA D 144 -24.10 -28.87 -33.48
C ALA D 144 -22.70 -28.23 -33.38
N PRO D 145 -22.57 -27.09 -32.65
CA PRO D 145 -21.27 -26.43 -32.50
C PRO D 145 -20.20 -27.33 -31.84
N TYR D 146 -20.60 -28.16 -30.88
CA TYR D 146 -19.70 -29.19 -30.29
C TYR D 146 -19.05 -30.03 -31.41
N GLN D 147 -19.84 -30.39 -32.42
CA GLN D 147 -19.37 -31.21 -33.56
C GLN D 147 -18.64 -30.36 -34.61
N GLY D 148 -18.71 -29.02 -34.50
CA GLY D 148 -18.11 -28.09 -35.48
C GLY D 148 -18.93 -27.88 -36.74
N ARG D 149 -20.27 -28.00 -36.67
CA ARG D 149 -21.22 -27.71 -37.77
C ARG D 149 -22.30 -26.77 -37.25
N VAL D 150 -22.52 -25.64 -37.92
CA VAL D 150 -23.68 -24.75 -37.65
C VAL D 150 -24.19 -24.19 -38.98
N PHE D 151 -25.42 -23.69 -39.00
CA PHE D 151 -26.19 -23.30 -40.21
C PHE D 151 -26.74 -21.91 -39.92
N ALA D 152 -26.91 -21.15 -40.99
CA ALA D 152 -27.56 -19.83 -40.94
C ALA D 152 -28.15 -19.57 -42.33
N SER D 153 -29.09 -18.64 -42.41
CA SER D 153 -29.77 -18.27 -43.67
C SER D 153 -30.06 -16.77 -43.69
N VAL D 154 -30.22 -16.26 -44.91
CA VAL D 154 -30.75 -14.91 -45.19
C VAL D 154 -31.82 -15.11 -46.28
N THR D 155 -33.01 -14.56 -46.08
CA THR D 155 -34.07 -14.57 -47.11
C THR D 155 -33.50 -13.83 -48.32
N ALA D 156 -33.80 -14.34 -49.51
CA ALA D 156 -33.30 -13.83 -50.79
C ALA D 156 -34.19 -14.40 -51.88
N ALA D 157 -34.55 -13.60 -52.86
CA ALA D 157 -35.42 -13.96 -53.99
C ALA D 157 -34.73 -15.01 -54.87
N ALA D 158 -33.44 -14.82 -55.11
CA ALA D 158 -32.57 -15.67 -55.95
C ALA D 158 -31.18 -15.77 -55.32
N SER D 159 -30.39 -16.75 -55.81
CA SER D 159 -29.01 -17.08 -55.38
C SER D 159 -28.18 -15.80 -55.31
N LEU D 160 -27.51 -15.55 -54.18
CA LEU D 160 -26.54 -14.43 -54.06
C LEU D 160 -25.25 -14.75 -54.83
N ASP D 161 -25.10 -15.99 -55.33
CA ASP D 161 -23.93 -16.46 -56.13
C ASP D 161 -22.65 -16.21 -55.30
N LEU D 162 -22.68 -16.62 -54.03
CA LEU D 162 -21.57 -16.43 -53.08
C LEU D 162 -20.45 -17.43 -53.40
N VAL D 163 -19.19 -17.05 -53.18
CA VAL D 163 -17.99 -17.92 -53.29
C VAL D 163 -17.76 -18.55 -51.91
N ASP D 164 -17.67 -19.89 -51.85
CA ASP D 164 -17.33 -20.67 -50.63
C ASP D 164 -15.97 -20.22 -50.15
N GLY D 165 -15.77 -20.08 -48.84
CA GLY D 165 -14.43 -19.73 -48.33
C GLY D 165 -14.45 -19.48 -46.83
N ARG D 166 -13.33 -19.00 -46.32
CA ARG D 166 -13.11 -18.74 -44.87
C ARG D 166 -13.92 -17.54 -44.40
N VAL D 167 -14.45 -17.58 -43.18
CA VAL D 167 -15.18 -16.44 -42.59
C VAL D 167 -14.81 -16.28 -41.14
N ARG D 168 -14.86 -15.03 -40.70
CA ARG D 168 -15.03 -14.66 -39.29
C ARG D 168 -16.44 -14.12 -39.17
N ALA D 169 -17.20 -14.62 -38.20
CA ALA D 169 -18.60 -14.25 -37.92
C ALA D 169 -18.65 -13.47 -36.60
N VAL D 170 -19.20 -12.27 -36.66
CA VAL D 170 -19.32 -11.36 -35.48
C VAL D 170 -20.80 -11.09 -35.30
N PRO D 171 -21.25 -10.82 -34.04
CA PRO D 171 -22.67 -10.60 -33.77
C PRO D 171 -23.15 -9.20 -34.10
N ARG D 172 -24.15 -9.09 -34.97
CA ARG D 172 -24.87 -7.82 -35.26
C ARG D 172 -25.91 -7.59 -34.15
N SER D 173 -26.73 -8.60 -33.81
CA SER D 173 -27.89 -8.41 -32.91
C SER D 173 -28.40 -9.75 -32.40
N ILE D 174 -29.21 -9.66 -31.35
CA ILE D 174 -29.86 -10.84 -30.74
C ILE D 174 -31.37 -10.56 -30.69
N TYR D 175 -32.15 -11.54 -31.18
CA TYR D 175 -33.63 -11.56 -31.16
C TYR D 175 -34.09 -12.68 -30.20
N GLY D 176 -34.92 -12.34 -29.21
CA GLY D 176 -35.43 -13.29 -28.21
C GLY D 176 -34.32 -13.84 -27.34
N PHE D 177 -33.44 -12.98 -26.87
CA PHE D 177 -32.30 -13.40 -26.02
C PHE D 177 -32.88 -14.19 -24.84
N GLN D 178 -32.25 -15.30 -24.49
CA GLN D 178 -32.44 -15.98 -23.19
C GLN D 178 -31.07 -16.35 -22.64
N ASP D 179 -30.79 -16.06 -21.36
CA ASP D 179 -29.51 -16.45 -20.72
C ASP D 179 -29.55 -17.91 -20.26
N THR D 180 -29.64 -18.86 -21.19
CA THR D 180 -29.52 -20.33 -20.98
C THR D 180 -28.61 -20.88 -22.08
N ILE D 181 -27.77 -21.86 -21.77
CA ILE D 181 -26.79 -22.39 -22.75
C ILE D 181 -27.52 -22.84 -24.02
N PRO D 182 -26.87 -22.73 -25.20
CA PRO D 182 -27.47 -23.22 -26.44
C PRO D 182 -27.51 -24.74 -26.40
N GLU D 183 -28.08 -25.34 -27.46
CA GLU D 183 -28.13 -26.79 -27.76
C GLU D 183 -26.80 -27.12 -28.45
N TYR D 184 -25.79 -27.52 -27.68
CA TYR D 184 -24.39 -27.59 -28.18
C TYR D 184 -24.24 -28.79 -29.13
N ASN D 185 -24.96 -29.89 -28.87
CA ASN D 185 -24.68 -31.23 -29.46
C ASN D 185 -25.97 -32.01 -29.78
N ASP D 186 -27.01 -31.31 -30.27
CA ASP D 186 -28.24 -31.92 -30.85
C ASP D 186 -29.06 -32.59 -29.73
N GLY D 187 -28.97 -32.07 -28.49
CA GLY D 187 -29.71 -32.58 -27.33
C GLY D 187 -28.83 -33.42 -26.42
N LEU D 188 -27.78 -34.04 -26.95
CA LEU D 188 -26.83 -34.89 -26.16
C LEU D 188 -26.02 -33.99 -25.22
N LEU D 189 -25.36 -34.57 -24.22
CA LEU D 189 -24.55 -33.82 -23.24
C LEU D 189 -23.22 -33.43 -23.89
N VAL D 190 -22.61 -32.33 -23.40
CA VAL D 190 -21.21 -31.92 -23.75
C VAL D 190 -20.50 -31.59 -22.46
N PRO D 191 -19.16 -31.72 -22.40
CA PRO D 191 -18.39 -31.17 -21.30
C PRO D 191 -18.68 -29.66 -21.17
N LEU D 192 -19.12 -29.26 -19.97
CA LEU D 192 -19.42 -27.85 -19.58
C LEU D 192 -18.54 -27.45 -18.41
N ALA D 193 -18.33 -26.15 -18.24
CA ALA D 193 -17.88 -25.53 -16.98
C ALA D 193 -19.06 -25.58 -16.03
N PRO D 194 -18.83 -25.75 -14.70
CA PRO D 194 -19.92 -26.04 -13.77
C PRO D 194 -20.73 -24.80 -13.45
N PRO D 195 -21.91 -24.94 -12.83
CA PRO D 195 -22.59 -23.78 -12.26
C PRO D 195 -21.61 -22.94 -11.41
N ILE D 196 -21.68 -21.64 -11.60
CA ILE D 196 -20.97 -20.64 -10.76
C ILE D 196 -21.47 -20.82 -9.32
N GLY D 197 -20.56 -21.22 -8.43
CA GLY D 197 -20.79 -21.39 -6.98
C GLY D 197 -19.87 -22.47 -6.44
N PRO D 198 -20.01 -22.88 -5.15
CA PRO D 198 -21.09 -22.40 -4.30
C PRO D 198 -20.80 -21.07 -3.57
N PHE D 199 -21.87 -20.43 -3.09
CA PHE D 199 -21.88 -19.22 -2.23
C PHE D 199 -22.19 -19.62 -0.77
N LEU D 200 -21.81 -18.75 0.18
CA LEU D 200 -22.19 -18.90 1.61
C LEU D 200 -23.59 -18.30 1.78
N PRO D 201 -24.27 -18.56 2.92
CA PRO D 201 -25.52 -17.86 3.22
C PRO D 201 -25.32 -16.34 3.09
N GLY D 202 -26.24 -15.63 2.42
CA GLY D 202 -26.18 -14.15 2.26
C GLY D 202 -25.15 -13.66 1.25
N GLU D 203 -24.35 -14.56 0.67
CA GLU D 203 -23.41 -14.26 -0.45
C GLU D 203 -24.12 -14.41 -1.80
N VAL D 204 -23.99 -13.41 -2.68
CA VAL D 204 -24.59 -13.37 -4.05
C VAL D 204 -23.54 -12.95 -5.10
N LEU D 205 -23.72 -13.40 -6.34
CA LEU D 205 -22.80 -13.19 -7.50
C LEU D 205 -22.68 -11.70 -7.81
N LEU D 206 -21.45 -11.19 -7.86
CA LEU D 206 -21.14 -9.87 -8.45
C LEU D 206 -21.29 -10.01 -9.97
N ARG D 207 -22.06 -9.12 -10.57
CA ARG D 207 -22.40 -9.15 -12.02
C ARG D 207 -21.74 -7.96 -12.73
N PHE D 208 -20.91 -8.26 -13.73
CA PHE D 208 -20.41 -7.30 -14.75
C PHE D 208 -21.35 -7.30 -15.96
N ARG D 209 -22.01 -6.18 -16.20
CA ARG D 209 -23.17 -6.10 -17.13
C ARG D 209 -22.83 -5.25 -18.37
N THR D 210 -23.22 -5.72 -19.55
CA THR D 210 -23.33 -4.92 -20.80
C THR D 210 -24.74 -5.15 -21.37
N TYR D 211 -25.07 -4.43 -22.43
CA TYR D 211 -26.38 -4.43 -23.11
C TYR D 211 -26.13 -4.70 -24.59
N MET D 212 -26.88 -5.65 -25.18
CA MET D 212 -26.60 -6.25 -26.51
C MET D 212 -27.47 -5.59 -27.58
N ARG D 213 -26.92 -5.23 -28.73
CA ARG D 213 -27.72 -4.80 -29.92
C ARG D 213 -28.85 -5.82 -30.10
N GLN D 214 -30.10 -5.37 -30.18
CA GLN D 214 -31.22 -6.33 -30.28
C GLN D 214 -32.18 -5.97 -31.41
N ILE D 215 -32.92 -6.99 -31.84
CA ILE D 215 -34.21 -6.81 -32.54
C ILE D 215 -35.33 -7.09 -31.53
N ASP D 216 -36.29 -6.16 -31.42
CA ASP D 216 -37.47 -6.27 -30.54
C ASP D 216 -38.60 -5.48 -31.19
N THR D 217 -39.69 -6.16 -31.59
CA THR D 217 -40.83 -5.57 -32.35
C THR D 217 -41.66 -4.67 -31.43
N ALA D 218 -41.60 -4.92 -30.11
CA ALA D 218 -42.52 -4.38 -29.09
C ALA D 218 -41.80 -3.43 -28.12
N ASP D 219 -40.66 -3.84 -27.56
CA ASP D 219 -40.12 -3.35 -26.26
C ASP D 219 -38.72 -2.72 -26.46
N ALA D 220 -38.56 -1.43 -26.13
CA ALA D 220 -37.36 -0.61 -26.41
C ALA D 220 -36.33 -0.70 -25.27
N ALA D 221 -36.58 -1.42 -24.18
CA ALA D 221 -35.64 -1.47 -23.02
C ALA D 221 -34.39 -2.27 -23.42
N ALA D 222 -33.23 -1.87 -22.91
CA ALA D 222 -31.92 -2.51 -23.17
C ALA D 222 -31.95 -3.95 -22.63
N GLU D 223 -31.35 -4.88 -23.38
CA GLU D 223 -31.23 -6.31 -23.01
C GLU D 223 -29.87 -6.51 -22.31
N ALA D 224 -29.91 -6.63 -20.98
CA ALA D 224 -28.77 -6.90 -20.10
C ALA D 224 -28.22 -8.31 -20.35
N ILE D 225 -26.91 -8.47 -20.35
CA ILE D 225 -26.22 -9.78 -20.20
C ILE D 225 -25.10 -9.59 -19.20
N ASP D 226 -24.89 -10.58 -18.31
CA ASP D 226 -23.97 -10.52 -17.16
C ASP D 226 -22.77 -11.47 -17.40
N CYS D 227 -21.61 -11.16 -16.84
CA CYS D 227 -20.47 -12.13 -16.74
C CYS D 227 -19.83 -11.98 -15.38
N ALA D 228 -19.03 -12.96 -14.97
CA ALA D 228 -18.47 -13.11 -13.61
C ALA D 228 -17.22 -12.22 -13.45
N LEU D 229 -16.45 -12.01 -14.53
CA LEU D 229 -15.26 -11.11 -14.57
C LEU D 229 -15.16 -10.42 -15.94
N PRO D 230 -14.65 -9.18 -15.99
CA PRO D 230 -14.31 -8.58 -17.29
C PRO D 230 -13.21 -9.40 -17.99
N GLN D 231 -13.11 -9.29 -19.31
CA GLN D 231 -12.12 -10.06 -20.13
C GLN D 231 -10.70 -9.69 -19.67
N GLU D 232 -10.48 -8.47 -19.17
CA GLU D 232 -9.12 -8.03 -18.70
C GLU D 232 -8.69 -8.90 -17.52
N PHE D 233 -9.62 -9.31 -16.64
CA PHE D 233 -9.29 -10.19 -15.49
C PHE D 233 -8.94 -11.57 -16.06
N VAL D 234 -9.63 -11.99 -17.11
CA VAL D 234 -9.39 -13.35 -17.68
C VAL D 234 -7.96 -13.41 -18.19
N SER D 235 -7.51 -12.43 -18.96
CA SER D 235 -6.18 -12.49 -19.63
C SER D 235 -5.09 -12.29 -18.59
N TRP D 236 -5.38 -11.46 -17.58
CA TRP D 236 -4.48 -11.14 -16.45
C TRP D 236 -4.09 -12.43 -15.75
N PHE D 237 -5.09 -13.23 -15.33
CA PHE D 237 -4.84 -14.53 -14.66
C PHE D 237 -4.16 -15.50 -15.64
N ALA D 238 -4.67 -15.62 -16.88
CA ALA D 238 -4.08 -16.50 -17.91
C ALA D 238 -2.58 -16.24 -18.06
N SER D 239 -2.15 -14.98 -18.04
CA SER D 239 -0.72 -14.60 -18.21
C SER D 239 0.10 -14.82 -16.93
N ASN D 240 -0.41 -14.40 -15.77
CA ASN D 240 0.37 -14.33 -14.52
C ASN D 240 0.65 -15.71 -13.90
N ALA D 241 -0.12 -16.76 -14.19
CA ALA D 241 0.05 -18.11 -13.58
C ALA D 241 0.39 -17.98 -12.07
N PHE D 242 -0.44 -17.27 -11.31
CA PHE D 242 -0.26 -17.02 -9.86
C PHE D 242 -0.37 -18.32 -9.06
N THR D 243 0.28 -18.37 -7.90
CA THR D 243 0.17 -19.47 -6.90
C THR D 243 -1.13 -19.32 -6.12
N VAL D 244 -1.88 -20.41 -5.99
CA VAL D 244 -3.11 -20.49 -5.13
C VAL D 244 -2.68 -20.96 -3.74
N GLN D 245 -3.11 -20.28 -2.68
CA GLN D 245 -2.80 -20.65 -1.27
C GLN D 245 -4.09 -21.21 -0.64
N SER D 246 -5.00 -20.35 -0.17
CA SER D 246 -6.34 -20.77 0.33
C SER D 246 -7.34 -20.75 -0.84
N GLU D 247 -8.63 -20.55 -0.55
CA GLU D 247 -9.79 -20.92 -1.41
C GLU D 247 -10.47 -19.68 -2.00
N ALA D 248 -10.13 -18.49 -1.52
CA ALA D 248 -10.70 -17.22 -1.99
C ALA D 248 -9.69 -16.09 -1.73
N LEU D 249 -9.89 -14.95 -2.39
CA LEU D 249 -9.17 -13.70 -2.09
C LEU D 249 -10.19 -12.68 -1.59
N LEU D 250 -9.90 -12.07 -0.45
CA LEU D 250 -10.61 -10.85 -0.01
C LEU D 250 -10.13 -9.71 -0.91
N LEU D 251 -11.07 -9.03 -1.60
CA LEU D 251 -10.79 -7.81 -2.41
C LEU D 251 -11.53 -6.62 -1.79
N ARG D 252 -11.00 -5.43 -1.98
CA ARG D 252 -11.70 -4.15 -1.70
C ARG D 252 -11.93 -3.45 -3.04
N TYR D 253 -13.11 -2.87 -3.20
CA TYR D 253 -13.49 -1.98 -4.30
C TYR D 253 -13.45 -0.56 -3.72
N ARG D 254 -12.57 0.27 -4.26
CA ARG D 254 -12.25 1.61 -3.68
C ARG D 254 -12.22 2.66 -4.81
N ASN D 255 -12.79 3.83 -4.56
CA ASN D 255 -12.57 5.04 -5.40
C ASN D 255 -11.17 5.58 -5.10
N THR D 256 -10.30 5.65 -6.10
CA THR D 256 -8.89 6.12 -5.92
C THR D 256 -8.88 7.63 -5.67
N LEU D 257 -9.69 8.40 -6.36
CA LEU D 257 -9.68 9.89 -6.21
C LEU D 257 -10.01 10.27 -4.75
N THR D 258 -11.05 9.69 -4.16
CA THR D 258 -11.64 10.12 -2.87
C THR D 258 -11.10 9.28 -1.71
N GLY D 259 -10.63 8.06 -1.99
CA GLY D 259 -10.23 7.10 -0.95
C GLY D 259 -11.40 6.24 -0.48
N GLN D 260 -12.64 6.56 -0.87
CA GLN D 260 -13.83 5.91 -0.27
C GLN D 260 -13.81 4.38 -0.51
N LEU D 261 -13.80 3.59 0.57
CA LEU D 261 -14.05 2.13 0.49
C LEU D 261 -15.53 1.95 0.19
N LEU D 262 -15.88 1.22 -0.88
CA LEU D 262 -17.28 1.06 -1.35
C LEU D 262 -17.83 -0.25 -0.80
N PHE D 263 -17.03 -1.32 -0.81
CA PHE D 263 -17.37 -2.63 -0.21
C PHE D 263 -16.17 -3.56 -0.25
N GLU D 264 -16.28 -4.71 0.41
CA GLU D 264 -15.32 -5.84 0.28
C GLU D 264 -16.08 -7.03 -0.29
N CYS D 265 -15.36 -7.97 -0.87
CA CYS D 265 -15.96 -9.12 -1.59
C CYS D 265 -14.92 -10.23 -1.67
N LYS D 266 -15.36 -11.41 -2.06
CA LYS D 266 -14.50 -12.60 -2.13
C LYS D 266 -14.39 -13.01 -3.60
N LEU D 267 -13.16 -13.05 -4.11
CA LEU D 267 -12.85 -13.73 -5.37
C LEU D 267 -12.56 -15.18 -5.01
N TYR D 268 -13.56 -16.04 -5.17
CA TYR D 268 -13.39 -17.50 -5.09
C TYR D 268 -12.42 -17.90 -6.20
N ASN D 269 -11.64 -18.98 -5.97
CA ASN D 269 -10.59 -19.53 -6.85
C ASN D 269 -11.13 -19.91 -8.25
N GLU D 270 -12.41 -20.28 -8.34
CA GLU D 270 -13.07 -20.87 -9.54
C GLU D 270 -13.56 -19.74 -10.48
N GLY D 271 -13.31 -18.47 -10.14
CA GLY D 271 -13.35 -17.31 -11.05
C GLY D 271 -14.62 -16.48 -10.92
N TYR D 272 -15.25 -16.46 -9.75
CA TYR D 272 -16.44 -15.61 -9.49
C TYR D 272 -16.25 -14.84 -8.19
N ILE D 273 -16.97 -13.72 -8.07
CA ILE D 273 -16.87 -12.78 -6.92
C ILE D 273 -18.20 -12.81 -6.16
N ALA D 274 -18.13 -12.99 -4.84
CA ALA D 274 -19.30 -12.98 -3.92
C ALA D 274 -19.32 -11.67 -3.11
N LEU D 275 -20.50 -11.06 -2.99
CA LEU D 275 -20.78 -10.01 -1.99
C LEU D 275 -21.79 -10.55 -0.97
N SER D 276 -21.76 -10.00 0.25
CA SER D 276 -22.79 -10.25 1.28
C SER D 276 -23.89 -9.20 1.13
N TYR D 277 -25.05 -9.64 0.66
CA TYR D 277 -26.24 -8.79 0.38
C TYR D 277 -27.50 -9.63 0.60
N SER D 278 -28.38 -9.19 1.49
CA SER D 278 -29.59 -9.95 1.89
C SER D 278 -30.85 -9.16 1.49
N GLY D 279 -30.67 -8.01 0.82
CA GLY D 279 -31.75 -7.28 0.11
C GLY D 279 -32.37 -8.18 -0.95
N SER D 280 -33.54 -7.78 -1.45
CA SER D 280 -34.40 -8.62 -2.34
C SER D 280 -34.22 -8.21 -3.82
N GLY D 281 -34.07 -6.91 -4.09
CA GLY D 281 -33.96 -6.36 -5.46
C GLY D 281 -32.50 -6.12 -5.87
N PRO D 282 -32.27 -5.57 -7.09
CA PRO D 282 -30.90 -5.30 -7.56
C PRO D 282 -30.25 -4.12 -6.83
N LEU D 283 -28.98 -4.28 -6.45
CA LEU D 283 -28.18 -3.13 -5.98
C LEU D 283 -27.01 -2.88 -6.94
N THR D 284 -26.94 -1.68 -7.52
CA THR D 284 -25.90 -1.28 -8.50
C THR D 284 -24.81 -0.52 -7.75
N PHE D 285 -23.60 -0.48 -8.33
CA PHE D 285 -22.41 0.19 -7.75
C PHE D 285 -21.78 1.10 -8.77
N PRO D 286 -21.09 2.17 -8.31
CA PRO D 286 -20.26 2.99 -9.19
C PRO D 286 -19.26 2.06 -9.92
N THR D 287 -19.08 2.31 -11.22
CA THR D 287 -18.20 1.53 -12.14
C THR D 287 -16.81 2.19 -12.24
N ASP D 288 -16.47 3.14 -11.35
CA ASP D 288 -15.23 3.98 -11.43
C ASP D 288 -14.35 3.74 -10.19
N GLY D 289 -14.52 2.62 -9.50
CA GLY D 289 -13.57 2.18 -8.46
C GLY D 289 -12.57 1.19 -9.00
N ILE D 290 -11.75 0.63 -8.14
CA ILE D 290 -10.69 -0.35 -8.52
C ILE D 290 -10.79 -1.52 -7.54
N PHE D 291 -10.69 -2.75 -8.01
CA PHE D 291 -10.53 -3.94 -7.14
C PHE D 291 -9.05 -4.05 -6.76
N GLU D 292 -8.72 -4.05 -5.46
CA GLU D 292 -7.36 -4.36 -4.92
C GLU D 292 -7.45 -5.63 -4.05
N VAL D 293 -6.51 -6.54 -4.23
CA VAL D 293 -6.44 -7.80 -3.46
C VAL D 293 -6.00 -7.42 -2.04
N VAL D 294 -6.68 -7.91 -1.00
CA VAL D 294 -6.28 -7.68 0.42
C VAL D 294 -5.48 -8.88 0.95
N SER D 295 -6.00 -10.11 0.86
CA SER D 295 -5.30 -11.33 1.34
C SER D 295 -6.02 -12.59 0.85
N TRP D 296 -5.30 -13.73 0.85
CA TRP D 296 -5.90 -15.10 0.89
C TRP D 296 -6.71 -15.25 2.20
N VAL D 297 -7.94 -15.75 2.09
CA VAL D 297 -8.86 -16.01 3.24
C VAL D 297 -9.57 -17.33 2.92
N PRO D 298 -10.00 -18.13 3.93
CA PRO D 298 -10.57 -19.45 3.65
C PRO D 298 -12.01 -19.30 3.13
N ARG D 299 -12.57 -20.39 2.61
CA ARG D 299 -13.93 -20.41 1.99
C ARG D 299 -14.92 -19.74 2.93
N LEU D 300 -14.76 -19.93 4.25
CA LEU D 300 -15.79 -19.57 5.26
C LEU D 300 -15.72 -18.07 5.66
N TYR D 301 -14.74 -17.29 5.20
CA TYR D 301 -14.55 -15.88 5.63
C TYR D 301 -15.89 -15.14 5.43
N GLN D 302 -16.39 -14.49 6.49
CA GLN D 302 -17.70 -13.78 6.50
C GLN D 302 -17.48 -12.32 6.09
N LEU D 303 -18.07 -11.92 4.96
CA LEU D 303 -17.90 -10.54 4.44
C LEU D 303 -18.88 -9.62 5.16
N ALA D 304 -18.46 -8.37 5.40
CA ALA D 304 -19.33 -7.23 5.78
C ALA D 304 -20.40 -7.01 4.71
N SER D 305 -21.65 -6.91 5.16
CA SER D 305 -22.84 -6.64 4.32
C SER D 305 -22.77 -5.28 3.63
N VAL D 306 -23.42 -5.19 2.48
CA VAL D 306 -23.59 -4.00 1.64
C VAL D 306 -25.10 -3.83 1.46
N GLY D 307 -25.63 -2.64 1.13
CA GLY D 307 -27.04 -2.51 0.73
C GLY D 307 -27.77 -1.30 1.30
N SER D 308 -28.28 -1.41 2.53
CA SER D 308 -29.27 -0.50 3.17
C SER D 308 -28.67 0.90 3.35
N GLN E 1 -3.88 21.31 0.02
CA GLN E 1 -3.98 22.17 1.26
C GLN E 1 -5.04 21.60 2.23
N VAL E 2 -4.62 21.19 3.42
CA VAL E 2 -5.53 20.87 4.57
C VAL E 2 -6.34 22.13 4.90
N GLN E 3 -7.68 22.09 4.85
CA GLN E 3 -8.56 23.28 5.08
C GLN E 3 -9.77 22.91 5.94
N LEU E 4 -10.25 23.87 6.75
CA LEU E 4 -11.50 23.78 7.55
C LEU E 4 -12.32 25.03 7.23
N GLN E 5 -13.61 24.88 7.01
CA GLN E 5 -14.55 25.98 6.65
C GLN E 5 -15.80 25.89 7.53
N GLU E 6 -15.96 26.86 8.41
CA GLU E 6 -17.14 26.99 9.28
C GLU E 6 -18.31 27.61 8.51
N SER E 7 -19.53 27.24 8.86
CA SER E 7 -20.77 27.99 8.54
C SER E 7 -21.76 27.86 9.70
N GLY E 8 -22.75 28.76 9.71
CA GLY E 8 -23.96 28.65 10.53
C GLY E 8 -24.06 29.75 11.58
N GLY E 9 -23.13 30.70 11.63
CA GLY E 9 -23.29 31.76 12.63
C GLY E 9 -24.44 32.71 12.25
N GLY E 10 -24.66 33.76 13.05
CA GLY E 10 -25.54 34.88 12.67
C GLY E 10 -26.02 35.63 13.90
N LEU E 11 -27.18 36.24 13.82
CA LEU E 11 -27.75 37.07 14.90
C LEU E 11 -28.90 36.28 15.53
N VAL E 12 -28.89 36.14 16.85
CA VAL E 12 -29.84 35.24 17.52
C VAL E 12 -30.18 35.86 18.86
N GLU E 13 -31.41 35.66 19.31
CA GLU E 13 -31.93 36.19 20.60
C GLU E 13 -31.36 35.37 21.76
N ALA E 14 -31.16 36.01 22.90
CA ALA E 14 -30.79 35.37 24.17
C ALA E 14 -31.82 34.31 24.51
N GLY E 15 -31.34 33.15 24.98
CA GLY E 15 -32.19 31.97 25.23
C GLY E 15 -32.40 31.18 23.97
N GLY E 16 -31.98 31.70 22.81
CA GLY E 16 -32.14 30.99 21.52
C GLY E 16 -30.96 30.06 21.23
N SER E 17 -30.92 29.51 20.03
CA SER E 17 -29.98 28.43 19.68
C SER E 17 -29.57 28.56 18.22
N LEU E 18 -28.43 28.00 17.88
CA LEU E 18 -28.05 27.73 16.48
C LEU E 18 -26.99 26.64 16.49
N ARG E 19 -26.69 26.10 15.32
CA ARG E 19 -25.75 24.97 15.17
C ARG E 19 -24.67 25.40 14.18
N LEU E 20 -23.42 25.40 14.61
CA LEU E 20 -22.30 25.67 13.67
C LEU E 20 -21.89 24.31 13.09
N SER E 21 -21.39 24.36 11.87
CA SER E 21 -20.76 23.19 11.24
C SER E 21 -19.38 23.61 10.76
N CYS E 22 -18.52 22.63 10.60
CA CYS E 22 -17.19 22.85 10.04
C CYS E 22 -16.85 21.68 9.12
N LEU E 23 -16.49 22.00 7.88
CA LEU E 23 -16.21 21.00 6.84
C LEU E 23 -14.70 20.89 6.65
N GLY E 24 -14.15 19.69 6.79
CA GLY E 24 -12.74 19.44 6.44
C GLY E 24 -12.56 19.03 4.99
N SER E 25 -11.52 19.53 4.33
CA SER E 25 -11.11 19.07 2.98
C SER E 25 -9.59 18.94 2.97
N GLY E 26 -9.07 18.07 2.11
CA GLY E 26 -7.62 17.84 1.93
C GLY E 26 -6.97 17.22 3.15
N LEU E 27 -7.73 16.48 3.96
CA LEU E 27 -7.17 15.69 5.08
C LEU E 27 -7.99 14.42 5.30
N THR E 28 -7.44 13.47 6.03
CA THR E 28 -8.18 12.27 6.49
C THR E 28 -8.89 12.70 7.78
N PHE E 29 -10.14 13.13 7.70
CA PHE E 29 -10.87 13.82 8.79
C PHE E 29 -10.88 12.94 10.06
N SER E 30 -11.08 11.64 9.92
CA SER E 30 -11.21 10.69 11.05
C SER E 30 -9.90 10.56 11.81
N ARG E 31 -8.81 11.15 11.34
CA ARG E 31 -7.50 11.10 12.06
C ARG E 31 -7.35 12.35 12.92
N TYR E 32 -8.26 13.33 12.82
CA TYR E 32 -8.15 14.61 13.58
C TYR E 32 -9.19 14.63 14.70
N ALA E 33 -8.72 14.77 15.94
CA ALA E 33 -9.57 15.22 17.05
C ALA E 33 -9.93 16.68 16.76
N MET E 34 -11.14 17.10 17.07
CA MET E 34 -11.60 18.45 16.68
C MET E 34 -11.96 19.23 17.93
N GLY E 35 -11.94 20.55 17.80
CA GLY E 35 -12.38 21.44 18.85
C GLY E 35 -13.01 22.68 18.27
N TRP E 36 -13.85 23.29 19.08
CA TRP E 36 -14.37 24.65 18.86
C TRP E 36 -13.72 25.58 19.86
N PHE E 37 -13.32 26.75 19.38
CA PHE E 37 -12.77 27.86 20.17
C PHE E 37 -13.56 29.11 19.80
N ARG E 38 -13.43 30.16 20.61
CA ARG E 38 -14.06 31.44 20.24
C ARG E 38 -13.18 32.57 20.72
N GLN E 39 -13.33 33.71 20.07
CA GLN E 39 -12.72 34.97 20.52
C GLN E 39 -13.80 36.03 20.58
N ALA E 40 -14.16 36.37 21.81
CA ALA E 40 -15.07 37.49 22.13
C ALA E 40 -14.24 38.74 21.93
N PRO E 41 -14.85 39.83 21.44
CA PRO E 41 -14.08 41.03 21.12
C PRO E 41 -13.41 41.55 22.40
N GLY E 42 -12.11 41.82 22.37
CA GLY E 42 -11.37 42.38 23.53
C GLY E 42 -10.80 41.31 24.43
N LYS E 43 -11.05 40.03 24.14
CA LYS E 43 -10.66 38.90 25.01
C LYS E 43 -9.71 38.00 24.24
N GLU E 44 -9.04 37.11 24.95
CA GLU E 44 -8.16 36.06 24.40
C GLU E 44 -9.03 34.97 23.76
N ARG E 45 -8.52 34.33 22.71
CA ARG E 45 -9.12 33.09 22.15
C ARG E 45 -9.31 32.09 23.28
N GLU E 46 -10.50 31.50 23.44
CA GLU E 46 -10.74 30.51 24.51
C GLU E 46 -11.34 29.20 23.97
N PHE E 47 -11.10 28.15 24.73
CA PHE E 47 -11.62 26.79 24.50
C PHE E 47 -13.13 26.78 24.71
N VAL E 48 -13.85 26.12 23.82
CA VAL E 48 -15.32 25.92 23.96
C VAL E 48 -15.61 24.43 24.10
N ALA E 49 -15.13 23.61 23.18
CA ALA E 49 -15.47 22.17 23.18
C ALA E 49 -14.44 21.34 22.41
N SER E 50 -14.26 20.08 22.84
CA SER E 50 -13.34 19.12 22.17
C SER E 50 -14.04 17.77 22.01
N ILE E 51 -13.68 17.05 20.97
CA ILE E 51 -14.14 15.66 20.77
C ILE E 51 -13.03 14.84 20.13
N THR E 52 -12.97 13.55 20.43
CA THR E 52 -11.97 12.65 19.83
C THR E 52 -12.30 12.35 18.35
N ARG E 53 -11.30 11.79 17.66
CA ARG E 53 -11.29 11.29 16.27
C ARG E 53 -12.61 10.58 15.94
N SER E 54 -13.02 9.63 16.78
CA SER E 54 -14.16 8.72 16.57
C SER E 54 -15.47 9.32 17.12
N GLY E 55 -15.43 10.53 17.70
CA GLY E 55 -16.60 11.22 18.28
C GLY E 55 -16.81 10.87 19.75
N GLY E 56 -15.77 10.45 20.47
CA GLY E 56 -15.84 10.07 21.89
C GLY E 56 -15.45 11.22 22.82
N SER E 57 -15.66 11.02 24.12
CA SER E 57 -15.18 11.86 25.25
C SER E 57 -15.29 13.34 24.96
N PRO E 58 -16.49 13.87 24.63
CA PRO E 58 -16.66 15.30 24.49
C PRO E 58 -16.33 15.96 25.82
N ASN E 59 -15.64 17.09 25.73
CA ASN E 59 -15.27 17.96 26.87
C ASN E 59 -15.63 19.41 26.56
N TYR E 60 -15.94 20.19 27.59
CA TYR E 60 -16.50 21.56 27.44
C TYR E 60 -15.84 22.53 28.40
N ALA E 61 -15.65 23.76 27.97
CA ALA E 61 -15.45 24.89 28.91
C ALA E 61 -16.60 24.89 29.90
N ASP E 62 -16.29 25.20 31.16
CA ASP E 62 -17.29 25.25 32.25
C ASP E 62 -18.44 26.21 31.91
N SER E 63 -18.16 27.35 31.29
CA SER E 63 -19.18 28.37 30.93
C SER E 63 -20.21 27.83 29.92
N VAL E 64 -20.02 26.69 29.26
CA VAL E 64 -20.97 26.22 28.20
C VAL E 64 -21.50 24.81 28.50
N LYS E 65 -21.16 24.25 29.66
CA LYS E 65 -21.51 22.86 30.05
C LYS E 65 -23.04 22.77 30.05
N GLY E 66 -23.60 21.69 29.53
CA GLY E 66 -25.06 21.46 29.48
C GLY E 66 -25.74 22.19 28.31
N ARG E 67 -25.20 23.32 27.83
CA ARG E 67 -25.86 24.20 26.82
C ARG E 67 -25.32 23.90 25.42
N PHE E 68 -24.03 23.56 25.27
CA PHE E 68 -23.39 23.32 23.95
C PHE E 68 -23.05 21.83 23.84
N THR E 69 -23.23 21.28 22.65
CA THR E 69 -22.98 19.85 22.34
C THR E 69 -22.13 19.82 21.08
N ILE E 70 -20.97 19.20 21.20
CA ILE E 70 -20.06 18.95 20.06
C ILE E 70 -20.38 17.52 19.59
N SER E 71 -20.37 17.37 18.28
CA SER E 71 -20.59 16.05 17.68
C SER E 71 -19.93 16.06 16.30
N ARG E 72 -19.77 14.90 15.68
CA ARG E 72 -19.16 14.86 14.34
C ARG E 72 -19.80 13.75 13.50
N ASP E 73 -19.61 13.89 12.19
CA ASP E 73 -20.04 12.88 11.21
C ASP E 73 -18.87 12.68 10.25
N ASN E 74 -18.07 11.65 10.50
CA ASN E 74 -16.80 11.42 9.75
C ASN E 74 -17.12 11.09 8.28
N ALA E 75 -18.24 10.44 7.98
CA ALA E 75 -18.62 10.14 6.58
C ALA E 75 -18.87 11.44 5.80
N LYS E 76 -19.14 12.56 6.48
CA LYS E 76 -19.41 13.89 5.85
C LYS E 76 -18.25 14.84 6.10
N ASN E 77 -17.16 14.35 6.68
CA ASN E 77 -16.01 15.21 7.05
C ASN E 77 -16.48 16.42 7.84
N THR E 78 -17.46 16.30 8.74
CA THR E 78 -18.02 17.50 9.41
C THR E 78 -18.03 17.34 10.93
N VAL E 79 -17.72 18.43 11.63
CA VAL E 79 -17.91 18.56 13.09
C VAL E 79 -18.93 19.68 13.32
N TYR E 80 -19.74 19.50 14.34
CA TYR E 80 -20.88 20.36 14.72
C TYR E 80 -20.70 20.89 16.14
N LEU E 81 -21.18 22.11 16.35
CA LEU E 81 -21.45 22.70 17.68
C LEU E 81 -22.91 23.17 17.75
N GLN E 82 -23.73 22.45 18.50
CA GLN E 82 -25.10 22.87 18.87
C GLN E 82 -24.97 23.87 20.03
N MET E 83 -25.37 25.11 19.81
CA MET E 83 -25.27 26.18 20.81
C MET E 83 -26.69 26.52 21.26
N SER E 84 -27.08 26.14 22.47
CA SER E 84 -28.44 26.41 23.03
C SER E 84 -28.37 27.34 24.23
N SER E 85 -29.55 27.83 24.67
CA SER E 85 -29.67 28.69 25.87
C SER E 85 -28.62 29.79 25.76
N LEU E 86 -28.58 30.45 24.60
CA LEU E 86 -27.51 31.43 24.31
C LEU E 86 -27.62 32.63 25.24
N LYS E 87 -26.45 33.17 25.61
CA LYS E 87 -26.30 34.35 26.48
C LYS E 87 -25.48 35.40 25.73
N PRO E 88 -25.56 36.68 26.15
CA PRO E 88 -24.72 37.75 25.58
C PRO E 88 -23.21 37.48 25.61
N GLU E 89 -22.73 36.85 26.69
CA GLU E 89 -21.32 36.46 26.88
C GLU E 89 -20.88 35.44 25.80
N ASP E 90 -21.80 34.85 25.03
CA ASP E 90 -21.49 33.86 23.95
C ASP E 90 -21.16 34.59 22.64
N THR E 91 -21.39 35.90 22.58
CA THR E 91 -21.08 36.70 21.37
C THR E 91 -19.57 36.63 21.11
N ALA E 92 -19.16 36.18 19.93
CA ALA E 92 -17.74 35.90 19.62
C ALA E 92 -17.61 35.51 18.15
N VAL E 93 -16.37 35.45 17.68
CA VAL E 93 -16.06 34.69 16.45
C VAL E 93 -15.74 33.27 16.94
N TYR E 94 -16.38 32.26 16.33
CA TYR E 94 -16.24 30.82 16.67
C TYR E 94 -15.35 30.20 15.62
N TYR E 95 -14.35 29.44 16.07
CA TYR E 95 -13.37 28.77 15.19
C TYR E 95 -13.39 27.28 15.48
N CYS E 96 -13.37 26.56 14.37
CA CYS E 96 -13.14 25.11 14.21
C CYS E 96 -11.64 24.83 14.20
N ALA E 97 -11.14 23.81 14.91
CA ALA E 97 -9.70 23.43 14.90
C ALA E 97 -9.56 21.92 14.96
N GLY E 98 -8.55 21.42 14.22
CA GLY E 98 -8.17 20.01 14.12
C GLY E 98 -6.81 19.77 14.77
N ARG E 99 -6.69 18.62 15.45
CA ARG E 99 -5.49 18.14 16.15
C ARG E 99 -5.13 16.77 15.58
N GLY E 100 -4.18 16.74 14.67
CA GLY E 100 -3.71 15.46 14.10
C GLY E 100 -3.02 14.60 15.14
N SER E 101 -2.27 15.26 16.04
CA SER E 101 -1.37 14.64 17.03
C SER E 101 -1.51 15.39 18.36
N VAL E 102 -0.60 16.30 18.69
CA VAL E 102 -0.63 16.87 20.06
C VAL E 102 -1.23 18.28 20.02
N TYR E 103 -1.13 19.00 18.91
CA TYR E 103 -1.54 20.42 18.83
C TYR E 103 -2.69 20.63 17.85
N TYR E 104 -3.56 21.59 18.20
CA TYR E 104 -4.55 22.20 17.29
C TYR E 104 -3.74 22.99 16.29
N ASP E 105 -3.46 22.44 15.11
CA ASP E 105 -2.52 23.07 14.13
C ASP E 105 -3.21 23.35 12.79
N VAL E 106 -4.50 23.07 12.65
CA VAL E 106 -5.31 23.59 11.51
C VAL E 106 -6.59 24.22 12.06
N TRP E 107 -6.96 25.35 11.46
CA TRP E 107 -7.96 26.33 11.96
C TRP E 107 -8.86 26.78 10.81
N GLY E 108 -10.17 26.88 11.01
CA GLY E 108 -11.08 27.61 10.11
C GLY E 108 -10.87 29.10 10.25
N GLN E 109 -11.43 29.87 9.34
CA GLN E 109 -11.30 31.34 9.31
C GLN E 109 -12.27 31.96 10.33
N GLY E 110 -13.28 31.22 10.79
CA GLY E 110 -14.18 31.65 11.88
C GLY E 110 -15.52 32.13 11.35
N THR E 111 -16.57 32.07 12.17
CA THR E 111 -17.94 32.56 11.86
C THR E 111 -18.42 33.35 13.09
N GLN E 112 -19.10 34.48 12.85
CA GLN E 112 -19.59 35.45 13.85
C GLN E 112 -20.87 34.91 14.48
N VAL E 113 -20.97 34.98 15.80
CA VAL E 113 -22.27 34.77 16.50
C VAL E 113 -22.55 36.01 17.34
N THR E 114 -23.70 36.62 17.14
CA THR E 114 -24.12 37.81 17.91
C THR E 114 -25.41 37.42 18.66
N VAL E 115 -25.34 37.34 19.98
CA VAL E 115 -26.55 37.13 20.80
C VAL E 115 -27.11 38.51 21.20
N SER E 116 -28.30 38.89 20.72
CA SER E 116 -29.03 40.14 21.13
C SER E 116 -29.76 39.92 22.46
N SER E 117 -29.77 40.96 23.30
CA SER E 117 -30.06 40.97 24.76
C SER E 117 -31.51 41.40 25.03
N GLN F 1 4.91 -23.76 24.08
CA GLN F 1 5.95 -24.79 23.78
C GLN F 1 6.83 -24.31 22.62
N VAL F 2 7.32 -23.07 22.70
CA VAL F 2 8.39 -22.52 21.82
C VAL F 2 9.67 -23.32 22.08
N GLN F 3 10.27 -23.89 21.02
CA GLN F 3 11.34 -24.91 21.16
C GLN F 3 12.39 -24.76 20.05
N LEU F 4 13.66 -24.97 20.40
CA LEU F 4 14.79 -25.05 19.44
C LEU F 4 15.49 -26.39 19.65
N GLN F 5 15.87 -27.04 18.56
CA GLN F 5 16.56 -28.37 18.56
C GLN F 5 17.76 -28.29 17.60
N GLU F 6 18.98 -28.33 18.14
CA GLU F 6 20.24 -28.36 17.36
C GLU F 6 20.42 -29.77 16.82
N SER F 7 21.19 -29.88 15.74
CA SER F 7 21.84 -31.13 15.32
C SER F 7 23.11 -30.79 14.56
N GLY F 8 24.03 -31.74 14.41
CA GLY F 8 25.14 -31.68 13.46
C GLY F 8 26.51 -31.66 14.13
N GLY F 9 26.60 -31.87 15.45
CA GLY F 9 27.90 -31.84 16.15
C GLY F 9 28.75 -33.08 15.85
N GLY F 10 29.79 -33.37 16.63
CA GLY F 10 30.50 -34.67 16.55
C GLY F 10 32.00 -34.50 16.70
N LEU F 11 32.77 -35.38 16.09
CA LEU F 11 34.25 -35.41 16.25
C LEU F 11 34.86 -35.11 14.88
N VAL F 12 35.76 -34.15 14.79
CA VAL F 12 36.30 -33.69 13.48
C VAL F 12 37.76 -33.31 13.70
N GLU F 13 38.58 -33.47 12.66
CA GLU F 13 40.03 -33.12 12.70
C GLU F 13 40.21 -31.57 12.73
N ALA F 14 41.25 -31.08 13.41
CA ALA F 14 41.73 -29.70 13.30
C ALA F 14 41.91 -29.33 11.82
N GLY F 15 41.43 -28.15 11.40
CA GLY F 15 41.50 -27.75 9.98
C GLY F 15 40.28 -28.25 9.24
N GLY F 16 39.48 -29.10 9.88
CA GLY F 16 38.23 -29.61 9.30
C GLY F 16 37.07 -28.65 9.51
N SER F 17 35.89 -29.12 9.12
CA SER F 17 34.64 -28.32 9.12
C SER F 17 33.43 -29.18 9.50
N LEU F 18 32.37 -28.55 9.97
CA LEU F 18 31.03 -29.17 10.07
C LEU F 18 30.00 -28.05 10.16
N ARG F 19 28.73 -28.36 9.97
CA ARG F 19 27.63 -27.37 9.93
C ARG F 19 26.65 -27.79 11.02
N LEU F 20 26.38 -26.92 11.97
CA LEU F 20 25.31 -27.13 12.97
C LEU F 20 24.04 -26.54 12.40
N SER F 21 22.92 -27.12 12.74
CA SER F 21 21.64 -26.52 12.37
C SER F 21 20.75 -26.54 13.60
N CYS F 22 19.76 -25.67 13.57
CA CYS F 22 18.82 -25.49 14.67
C CYS F 22 17.43 -25.22 14.10
N LEU F 23 16.48 -26.10 14.46
CA LEU F 23 15.05 -26.04 14.02
C LEU F 23 14.18 -25.48 15.14
N GLY F 24 13.46 -24.41 14.83
CA GLY F 24 12.46 -23.77 15.68
C GLY F 24 11.11 -24.38 15.43
N SER F 25 10.41 -24.74 16.50
CA SER F 25 9.01 -25.22 16.47
C SER F 25 8.17 -24.46 17.51
N GLY F 26 6.87 -24.34 17.27
CA GLY F 26 5.91 -23.72 18.20
C GLY F 26 6.16 -22.23 18.39
N LEU F 27 6.79 -21.58 17.40
CA LEU F 27 7.05 -20.11 17.41
C LEU F 27 6.87 -19.56 15.99
N THR F 28 6.81 -18.23 15.88
CA THR F 28 6.96 -17.48 14.60
C THR F 28 8.45 -17.24 14.39
N PHE F 29 9.13 -18.14 13.67
CA PHE F 29 10.60 -18.19 13.60
C PHE F 29 11.15 -16.87 13.04
N SER F 30 10.47 -16.26 12.07
CA SER F 30 10.92 -15.01 11.42
C SER F 30 10.91 -13.81 12.39
N ARG F 31 10.29 -13.95 13.57
CA ARG F 31 10.25 -12.89 14.61
C ARG F 31 11.40 -13.07 15.61
N TYR F 32 12.20 -14.12 15.52
CA TYR F 32 13.31 -14.35 16.47
C TYR F 32 14.65 -14.04 15.78
N ALA F 33 15.41 -13.09 16.34
CA ALA F 33 16.84 -12.94 16.04
C ALA F 33 17.55 -14.19 16.61
N MET F 34 18.55 -14.73 15.93
CA MET F 34 19.17 -16.01 16.38
C MET F 34 20.64 -15.83 16.64
N GLY F 35 21.14 -16.64 17.57
CA GLY F 35 22.54 -16.61 18.01
C GLY F 35 23.05 -18.01 18.23
N TRP F 36 24.35 -18.19 18.08
CA TRP F 36 25.08 -19.41 18.50
C TRP F 36 25.96 -19.00 19.65
N PHE F 37 25.94 -19.82 20.68
CA PHE F 37 26.75 -19.76 21.91
C PHE F 37 27.43 -21.11 22.06
N ARG F 38 28.50 -21.14 22.84
CA ARG F 38 29.22 -22.38 23.14
C ARG F 38 29.69 -22.24 24.58
N GLN F 39 29.81 -23.38 25.24
CA GLN F 39 30.49 -23.47 26.53
C GLN F 39 31.55 -24.56 26.46
N ALA F 40 32.81 -24.11 26.44
CA ALA F 40 34.03 -24.95 26.53
C ALA F 40 34.12 -25.47 27.95
N PRO F 41 34.56 -26.72 28.17
CA PRO F 41 34.59 -27.27 29.52
C PRO F 41 35.52 -26.40 30.39
N GLY F 42 35.02 -25.97 31.55
CA GLY F 42 35.74 -25.10 32.48
C GLY F 42 35.61 -23.61 32.18
N LYS F 43 35.01 -23.22 31.04
CA LYS F 43 34.87 -21.78 30.66
C LYS F 43 33.41 -21.36 30.88
N GLU F 44 33.15 -20.06 30.85
CA GLU F 44 31.78 -19.50 30.85
C GLU F 44 31.18 -19.67 29.45
N ARG F 45 29.87 -19.81 29.36
CA ARG F 45 29.15 -19.78 28.07
C ARG F 45 29.56 -18.50 27.32
N GLU F 46 29.94 -18.60 26.05
CA GLU F 46 30.39 -17.39 25.32
C GLU F 46 29.67 -17.28 23.99
N PHE F 47 29.63 -16.05 23.51
CA PHE F 47 29.03 -15.65 22.23
C PHE F 47 29.85 -16.25 21.09
N VAL F 48 29.20 -16.76 20.05
CA VAL F 48 29.89 -17.22 18.83
C VAL F 48 29.42 -16.38 17.65
N ALA F 49 28.13 -16.31 17.40
CA ALA F 49 27.61 -15.62 16.21
C ALA F 49 26.16 -15.20 16.41
N SER F 50 25.72 -14.18 15.66
CA SER F 50 24.34 -13.64 15.75
C SER F 50 23.91 -13.19 14.36
N ILE F 51 22.60 -13.18 14.18
CA ILE F 51 21.95 -12.82 12.92
C ILE F 51 20.54 -12.34 13.24
N THR F 52 20.09 -11.36 12.46
CA THR F 52 18.82 -10.66 12.72
C THR F 52 17.72 -11.58 12.20
N ARG F 53 16.49 -11.24 12.53
CA ARG F 53 15.28 -12.00 12.18
C ARG F 53 15.27 -12.35 10.69
N SER F 54 15.59 -11.39 9.84
CA SER F 54 15.47 -11.53 8.36
C SER F 54 16.76 -12.15 7.79
N GLY F 55 17.81 -12.37 8.60
CA GLY F 55 19.09 -12.94 8.13
C GLY F 55 20.16 -11.88 7.82
N GLY F 56 20.05 -10.69 8.42
CA GLY F 56 20.97 -9.55 8.19
C GLY F 56 22.00 -9.41 9.28
N SER F 57 22.87 -8.43 9.06
CA SER F 57 24.05 -8.03 9.87
C SER F 57 24.58 -9.19 10.71
N PRO F 58 25.14 -10.25 10.10
CA PRO F 58 25.81 -11.31 10.84
C PRO F 58 26.89 -10.66 11.71
N ASN F 59 27.06 -11.16 12.94
CA ASN F 59 28.13 -10.69 13.84
C ASN F 59 28.77 -11.93 14.50
N TYR F 60 30.08 -11.85 14.78
CA TYR F 60 30.95 -13.00 15.16
C TYR F 60 31.82 -12.59 16.35
N ALA F 61 32.01 -13.46 17.33
CA ALA F 61 33.16 -13.38 18.26
C ALA F 61 34.46 -13.26 17.44
N ASP F 62 35.35 -12.35 17.85
CA ASP F 62 36.71 -12.16 17.28
C ASP F 62 37.37 -13.52 16.96
N SER F 63 37.33 -14.50 17.87
CA SER F 63 38.08 -15.79 17.76
C SER F 63 37.56 -16.65 16.59
N VAL F 64 36.42 -16.31 15.98
CA VAL F 64 35.86 -17.20 14.91
C VAL F 64 35.65 -16.45 13.61
N LYS F 65 35.99 -15.17 13.56
CA LYS F 65 35.84 -14.30 12.35
C LYS F 65 36.51 -14.98 11.17
N GLY F 66 35.85 -15.05 10.01
CA GLY F 66 36.41 -15.64 8.79
C GLY F 66 36.18 -17.14 8.69
N ARG F 67 36.13 -17.85 9.81
CA ARG F 67 36.08 -19.35 9.83
C ARG F 67 34.63 -19.84 10.01
N PHE F 68 33.80 -19.08 10.71
CA PHE F 68 32.39 -19.47 11.01
C PHE F 68 31.45 -18.54 10.25
N THR F 69 30.38 -19.10 9.67
CA THR F 69 29.31 -18.32 8.97
C THR F 69 27.97 -18.73 9.57
N ILE F 70 27.24 -17.73 10.10
CA ILE F 70 25.83 -17.89 10.53
C ILE F 70 24.93 -17.53 9.34
N SER F 71 23.91 -18.33 9.09
CA SER F 71 22.88 -18.02 8.09
C SER F 71 21.54 -18.55 8.58
N ARG F 72 20.43 -18.19 7.93
CA ARG F 72 19.11 -18.78 8.25
C ARG F 72 18.28 -18.96 6.97
N ASP F 73 17.31 -19.84 7.10
CA ASP F 73 16.29 -20.13 6.08
C ASP F 73 14.95 -20.17 6.81
N ASN F 74 14.25 -19.04 6.80
CA ASN F 74 12.98 -18.81 7.55
C ASN F 74 11.88 -19.71 6.97
N ALA F 75 11.85 -19.92 5.66
CA ALA F 75 10.91 -20.88 5.06
C ALA F 75 11.07 -22.27 5.73
N LYS F 76 12.26 -22.64 6.22
CA LYS F 76 12.51 -23.98 6.80
C LYS F 76 12.62 -23.89 8.31
N ASN F 77 12.38 -22.73 8.91
CA ASN F 77 12.44 -22.54 10.39
C ASN F 77 13.82 -22.97 10.90
N THR F 78 14.86 -22.73 10.13
CA THR F 78 16.22 -23.27 10.44
C THR F 78 17.28 -22.15 10.48
N VAL F 79 18.15 -22.19 11.50
CA VAL F 79 19.39 -21.37 11.55
C VAL F 79 20.60 -22.32 11.50
N TYR F 80 21.64 -21.91 10.77
CA TYR F 80 22.86 -22.73 10.51
C TYR F 80 24.10 -22.06 11.07
N LEU F 81 25.07 -22.86 11.49
CA LEU F 81 26.43 -22.40 11.81
C LEU F 81 27.43 -23.29 11.02
N GLN F 82 28.03 -22.71 9.99
CA GLN F 82 29.15 -23.31 9.23
C GLN F 82 30.41 -23.08 10.05
N MET F 83 31.00 -24.14 10.59
CA MET F 83 32.23 -24.08 11.39
C MET F 83 33.36 -24.66 10.52
N SER F 84 34.29 -23.82 10.06
CA SER F 84 35.42 -24.24 9.22
C SER F 84 36.73 -23.93 9.92
N SER F 85 37.82 -24.52 9.42
CA SER F 85 39.20 -24.33 9.92
C SER F 85 39.22 -24.57 11.42
N LEU F 86 38.60 -25.66 11.87
CA LEU F 86 38.39 -25.87 13.33
C LEU F 86 39.75 -25.97 14.04
N LYS F 87 39.78 -25.46 15.27
CA LYS F 87 40.95 -25.52 16.18
C LYS F 87 40.52 -26.26 17.44
N PRO F 88 41.47 -26.82 18.21
CA PRO F 88 41.18 -27.36 19.53
C PRO F 88 40.36 -26.44 20.43
N GLU F 89 40.58 -25.12 20.33
CA GLU F 89 39.91 -24.09 21.17
C GLU F 89 38.39 -24.08 20.86
N ASP F 90 37.95 -24.68 19.75
CA ASP F 90 36.52 -24.72 19.31
C ASP F 90 35.76 -25.86 19.99
N THR F 91 36.46 -26.76 20.66
CA THR F 91 35.86 -27.91 21.36
C THR F 91 34.93 -27.33 22.45
N ALA F 92 33.65 -27.66 22.42
CA ALA F 92 32.64 -27.10 23.35
C ALA F 92 31.29 -27.76 23.08
N VAL F 93 30.32 -27.50 23.94
CA VAL F 93 28.88 -27.70 23.60
C VAL F 93 28.41 -26.39 22.96
N TYR F 94 27.79 -26.50 21.80
CA TYR F 94 27.23 -25.38 21.00
C TYR F 94 25.71 -25.32 21.20
N TYR F 95 25.20 -24.14 21.52
CA TYR F 95 23.75 -23.91 21.74
C TYR F 95 23.26 -22.88 20.74
N CYS F 96 22.09 -23.10 20.12
CA CYS F 96 21.38 -22.01 19.40
C CYS F 96 20.42 -21.37 20.40
N ALA F 97 20.20 -20.07 20.22
CA ALA F 97 19.35 -19.26 21.10
C ALA F 97 18.54 -18.31 20.22
N GLY F 98 17.32 -18.05 20.66
CA GLY F 98 16.36 -17.17 20.01
C GLY F 98 16.07 -15.95 20.88
N ARG F 99 15.98 -14.79 20.24
CA ARG F 99 15.70 -13.49 20.90
C ARG F 99 14.47 -12.92 20.21
N GLY F 100 13.29 -13.08 20.80
CA GLY F 100 12.06 -12.49 20.25
C GLY F 100 12.05 -10.97 20.44
N SER F 101 12.71 -10.51 21.50
CA SER F 101 12.65 -9.13 22.03
C SER F 101 14.08 -8.66 22.36
N VAL F 102 14.39 -8.50 23.64
CA VAL F 102 15.67 -7.86 24.04
C VAL F 102 16.63 -8.96 24.45
N TYR F 103 16.14 -10.14 24.83
CA TYR F 103 16.98 -11.20 25.46
C TYR F 103 16.91 -12.52 24.71
N TYR F 104 18.02 -13.24 24.74
CA TYR F 104 18.06 -14.65 24.32
C TYR F 104 17.34 -15.42 25.42
N ASP F 105 16.09 -15.78 25.17
CA ASP F 105 15.17 -16.37 26.17
C ASP F 105 14.67 -17.74 25.71
N VAL F 106 15.01 -18.21 24.52
CA VAL F 106 14.75 -19.63 24.13
C VAL F 106 16.07 -20.24 23.64
N TRP F 107 16.37 -21.44 24.13
CA TRP F 107 17.67 -22.15 23.99
C TRP F 107 17.44 -23.59 23.53
N GLY F 108 18.30 -24.09 22.65
CA GLY F 108 18.42 -25.53 22.40
C GLY F 108 19.11 -26.23 23.56
N GLN F 109 19.00 -27.56 23.59
CA GLN F 109 19.63 -28.50 24.56
C GLN F 109 21.17 -28.47 24.37
N GLY F 110 21.65 -28.20 23.16
CA GLY F 110 23.09 -28.14 22.86
C GLY F 110 23.61 -29.40 22.15
N THR F 111 24.75 -29.31 21.48
CA THR F 111 25.38 -30.43 20.73
C THR F 111 26.90 -30.29 20.86
N GLN F 112 27.59 -31.42 21.08
CA GLN F 112 29.04 -31.52 21.39
C GLN F 112 29.80 -31.38 20.08
N VAL F 113 30.80 -30.51 20.03
CA VAL F 113 31.83 -30.54 18.96
C VAL F 113 33.18 -30.82 19.62
N THR F 114 33.86 -31.85 19.17
CA THR F 114 35.21 -32.23 19.66
C THR F 114 36.16 -32.15 18.46
N VAL F 115 37.14 -31.24 18.53
CA VAL F 115 38.20 -31.09 17.51
C VAL F 115 39.43 -31.87 17.99
N SER F 116 39.80 -32.95 17.31
CA SER F 116 40.98 -33.80 17.63
C SER F 116 42.20 -33.18 16.96
N SER F 117 43.30 -33.14 17.67
CA SER F 117 44.60 -32.55 17.23
C SER F 117 45.66 -33.63 17.17
N GLN G 1 -9.09 12.06 -1.50
CA GLN G 1 -8.39 13.32 -1.15
C GLN G 1 -7.10 13.44 -1.99
N VAL G 2 -7.15 13.04 -3.27
CA VAL G 2 -6.12 13.33 -4.31
C VAL G 2 -6.21 14.82 -4.65
N GLN G 3 -5.10 15.56 -4.52
CA GLN G 3 -5.08 17.04 -4.74
C GLN G 3 -3.86 17.48 -5.57
N LEU G 4 -4.01 18.60 -6.28
CA LEU G 4 -2.94 19.29 -7.05
C LEU G 4 -3.00 20.77 -6.70
N GLN G 5 -1.88 21.36 -6.26
CA GLN G 5 -1.77 22.79 -5.91
C GLN G 5 -0.81 23.46 -6.91
N GLU G 6 -1.34 24.36 -7.76
CA GLU G 6 -0.52 25.20 -8.66
C GLU G 6 0.04 26.40 -7.90
N SER G 7 1.21 26.85 -8.30
CA SER G 7 1.73 28.18 -7.91
C SER G 7 2.58 28.76 -9.04
N GLY G 8 3.10 29.98 -8.83
CA GLY G 8 4.07 30.66 -9.70
C GLY G 8 3.40 31.59 -10.69
N GLY G 9 2.10 31.87 -10.53
CA GLY G 9 1.33 32.67 -11.51
C GLY G 9 1.74 34.13 -11.44
N GLY G 10 1.08 35.01 -12.21
CA GLY G 10 1.17 36.45 -11.92
C GLY G 10 1.32 37.32 -13.14
N LEU G 11 1.74 38.56 -12.90
CA LEU G 11 1.82 39.64 -13.91
C LEU G 11 3.24 39.63 -14.47
N VAL G 12 3.37 39.73 -15.78
CA VAL G 12 4.71 39.70 -16.45
C VAL G 12 4.64 40.50 -17.75
N GLU G 13 5.77 41.09 -18.15
CA GLU G 13 5.88 41.95 -19.36
C GLU G 13 5.91 41.03 -20.60
N ALA G 14 5.47 41.53 -21.76
CA ALA G 14 5.56 40.79 -23.03
C ALA G 14 7.03 40.51 -23.34
N GLY G 15 7.29 39.35 -23.95
CA GLY G 15 8.63 38.80 -24.18
C GLY G 15 9.21 38.14 -22.92
N GLY G 16 8.52 38.26 -21.78
CA GLY G 16 8.97 37.76 -20.48
C GLY G 16 8.70 36.27 -20.27
N SER G 17 9.03 35.78 -19.08
CA SER G 17 9.02 34.33 -18.81
C SER G 17 8.45 34.11 -17.41
N LEU G 18 7.75 33.02 -17.14
CA LEU G 18 7.54 32.58 -15.75
C LEU G 18 7.36 31.08 -15.72
N ARG G 19 7.60 30.49 -14.56
CA ARG G 19 7.59 29.02 -14.39
C ARG G 19 6.41 28.72 -13.48
N LEU G 20 5.39 28.01 -13.96
CA LEU G 20 4.34 27.43 -13.09
C LEU G 20 4.82 26.07 -12.57
N SER G 21 4.40 25.74 -11.36
CA SER G 21 4.64 24.44 -10.70
C SER G 21 3.31 23.94 -10.14
N CYS G 22 3.21 22.64 -10.02
CA CYS G 22 1.99 21.96 -9.55
C CYS G 22 2.44 20.81 -8.68
N LEU G 23 2.09 20.86 -7.40
CA LEU G 23 2.54 19.84 -6.42
C LEU G 23 1.41 18.86 -6.16
N GLY G 24 1.69 17.56 -6.27
CA GLY G 24 0.71 16.49 -5.97
C GLY G 24 0.81 15.99 -4.54
N SER G 25 -0.35 15.76 -3.89
CA SER G 25 -0.46 15.15 -2.54
C SER G 25 -1.59 14.12 -2.53
N GLY G 26 -1.39 13.01 -1.85
CA GLY G 26 -2.47 12.02 -1.58
C GLY G 26 -2.70 11.11 -2.77
N LEU G 27 -1.70 11.00 -3.65
CA LEU G 27 -1.70 10.14 -4.87
C LEU G 27 -0.28 9.61 -5.09
N THR G 28 -0.17 8.47 -5.78
CA THR G 28 1.11 7.98 -6.31
C THR G 28 1.42 8.80 -7.58
N PHE G 29 2.13 9.92 -7.44
CA PHE G 29 2.33 10.96 -8.49
C PHE G 29 2.96 10.33 -9.75
N SER G 30 3.90 9.40 -9.58
CA SER G 30 4.64 8.74 -10.70
C SER G 30 3.69 7.92 -11.62
N ARG G 31 2.47 7.60 -11.20
CA ARG G 31 1.46 6.84 -11.98
C ARG G 31 0.51 7.79 -12.72
N TYR G 32 0.71 9.11 -12.60
CA TYR G 32 -0.17 10.12 -13.25
C TYR G 32 0.61 10.80 -14.40
N ALA G 33 0.13 10.62 -15.63
CA ALA G 33 0.46 11.50 -16.77
C ALA G 33 -0.07 12.89 -16.42
N MET G 34 0.66 13.97 -16.73
CA MET G 34 0.24 15.32 -16.31
C MET G 34 0.08 16.22 -17.54
N GLY G 35 -0.75 17.24 -17.38
CA GLY G 35 -0.93 18.28 -18.41
C GLY G 35 -1.18 19.65 -17.82
N TRP G 36 -0.97 20.65 -18.65
CA TRP G 36 -1.36 22.04 -18.42
C TRP G 36 -2.48 22.38 -19.40
N PHE G 37 -3.48 23.10 -18.89
CA PHE G 37 -4.62 23.62 -19.67
C PHE G 37 -4.76 25.08 -19.30
N ARG G 38 -5.43 25.90 -20.12
CA ARG G 38 -5.67 27.32 -19.76
C ARG G 38 -7.03 27.78 -20.27
N GLN G 39 -7.57 28.81 -19.64
CA GLN G 39 -8.88 29.40 -20.00
C GLN G 39 -8.73 30.91 -19.94
N ALA G 40 -8.80 31.60 -21.09
CA ALA G 40 -8.90 33.07 -21.18
C ALA G 40 -10.37 33.48 -20.97
N PRO G 41 -10.66 34.77 -20.65
CA PRO G 41 -12.04 35.23 -20.47
C PRO G 41 -12.88 34.91 -21.71
N GLY G 42 -14.03 34.25 -21.51
CA GLY G 42 -14.97 33.92 -22.59
C GLY G 42 -14.31 33.09 -23.68
N LYS G 43 -13.64 32.01 -23.28
CA LYS G 43 -13.12 30.98 -24.21
C LYS G 43 -13.30 29.62 -23.54
N GLU G 44 -13.34 28.56 -24.34
CA GLU G 44 -13.25 27.16 -23.86
C GLU G 44 -11.88 27.00 -23.16
N ARG G 45 -11.80 26.15 -22.12
CA ARG G 45 -10.54 25.66 -21.54
C ARG G 45 -9.76 24.97 -22.66
N GLU G 46 -8.48 25.30 -22.85
CA GLU G 46 -7.68 24.69 -23.95
C GLU G 46 -6.41 24.02 -23.41
N PHE G 47 -6.04 22.97 -24.13
CA PHE G 47 -4.79 22.20 -24.03
C PHE G 47 -3.57 23.12 -24.20
N VAL G 48 -2.58 22.98 -23.31
CA VAL G 48 -1.28 23.69 -23.46
C VAL G 48 -0.17 22.65 -23.65
N ALA G 49 -0.06 21.68 -22.75
CA ALA G 49 1.06 20.71 -22.76
C ALA G 49 0.68 19.45 -22.00
N SER G 50 1.30 18.34 -22.38
CA SER G 50 1.17 17.04 -21.71
C SER G 50 2.55 16.39 -21.62
N ILE G 51 2.70 15.50 -20.64
CA ILE G 51 3.92 14.69 -20.43
C ILE G 51 3.50 13.37 -19.81
N THR G 52 4.21 12.29 -20.12
CA THR G 52 3.90 10.94 -19.61
C THR G 52 4.34 10.86 -18.14
N ARG G 53 3.89 9.81 -17.47
CA ARG G 53 4.19 9.48 -16.05
C ARG G 53 5.66 9.69 -15.73
N SER G 54 6.53 9.13 -16.57
CA SER G 54 8.01 9.08 -16.38
C SER G 54 8.69 10.35 -16.92
N GLY G 55 7.97 11.33 -17.48
CA GLY G 55 8.60 12.56 -18.00
C GLY G 55 8.86 12.48 -19.49
N GLY G 56 8.28 11.47 -20.16
CA GLY G 56 8.44 11.21 -21.61
C GLY G 56 7.47 11.97 -22.52
N SER G 57 7.80 12.00 -23.81
CA SER G 57 6.91 12.33 -24.96
C SER G 57 6.13 13.61 -24.64
N PRO G 58 6.82 14.71 -24.33
CA PRO G 58 6.14 15.99 -24.13
C PRO G 58 5.47 16.42 -25.44
N ASN G 59 4.33 17.12 -25.33
CA ASN G 59 3.44 17.47 -26.46
C ASN G 59 2.84 18.84 -26.14
N TYR G 60 2.71 19.70 -27.14
CA TYR G 60 2.31 21.11 -26.96
C TYR G 60 1.18 21.47 -27.92
N ALA G 61 0.30 22.37 -27.50
CA ALA G 61 -0.55 23.13 -28.44
C ALA G 61 0.37 23.88 -29.40
N ASP G 62 -0.06 23.95 -30.64
CA ASP G 62 0.67 24.62 -31.73
C ASP G 62 0.97 26.07 -31.32
N SER G 63 0.07 26.75 -30.62
CA SER G 63 0.28 28.19 -30.27
C SER G 63 1.43 28.38 -29.25
N VAL G 64 1.98 27.31 -28.66
CA VAL G 64 3.01 27.48 -27.58
C VAL G 64 4.28 26.70 -27.97
N LYS G 65 4.33 26.11 -29.17
CA LYS G 65 5.48 25.28 -29.59
C LYS G 65 6.74 26.13 -29.46
N GLY G 66 7.77 25.55 -28.84
CA GLY G 66 9.10 26.16 -28.70
C GLY G 66 9.20 27.21 -27.61
N ARG G 67 8.09 27.85 -27.20
CA ARG G 67 8.10 28.92 -26.16
C ARG G 67 7.89 28.30 -24.79
N PHE G 68 7.12 27.20 -24.71
CA PHE G 68 6.69 26.60 -23.42
C PHE G 68 7.29 25.19 -23.34
N THR G 69 7.71 24.83 -22.14
CA THR G 69 8.31 23.51 -21.88
C THR G 69 7.66 22.93 -20.64
N ILE G 70 7.17 21.71 -20.78
CA ILE G 70 6.61 20.91 -19.66
C ILE G 70 7.71 19.95 -19.19
N SER G 71 7.81 19.79 -17.88
CA SER G 71 8.83 18.90 -17.27
C SER G 71 8.28 18.46 -15.91
N ARG G 72 8.81 17.38 -15.37
CA ARG G 72 8.33 16.93 -14.05
C ARG G 72 9.50 16.40 -13.22
N ASP G 73 9.29 16.35 -11.92
CA ASP G 73 10.26 15.75 -10.97
C ASP G 73 9.46 14.87 -10.02
N ASN G 74 9.41 13.56 -10.27
CA ASN G 74 8.57 12.62 -9.48
C ASN G 74 9.10 12.56 -8.04
N ALA G 75 10.41 12.73 -7.83
CA ALA G 75 11.03 12.79 -6.49
C ALA G 75 10.46 13.98 -5.69
N LYS G 76 9.87 15.01 -6.33
CA LYS G 76 9.22 16.13 -5.59
C LYS G 76 7.71 16.15 -5.82
N ASN G 77 7.13 15.14 -6.45
CA ASN G 77 5.67 15.17 -6.77
C ASN G 77 5.31 16.49 -7.49
N THR G 78 6.17 17.03 -8.35
CA THR G 78 5.88 18.32 -9.02
C THR G 78 5.95 18.18 -10.56
N VAL G 79 5.02 18.83 -11.23
CA VAL G 79 5.10 19.08 -12.70
C VAL G 79 5.28 20.59 -12.90
N TYR G 80 6.10 20.97 -13.89
CA TYR G 80 6.39 22.40 -14.17
C TYR G 80 5.94 22.79 -15.57
N LEU G 81 5.66 24.08 -15.77
CA LEU G 81 5.51 24.71 -17.09
C LEU G 81 6.43 25.92 -17.13
N GLN G 82 7.49 25.83 -17.92
CA GLN G 82 8.36 26.98 -18.23
C GLN G 82 7.75 27.73 -19.41
N MET G 83 7.28 28.93 -19.15
CA MET G 83 6.64 29.82 -20.13
C MET G 83 7.62 30.94 -20.50
N SER G 84 7.91 31.11 -21.78
CA SER G 84 8.90 32.08 -22.34
C SER G 84 8.32 32.81 -23.54
N SER G 85 8.87 33.97 -23.85
CA SER G 85 8.47 34.83 -24.99
C SER G 85 6.98 35.06 -24.90
N LEU G 86 6.52 35.43 -23.71
CA LEU G 86 5.06 35.53 -23.40
C LEU G 86 4.47 36.68 -24.24
N LYS G 87 3.25 36.45 -24.77
CA LYS G 87 2.42 37.40 -25.55
C LYS G 87 1.18 37.72 -24.75
N PRO G 88 0.48 38.86 -24.99
CA PRO G 88 -0.80 39.16 -24.33
C PRO G 88 -1.84 38.05 -24.50
N GLU G 89 -1.91 37.40 -25.66
CA GLU G 89 -2.83 36.27 -25.93
C GLU G 89 -2.48 35.01 -25.12
N ASP G 90 -1.45 35.00 -24.26
CA ASP G 90 -1.16 33.88 -23.32
C ASP G 90 -1.88 34.12 -21.98
N THR G 91 -2.41 35.33 -21.78
CA THR G 91 -3.18 35.73 -20.58
C THR G 91 -4.32 34.74 -20.38
N ALA G 92 -4.35 34.06 -19.24
CA ALA G 92 -5.38 33.02 -18.97
C ALA G 92 -5.22 32.54 -17.55
N VAL G 93 -6.23 31.83 -17.05
CA VAL G 93 -6.03 30.99 -15.84
C VAL G 93 -5.42 29.69 -16.35
N TYR G 94 -4.30 29.30 -15.77
CA TYR G 94 -3.58 28.06 -16.14
C TYR G 94 -3.90 27.00 -15.09
N TYR G 95 -4.25 25.81 -15.58
CA TYR G 95 -4.62 24.66 -14.74
C TYR G 95 -3.67 23.51 -15.05
N CYS G 96 -3.32 22.83 -13.97
CA CYS G 96 -2.60 21.55 -13.88
C CYS G 96 -3.66 20.43 -13.80
N ALA G 97 -3.39 19.25 -14.38
CA ALA G 97 -4.31 18.10 -14.37
C ALA G 97 -3.52 16.79 -14.42
N GLY G 98 -3.97 15.81 -13.64
CA GLY G 98 -3.41 14.46 -13.59
C GLY G 98 -4.34 13.47 -14.25
N ARG G 99 -3.77 12.42 -14.83
CA ARG G 99 -4.48 11.33 -15.54
C ARG G 99 -3.84 10.03 -15.07
N GLY G 100 -4.50 9.32 -14.17
CA GLY G 100 -4.03 8.03 -13.65
C GLY G 100 -4.15 6.93 -14.70
N SER G 101 -5.12 7.07 -15.60
CA SER G 101 -5.52 6.02 -16.57
C SER G 101 -5.96 6.75 -17.85
N VAL G 102 -7.26 6.93 -18.10
CA VAL G 102 -7.70 7.41 -19.45
C VAL G 102 -8.11 8.88 -19.40
N TYR G 103 -8.57 9.44 -18.28
CA TYR G 103 -9.07 10.83 -18.23
C TYR G 103 -8.26 11.69 -17.26
N TYR G 104 -8.12 12.97 -17.61
CA TYR G 104 -7.70 14.06 -16.68
C TYR G 104 -8.84 14.24 -15.67
N ASP G 105 -8.73 13.62 -14.48
CA ASP G 105 -9.85 13.57 -13.49
C ASP G 105 -9.36 14.10 -12.14
N VAL G 106 -8.14 14.61 -12.05
CA VAL G 106 -7.72 15.48 -10.91
C VAL G 106 -7.15 16.79 -11.45
N TRP G 107 -7.66 17.91 -10.96
CA TRP G 107 -7.35 19.30 -11.39
C TRP G 107 -6.83 20.15 -10.22
N GLY G 108 -5.92 21.08 -10.49
CA GLY G 108 -5.63 22.20 -9.57
C GLY G 108 -6.69 23.29 -9.66
N GLN G 109 -6.69 24.20 -8.70
CA GLN G 109 -7.66 25.33 -8.57
C GLN G 109 -7.36 26.39 -9.63
N GLY G 110 -6.13 26.39 -10.18
CA GLY G 110 -5.72 27.29 -11.26
C GLY G 110 -4.88 28.44 -10.71
N THR G 111 -4.19 29.15 -11.59
CA THR G 111 -3.31 30.30 -11.27
C THR G 111 -3.44 31.26 -12.45
N GLN G 112 -3.66 32.54 -12.18
CA GLN G 112 -3.83 33.58 -13.24
C GLN G 112 -2.44 33.91 -13.79
N VAL G 113 -2.32 33.92 -15.11
CA VAL G 113 -1.17 34.58 -15.81
C VAL G 113 -1.74 35.74 -16.60
N THR G 114 -1.22 36.94 -16.34
CA THR G 114 -1.58 38.17 -17.09
C THR G 114 -0.30 38.67 -17.76
N VAL G 115 -0.32 38.80 -19.08
CA VAL G 115 0.85 39.25 -19.87
C VAL G 115 0.56 40.65 -20.41
N SER G 116 1.21 41.65 -19.80
CA SER G 116 1.13 43.08 -20.22
C SER G 116 1.51 43.24 -21.70
N SER G 117 1.15 44.38 -22.26
CA SER G 117 1.50 44.81 -23.63
C SER G 117 2.68 45.79 -23.53
N VAL H 2 10.51 -29.47 -24.59
CA VAL H 2 9.26 -29.69 -23.82
C VAL H 2 8.70 -31.08 -24.16
N GLN H 3 8.52 -31.93 -23.14
CA GLN H 3 8.18 -33.37 -23.31
C GLN H 3 7.33 -33.86 -22.13
N LEU H 4 6.34 -34.71 -22.41
CA LEU H 4 5.53 -35.48 -21.42
C LEU H 4 5.77 -36.98 -21.66
N GLN H 5 5.47 -37.82 -20.66
CA GLN H 5 5.75 -39.29 -20.64
C GLN H 5 4.77 -40.05 -19.75
N GLU H 6 3.88 -40.85 -20.35
CA GLU H 6 2.89 -41.71 -19.63
C GLU H 6 3.54 -43.04 -19.22
N SER H 7 2.92 -43.75 -18.27
CA SER H 7 3.30 -45.10 -17.78
C SER H 7 2.34 -45.51 -16.67
N GLY H 8 2.40 -46.79 -16.27
CA GLY H 8 1.38 -47.46 -15.43
C GLY H 8 0.68 -48.56 -16.21
N GLY H 9 0.68 -48.49 -17.54
CA GLY H 9 -0.16 -49.34 -18.41
C GLY H 9 0.32 -50.78 -18.49
N GLY H 10 -0.63 -51.73 -18.48
CA GLY H 10 -0.40 -53.17 -18.72
C GLY H 10 -1.71 -53.91 -19.01
N LEU H 11 -2.16 -54.74 -18.07
CA LEU H 11 -3.41 -55.57 -18.15
C LEU H 11 -4.09 -55.52 -16.77
N VAL H 12 -5.39 -55.82 -16.68
CA VAL H 12 -6.20 -55.72 -15.42
C VAL H 12 -7.59 -56.34 -15.65
N GLU H 13 -8.36 -56.54 -14.57
CA GLU H 13 -9.64 -57.32 -14.55
C GLU H 13 -10.86 -56.38 -14.49
N ALA H 14 -12.01 -56.84 -15.01
CA ALA H 14 -13.29 -56.10 -15.12
C ALA H 14 -13.96 -55.94 -13.74
N GLY H 15 -13.40 -55.04 -12.91
CA GLY H 15 -13.83 -54.78 -11.51
C GLY H 15 -12.79 -54.00 -10.71
N GLY H 16 -11.49 -54.11 -11.05
CA GLY H 16 -10.37 -53.48 -10.33
C GLY H 16 -9.99 -52.10 -10.87
N SER H 17 -8.70 -51.75 -10.78
CA SER H 17 -8.20 -50.36 -10.97
C SER H 17 -6.69 -50.31 -11.28
N LEU H 18 -6.23 -49.14 -11.75
CA LEU H 18 -4.81 -48.79 -12.06
C LEU H 18 -4.59 -47.28 -11.85
N ARG H 19 -3.34 -46.87 -11.58
CA ARG H 19 -2.89 -45.44 -11.46
C ARG H 19 -1.93 -45.09 -12.62
N LEU H 20 -2.40 -44.28 -13.57
CA LEU H 20 -1.59 -43.71 -14.68
C LEU H 20 -0.85 -42.48 -14.17
N SER H 21 0.41 -42.28 -14.59
CA SER H 21 1.19 -41.06 -14.26
C SER H 21 1.71 -40.39 -15.55
N CYS H 22 2.11 -39.13 -15.44
CA CYS H 22 2.80 -38.39 -16.52
C CYS H 22 3.85 -37.47 -15.91
N LEU H 23 5.12 -37.80 -16.06
CA LEU H 23 6.22 -36.89 -15.66
C LEU H 23 6.42 -35.90 -16.81
N GLY H 24 6.47 -34.62 -16.47
CA GLY H 24 6.76 -33.50 -17.39
C GLY H 24 8.17 -32.98 -17.19
N SER H 25 8.84 -32.61 -18.29
CA SER H 25 10.26 -32.18 -18.36
C SER H 25 10.40 -31.04 -19.37
N GLY H 26 11.33 -30.10 -19.13
CA GLY H 26 11.67 -29.01 -20.06
C GLY H 26 10.58 -27.95 -20.13
N LEU H 27 9.74 -27.86 -19.10
CA LEU H 27 8.64 -26.87 -18.99
C LEU H 27 8.51 -26.38 -17.55
N THR H 28 7.85 -25.24 -17.34
CA THR H 28 7.30 -24.80 -16.03
C THR H 28 5.94 -25.49 -15.84
N PHE H 29 5.97 -26.73 -15.35
CA PHE H 29 4.83 -27.69 -15.27
C PHE H 29 3.57 -27.06 -14.66
N SER H 30 3.75 -26.20 -13.65
CA SER H 30 2.63 -25.58 -12.90
C SER H 30 1.95 -24.47 -13.73
N ARG H 31 2.55 -24.05 -14.87
CA ARG H 31 1.93 -23.15 -15.90
C ARG H 31 1.00 -23.95 -16.84
N TYR H 32 1.02 -25.29 -16.80
CA TYR H 32 0.27 -26.21 -17.71
C TYR H 32 -0.94 -26.79 -16.97
N ALA H 33 -2.14 -26.52 -17.47
CA ALA H 33 -3.34 -27.33 -17.20
C ALA H 33 -3.14 -28.66 -17.94
N MET H 34 -3.66 -29.77 -17.42
CA MET H 34 -3.38 -31.11 -18.03
C MET H 34 -4.70 -31.83 -18.18
N GLY H 35 -4.69 -32.82 -19.07
CA GLY H 35 -5.83 -33.70 -19.34
C GLY H 35 -5.39 -35.08 -19.77
N TRP H 36 -6.34 -36.02 -19.74
CA TRP H 36 -6.18 -37.43 -20.14
C TRP H 36 -7.11 -37.72 -21.32
N PHE H 37 -6.58 -38.34 -22.37
CA PHE H 37 -7.29 -38.72 -23.62
C PHE H 37 -7.02 -40.21 -23.92
N ARG H 38 -8.02 -40.92 -24.47
CA ARG H 38 -7.90 -42.37 -24.84
C ARG H 38 -8.41 -42.60 -26.27
N GLN H 39 -7.63 -43.28 -27.12
CA GLN H 39 -8.07 -43.77 -28.47
C GLN H 39 -8.38 -45.27 -28.40
N ALA H 40 -9.66 -45.62 -28.27
CA ALA H 40 -10.18 -47.00 -28.49
C ALA H 40 -9.97 -47.35 -29.97
N PRO H 41 -9.24 -48.44 -30.33
CA PRO H 41 -8.91 -48.70 -31.75
C PRO H 41 -10.17 -48.65 -32.63
N GLY H 42 -10.16 -47.81 -33.68
CA GLY H 42 -11.30 -47.56 -34.59
C GLY H 42 -12.31 -46.56 -34.03
N LYS H 43 -11.84 -45.57 -33.26
CA LYS H 43 -12.67 -44.50 -32.61
C LYS H 43 -11.82 -43.22 -32.39
N GLU H 44 -12.49 -42.06 -32.27
CA GLU H 44 -11.90 -40.73 -31.93
C GLU H 44 -11.05 -40.83 -30.66
N ARG H 45 -9.92 -40.11 -30.62
CA ARG H 45 -9.21 -39.72 -29.36
C ARG H 45 -10.18 -38.87 -28.53
N GLU H 46 -10.99 -39.51 -27.68
CA GLU H 46 -12.10 -38.88 -26.92
C GLU H 46 -11.60 -38.42 -25.53
N PHE H 47 -12.37 -37.54 -24.89
CA PHE H 47 -12.00 -36.88 -23.61
C PHE H 47 -12.25 -37.84 -22.44
N VAL H 48 -11.33 -37.83 -21.46
CA VAL H 48 -11.40 -38.64 -20.21
C VAL H 48 -11.56 -37.71 -19.00
N ALA H 49 -10.55 -36.86 -18.74
CA ALA H 49 -10.49 -35.96 -17.55
C ALA H 49 -9.49 -34.82 -17.78
N SER H 50 -9.77 -33.66 -17.19
CA SER H 50 -8.96 -32.41 -17.25
C SER H 50 -8.77 -31.85 -15.83
N ILE H 51 -7.70 -31.09 -15.61
CA ILE H 51 -7.43 -30.42 -14.31
C ILE H 51 -6.57 -29.17 -14.55
N THR H 52 -6.84 -28.13 -13.78
CA THR H 52 -6.19 -26.81 -13.94
C THR H 52 -4.76 -26.83 -13.38
N ARG H 53 -4.04 -25.75 -13.64
CA ARG H 53 -2.60 -25.54 -13.33
C ARG H 53 -2.31 -25.93 -11.87
N SER H 54 -3.10 -25.42 -10.93
CA SER H 54 -2.85 -25.53 -9.47
C SER H 54 -3.51 -26.80 -8.92
N GLY H 55 -4.19 -27.57 -9.76
CA GLY H 55 -4.90 -28.80 -9.37
C GLY H 55 -6.31 -28.51 -8.91
N GLY H 56 -6.99 -27.55 -9.56
CA GLY H 56 -8.36 -27.11 -9.24
C GLY H 56 -9.37 -27.56 -10.29
N SER H 57 -10.65 -27.23 -10.06
CA SER H 57 -11.84 -27.52 -10.92
C SER H 57 -11.65 -28.79 -11.75
N PRO H 58 -11.45 -29.98 -11.14
CA PRO H 58 -11.28 -31.21 -11.92
C PRO H 58 -12.60 -31.57 -12.61
N ASN H 59 -12.51 -32.05 -13.86
CA ASN H 59 -13.68 -32.29 -14.75
C ASN H 59 -13.46 -33.62 -15.47
N TYR H 60 -14.54 -34.42 -15.61
CA TYR H 60 -14.53 -35.76 -16.25
C TYR H 60 -15.64 -35.88 -17.29
N ALA H 61 -15.38 -36.66 -18.33
CA ALA H 61 -16.36 -37.19 -19.31
C ALA H 61 -17.40 -38.04 -18.55
N ASP H 62 -18.69 -37.94 -18.92
CA ASP H 62 -19.84 -38.50 -18.17
C ASP H 62 -19.65 -40.01 -17.95
N SER H 63 -19.05 -40.69 -18.93
CA SER H 63 -18.85 -42.16 -18.99
C SER H 63 -17.70 -42.60 -18.07
N VAL H 64 -17.48 -41.90 -16.95
CA VAL H 64 -16.31 -42.14 -16.03
C VAL H 64 -16.47 -41.42 -14.67
N LYS H 65 -17.47 -40.56 -14.48
CA LYS H 65 -17.71 -39.85 -13.18
C LYS H 65 -17.93 -40.88 -12.07
N GLY H 66 -17.71 -40.49 -10.81
CA GLY H 66 -17.76 -41.40 -9.65
C GLY H 66 -16.59 -42.37 -9.62
N ARG H 67 -16.14 -42.84 -10.80
CA ARG H 67 -15.18 -43.98 -10.96
C ARG H 67 -13.74 -43.45 -10.95
N PHE H 68 -13.37 -42.57 -11.89
CA PHE H 68 -11.98 -42.04 -12.06
C PHE H 68 -11.78 -40.79 -11.18
N THR H 69 -10.51 -40.52 -10.84
CA THR H 69 -10.03 -39.34 -10.06
C THR H 69 -8.74 -38.81 -10.70
N ILE H 70 -8.78 -37.57 -11.23
CA ILE H 70 -7.61 -36.82 -11.77
C ILE H 70 -6.99 -35.99 -10.64
N SER H 71 -5.67 -35.96 -10.54
CA SER H 71 -4.94 -35.20 -9.49
C SER H 71 -3.51 -34.93 -9.98
N ARG H 72 -2.79 -34.05 -9.29
CA ARG H 72 -1.42 -33.64 -9.68
C ARG H 72 -0.60 -33.20 -8.46
N ASP H 73 0.72 -33.35 -8.54
CA ASP H 73 1.71 -32.82 -7.58
C ASP H 73 2.68 -31.94 -8.39
N ASN H 74 2.50 -30.62 -8.35
CA ASN H 74 3.39 -29.65 -9.06
C ASN H 74 4.83 -29.94 -8.69
N ALA H 75 5.11 -30.04 -7.38
CA ALA H 75 6.44 -30.28 -6.79
C ALA H 75 7.14 -31.41 -7.54
N LYS H 76 6.40 -32.49 -7.85
CA LYS H 76 6.90 -33.74 -8.52
C LYS H 76 6.79 -33.65 -10.06
N ASN H 77 6.45 -32.48 -10.63
CA ASN H 77 6.35 -32.29 -12.11
C ASN H 77 5.54 -33.43 -12.76
N THR H 78 4.52 -33.96 -12.05
CA THR H 78 3.76 -35.16 -12.45
C THR H 78 2.26 -34.98 -12.17
N VAL H 79 1.42 -35.61 -13.01
CA VAL H 79 -0.07 -35.65 -12.94
C VAL H 79 -0.54 -37.10 -13.10
N TYR H 80 -1.72 -37.43 -12.54
CA TYR H 80 -2.18 -38.80 -12.23
C TYR H 80 -3.65 -38.95 -12.60
N LEU H 81 -4.00 -40.13 -13.13
CA LEU H 81 -5.38 -40.64 -13.28
C LEU H 81 -5.57 -41.89 -12.40
N GLN H 82 -6.34 -41.76 -11.32
CA GLN H 82 -6.79 -42.86 -10.41
C GLN H 82 -8.05 -43.49 -11.00
N MET H 83 -7.97 -44.73 -11.51
CA MET H 83 -9.11 -45.43 -12.18
C MET H 83 -9.76 -46.44 -11.20
N SER H 84 -11.06 -46.77 -11.41
CA SER H 84 -11.89 -47.72 -10.61
C SER H 84 -12.97 -48.37 -11.49
N SER H 85 -13.49 -49.53 -11.06
CA SER H 85 -14.64 -50.27 -11.67
C SER H 85 -14.43 -50.49 -13.17
N LEU H 86 -13.17 -50.78 -13.57
CA LEU H 86 -12.70 -50.81 -14.99
C LEU H 86 -13.58 -51.74 -15.85
N LYS H 87 -14.52 -51.20 -16.62
CA LYS H 87 -15.42 -51.97 -17.53
C LYS H 87 -14.58 -52.58 -18.66
N PRO H 88 -15.14 -53.50 -19.47
CA PRO H 88 -14.47 -53.91 -20.71
C PRO H 88 -14.23 -52.67 -21.57
N GLU H 89 -15.30 -51.90 -21.85
CA GLU H 89 -15.34 -50.68 -22.71
C GLU H 89 -14.03 -49.88 -22.61
N ASP H 90 -13.47 -49.74 -21.39
CA ASP H 90 -12.30 -48.87 -21.07
C ASP H 90 -11.03 -49.35 -21.82
N THR H 91 -11.17 -50.18 -22.86
CA THR H 91 -10.04 -50.74 -23.68
C THR H 91 -9.63 -49.71 -24.74
N ALA H 92 -8.67 -48.85 -24.41
CA ALA H 92 -8.15 -47.76 -25.25
C ALA H 92 -6.70 -47.41 -24.86
N VAL H 93 -5.94 -46.79 -25.78
CA VAL H 93 -4.57 -46.23 -25.56
C VAL H 93 -4.72 -44.88 -24.83
N TYR H 94 -4.17 -44.75 -23.63
CA TYR H 94 -4.35 -43.59 -22.72
C TYR H 94 -3.23 -42.55 -22.92
N TYR H 95 -3.63 -41.28 -23.03
CA TYR H 95 -2.77 -40.12 -23.40
C TYR H 95 -2.89 -39.01 -22.35
N CYS H 96 -1.75 -38.35 -22.13
CA CYS H 96 -1.58 -37.17 -21.26
C CYS H 96 -1.33 -35.95 -22.14
N ALA H 97 -2.08 -34.87 -21.90
CA ALA H 97 -1.98 -33.59 -22.64
C ALA H 97 -1.77 -32.41 -21.67
N GLY H 98 -0.84 -31.52 -22.01
CA GLY H 98 -0.62 -30.25 -21.30
C GLY H 98 -1.19 -29.08 -22.09
N ARG H 99 -1.82 -28.12 -21.42
CA ARG H 99 -2.41 -26.91 -22.03
C ARG H 99 -1.62 -25.73 -21.47
N GLY H 100 -0.58 -25.29 -22.17
CA GLY H 100 0.19 -24.12 -21.73
C GLY H 100 -0.61 -22.88 -22.00
N SER H 101 -1.04 -22.80 -23.26
CA SER H 101 -1.84 -21.71 -23.88
C SER H 101 -3.33 -22.04 -23.73
N VAL H 102 -4.04 -22.08 -24.86
CA VAL H 102 -5.53 -22.24 -24.94
C VAL H 102 -5.81 -23.66 -25.38
N TYR H 103 -4.84 -24.32 -26.05
CA TYR H 103 -4.97 -25.67 -26.68
C TYR H 103 -4.02 -26.66 -26.01
N TYR H 104 -4.42 -27.93 -25.99
CA TYR H 104 -3.56 -29.11 -25.71
C TYR H 104 -2.57 -29.20 -26.87
N ASP H 105 -1.36 -28.70 -26.67
CA ASP H 105 -0.33 -28.48 -27.72
C ASP H 105 0.89 -29.36 -27.44
N VAL H 106 0.95 -30.02 -26.27
CA VAL H 106 2.06 -30.93 -25.90
C VAL H 106 1.46 -32.25 -25.35
N TRP H 107 1.88 -33.38 -25.93
CA TRP H 107 1.34 -34.76 -25.70
C TRP H 107 2.47 -35.69 -25.26
N GLY H 108 2.15 -36.91 -24.87
CA GLY H 108 3.13 -38.01 -24.70
C GLY H 108 3.01 -39.02 -25.83
N GLN H 109 3.82 -40.08 -25.77
CA GLN H 109 3.73 -41.29 -26.66
C GLN H 109 2.41 -42.04 -26.37
N GLY H 110 1.96 -42.07 -25.11
CA GLY H 110 0.77 -42.80 -24.68
C GLY H 110 1.15 -44.12 -24.00
N THR H 111 0.17 -44.83 -23.45
CA THR H 111 0.35 -46.13 -22.73
C THR H 111 -0.85 -47.04 -23.08
N GLN H 112 -0.59 -48.34 -23.28
CA GLN H 112 -1.64 -49.37 -23.57
C GLN H 112 -2.28 -49.81 -22.26
N VAL H 113 -3.60 -49.96 -22.24
CA VAL H 113 -4.40 -50.48 -21.07
C VAL H 113 -5.55 -51.33 -21.64
N THR H 114 -5.52 -52.65 -21.40
CA THR H 114 -6.60 -53.62 -21.74
C THR H 114 -7.29 -54.09 -20.45
N VAL H 115 -8.62 -54.29 -20.52
CA VAL H 115 -9.47 -54.79 -19.40
C VAL H 115 -10.10 -56.12 -19.82
C1 EDO I . 20.03 29.27 31.41
O1 EDO I . 21.03 29.99 32.13
C2 EDO I . 18.69 29.22 32.10
O2 EDO I . 18.65 28.42 33.28
C1 EDO J . -16.36 8.00 35.02
O1 EDO J . -15.81 9.26 34.62
C2 EDO J . -15.83 7.46 36.31
O2 EDO J . -16.54 6.34 36.82
C1 CHO K . 17.87 -3.35 39.58
C2 CHO K . 18.18 -4.42 40.63
C3 CHO K . 17.39 -5.67 40.37
O3 CHO K . 17.69 -6.62 41.38
C4 CHO K . 15.92 -5.38 40.35
C5 CHO K . 15.57 -4.32 39.29
C6 CHO K . 14.05 -4.08 39.23
C7 CHO K . 13.50 -3.18 40.34
O7 CHO K . 13.41 -3.94 41.55
C8 CHO K . 14.34 -1.92 40.56
C9 CHO K . 15.84 -2.21 40.65
C10 CHO K . 16.38 -3.01 39.42
C11 CHO K . 16.63 -0.92 40.91
C12 CHO K . 16.12 -0.12 42.12
C13 CHO K . 14.62 0.17 42.01
C14 CHO K . 13.90 -1.17 41.80
C15 CHO K . 12.42 -0.83 42.01
C16 CHO K . 12.48 0.21 43.14
C17 CHO K . 13.97 0.61 43.34
C18 CHO K . 14.33 1.18 40.89
C19 CHO K . 16.26 -2.19 38.12
C20 CHO K . 14.26 2.04 43.86
C21 CHO K . 14.44 2.07 45.38
C22 CHO K . 13.20 3.09 43.44
C23 CHO K . 13.71 4.53 43.38
C24 CHO K . 14.24 4.90 42.01
O24 CHO K . 15.45 4.96 41.78
N25 CHO K . 13.34 5.13 41.05
C26 CHO K . 13.71 5.26 39.64
C27 CHO K . 13.32 6.62 39.00
OT1 CHO K . 13.68 6.77 37.78
OT2 CHO K . 12.69 7.47 39.70
C1 CHO L . 12.20 25.50 25.82
C2 CHO L . 12.28 26.99 25.47
C3 CHO L . 11.88 27.23 24.04
O3 CHO L . 12.02 28.62 23.70
C4 CHO L . 12.77 26.43 23.12
C5 CHO L . 12.66 24.92 23.40
C6 CHO L . 13.49 24.11 22.38
C7 CHO L . 15.00 24.10 22.65
O7 CHO L . 15.57 25.38 22.29
C8 CHO L . 15.31 23.76 24.11
C9 CHO L . 14.51 24.64 25.10
C10 CHO L . 12.97 24.55 24.87
C11 CHO L . 14.90 24.32 26.56
C12 CHO L . 16.39 24.35 26.84
C13 CHO L . 17.17 23.46 25.88
C14 CHO L . 16.77 23.88 24.44
C15 CHO L . 17.79 23.19 23.56
C16 CHO L . 19.09 23.24 24.41
C17 CHO L . 18.70 23.76 25.81
C18 CHO L . 16.91 21.98 26.19
C19 CHO L . 12.47 23.12 25.17
C20 CHO L . 19.60 23.35 26.99
C21 CHO L . 20.68 24.40 27.28
C22 CHO L . 20.23 21.96 26.77
C23 CHO L . 20.61 21.21 28.04
C24 CHO L . 19.47 20.45 28.67
O24 CHO L . 18.82 20.92 29.61
N25 CHO L . 19.26 19.23 28.17
C26 CHO L . 18.05 18.47 28.38
C27 CHO L . 18.34 17.06 28.94
OT1 CHO L . 17.37 16.29 29.15
OT2 CHO L . 19.55 16.77 29.14
MG MG M . 30.72 22.12 26.31
C1 EDO N . -32.09 5.18 -30.25
O1 EDO N . -33.19 5.39 -31.13
C2 EDO N . -30.80 5.71 -30.79
O2 EDO N . -30.51 5.34 -32.14
C1 EDO O . 9.50 10.59 -34.56
O1 EDO O . 8.62 11.69 -34.31
C2 EDO O . 9.86 10.41 -36.01
O2 EDO O . 10.73 9.31 -36.25
C1 CHO P . -10.75 -18.86 -40.18
C2 CHO P . -10.46 -19.80 -41.35
C3 CHO P . -9.09 -20.40 -41.17
O3 CHO P . -8.84 -21.34 -42.24
C4 CHO P . -8.04 -19.31 -41.10
C5 CHO P . -8.32 -18.29 -39.97
C6 CHO P . -7.25 -17.19 -39.91
C7 CHO P . -7.34 -16.12 -41.00
O7 CHO P . -6.84 -16.66 -42.24
C8 CHO P . -8.77 -15.58 -41.16
C9 CHO P . -9.83 -16.71 -41.22
C10 CHO P . -9.75 -17.70 -40.02
C11 CHO P . -11.24 -16.13 -41.42
C12 CHO P . -11.36 -15.15 -42.59
C13 CHO P . -10.36 -14.00 -42.47
C14 CHO P . -8.96 -14.65 -42.38
C15 CHO P . -7.99 -13.49 -42.64
C16 CHO P . -8.76 -12.57 -43.64
C17 CHO P . -10.20 -13.14 -43.75
C18 CHO P . -10.68 -13.12 -41.26
C19 CHO P . -10.09 -16.97 -38.70
C20 CHO P . -11.36 -12.15 -44.06
C21 CHO P . -11.79 -12.23 -45.52
C22 CHO P . -11.03 -10.70 -43.71
C23 CHO P . -12.26 -9.82 -43.51
C24 CHO P . -12.87 -10.03 -42.15
O24 CHO P . -13.83 -10.78 -42.01
N25 CHO P . -12.34 -9.32 -41.15
C26 CHO P . -12.60 -9.56 -39.74
C27 CHO P . -13.11 -8.32 -38.99
OT1 CHO P . -13.35 -8.45 -37.75
OT2 CHO P . -13.29 -7.27 -39.65
C1 CHO Q . -23.22 6.65 -24.66
C2 CHO Q . -24.23 7.70 -24.23
C3 CHO Q . -23.98 8.11 -22.81
O3 CHO Q . -24.93 9.15 -22.52
C4 CHO Q . -24.12 6.90 -21.88
C5 CHO Q . -23.21 5.72 -22.31
C6 CHO Q . -23.39 4.48 -21.40
C7 CHO Q . -24.59 3.60 -21.76
O7 CHO Q . -25.78 4.33 -21.42
C8 CHO Q . -24.66 3.25 -23.25
C9 CHO Q . -24.57 4.53 -24.12
C10 CHO Q . -23.28 5.35 -23.83
C11 CHO Q . -24.74 4.17 -25.62
C12 CHO Q . -25.98 3.33 -25.92
C13 CHO Q . -26.06 2.06 -25.07
C14 CHO Q . -25.93 2.49 -23.60
C15 CHO Q . -26.28 1.25 -22.81
C16 CHO Q . -27.42 0.61 -23.66
C17 CHO Q . -27.46 1.37 -25.01
C18 CHO Q . -24.97 1.05 -25.49
C19 CHO Q . -22.03 4.53 -24.20
C20 CHO Q . -27.94 0.53 -26.21
C21 CHO Q . -29.43 0.72 -26.52
C22 CHO Q . -27.61 -0.96 -26.06
C23 CHO Q . -27.50 -1.70 -27.39
C24 CHO Q . -26.12 -1.58 -28.00
O24 CHO Q . -25.85 -0.71 -28.85
N25 CHO Q . -25.23 -2.45 -27.55
C26 CHO Q . -23.80 -2.33 -27.78
C27 CHO Q . -23.22 -3.55 -28.47
OT1 CHO Q . -21.97 -3.54 -28.75
OT2 CHO Q . -24.03 -4.51 -28.70
C1 EDO R . -11.34 15.40 24.40
O1 EDO R . -12.59 15.92 24.06
C2 EDO R . -10.29 15.39 23.30
O2 EDO R . -8.94 15.30 23.83
C1 EDO S . 23.31 -9.11 15.16
O1 EDO S . 23.80 -10.12 14.32
C2 EDO S . 21.96 -9.38 15.75
O2 EDO S . 21.52 -8.21 16.47
C1 EDO T . 2.10 12.73 -23.71
O1 EDO T . 2.08 14.11 -23.99
C2 EDO T . 1.13 12.27 -22.67
O2 EDO T . 0.05 11.48 -23.20
C1 EDO U . -11.14 -28.05 -16.08
O1 EDO U . -11.05 -29.29 -15.41
C2 EDO U . -9.85 -27.63 -16.68
O2 EDO U . -9.96 -26.39 -17.35
#